data_5X88
# 
_entry.id   5X88 
# 
_audit_conform.dict_name       mmcif_pdbx.dic 
_audit_conform.dict_version    5.397 
_audit_conform.dict_location   http://mmcif.pdb.org/dictionaries/ascii/mmcif_pdbx.dic 
# 
loop_
_database_2.database_id 
_database_2.database_code 
_database_2.pdbx_database_accession 
_database_2.pdbx_DOI 
PDB   5X88         pdb_00005x88 10.2210/pdb5x88/pdb 
WWPDB D_1300003078 ?            ?                   
# 
loop_
_pdbx_audit_revision_history.ordinal 
_pdbx_audit_revision_history.data_content_type 
_pdbx_audit_revision_history.major_revision 
_pdbx_audit_revision_history.minor_revision 
_pdbx_audit_revision_history.revision_date 
1 'Structure model' 1 0 2018-01-31 
2 'Structure model' 1 1 2024-10-23 
# 
_pdbx_audit_revision_details.ordinal             1 
_pdbx_audit_revision_details.revision_ordinal    1 
_pdbx_audit_revision_details.data_content_type   'Structure model' 
_pdbx_audit_revision_details.provider            repository 
_pdbx_audit_revision_details.type                'Initial release' 
_pdbx_audit_revision_details.description         ? 
_pdbx_audit_revision_details.details             ? 
# 
loop_
_pdbx_audit_revision_group.ordinal 
_pdbx_audit_revision_group.revision_ordinal 
_pdbx_audit_revision_group.data_content_type 
_pdbx_audit_revision_group.group 
1 2 'Structure model' 'Data collection'     
2 2 'Structure model' 'Database references' 
3 2 'Structure model' 'Structure summary'   
# 
loop_
_pdbx_audit_revision_category.ordinal 
_pdbx_audit_revision_category.revision_ordinal 
_pdbx_audit_revision_category.data_content_type 
_pdbx_audit_revision_category.category 
1 2 'Structure model' chem_comp_atom            
2 2 'Structure model' chem_comp_bond            
3 2 'Structure model' database_2                
4 2 'Structure model' pdbx_entry_details        
5 2 'Structure model' pdbx_modification_feature 
# 
loop_
_pdbx_audit_revision_item.ordinal 
_pdbx_audit_revision_item.revision_ordinal 
_pdbx_audit_revision_item.data_content_type 
_pdbx_audit_revision_item.item 
1 2 'Structure model' '_database_2.pdbx_DOI'                
2 2 'Structure model' '_database_2.pdbx_database_accession' 
# 
_pdbx_database_status.status_code                     REL 
_pdbx_database_status.status_code_sf                  REL 
_pdbx_database_status.status_code_mr                  ? 
_pdbx_database_status.entry_id                        5X88 
_pdbx_database_status.recvd_initial_deposition_date   2017-03-01 
_pdbx_database_status.SG_entry                        N 
_pdbx_database_status.deposit_site                    PDBJ 
_pdbx_database_status.process_site                    PDBJ 
_pdbx_database_status.status_code_cs                  ? 
_pdbx_database_status.methods_development_category    ? 
_pdbx_database_status.pdb_format_compatible           Y 
_pdbx_database_status.status_code_nmr_data            ? 
# 
loop_
_audit_author.name 
_audit_author.pdbx_ordinal 
_audit_author.identifier_ORCID 
'Jiang, Z.'  1 ? 
'Yang, S.Q.' 2 ? 
'You, X.'    3 ? 
'Huang, P.'  4 ? 
'Ma, J.W.'   5 ? 
# 
_citation.abstract                  ? 
_citation.abstract_id_CAS           ? 
_citation.book_id_ISBN              ? 
_citation.book_publisher            ? 
_citation.book_publisher_city       ? 
_citation.book_title                ? 
_citation.coordinate_linkage        ? 
_citation.country                   UK 
_citation.database_id_Medline       ? 
_citation.details                   ? 
_citation.id                        primary 
_citation.journal_abbrev            'Biotechnol Biofuels' 
_citation.journal_id_ASTM           ? 
_citation.journal_id_CSD            ? 
_citation.journal_id_ISSN           1754-6834 
_citation.journal_full              ? 
_citation.journal_issue             ? 
_citation.journal_volume            10 
_citation.language                  ? 
_citation.page_first                223 
_citation.page_last                 223 
_citation.title                     
'High-level expression and characterization of a novel cutinase from Malbranchea cinnamomea suitable for butyl butyrate production.' 
_citation.year                      2017 
_citation.database_id_CSD           ? 
_citation.pdbx_database_id_DOI      10.1186/s13068-017-0912-z 
_citation.pdbx_database_id_PubMed   28932264 
_citation.unpublished_flag          ? 
# 
loop_
_citation_author.citation_id 
_citation_author.name 
_citation_author.ordinal 
_citation_author.identifier_ORCID 
primary 'Duan, X.'  1 ? 
primary 'Liu, Y.'   2 ? 
primary 'You, X.'   3 ? 
primary 'Jiang, Z.' 4 ? 
primary 'Yang, S.'  5 ? 
primary 'Yang, S.'  6 ? 
# 
loop_
_entity.id 
_entity.type 
_entity.src_method 
_entity.pdbx_description 
_entity.formula_weight 
_entity.pdbx_number_of_molecules 
_entity.pdbx_ec 
_entity.pdbx_mutation 
_entity.pdbx_fragment 
_entity.details 
1 polymer man cutinase 21201.758 1   3.1.1.74 ? ? ? 
2 water   nat water    18.015    221 ?        ? ? ? 
# 
_entity_poly.entity_id                      1 
_entity_poly.type                           'polypeptide(L)' 
_entity_poly.nstd_linkage                   no 
_entity_poly.nstd_monomer                   no 
_entity_poly.pdbx_seq_one_letter_code       
;SPVAVEKRQIFGPGDNDLRDGPCKDITFIFARGSTEPGLMGITVGPDTCDELNREFRGRVACQGVGPRYEASLAGNFLPR
GTTQAAIDEAAELFNLAHTKCPNTQIVGGGYSQGAAVMHGAIPGLSNAVKDQIKGVVLYGDTRNEQDGGRIPNFPTDKTN
IICNPGDLVCDGTLILTAAHFTYGTRVRGAVDWLEDRLS
;
_entity_poly.pdbx_seq_one_letter_code_can   
;SPVAVEKRQIFGPGDNDLRDGPCKDITFIFARGSTEPGLMGITVGPDTCDELNREFRGRVACQGVGPRYEASLAGNFLPR
GTTQAAIDEAAELFNLAHTKCPNTQIVGGGYSQGAAVMHGAIPGLSNAVKDQIKGVVLYGDTRNEQDGGRIPNFPTDKTN
IICNPGDLVCDGTLILTAAHFTYGTRVRGAVDWLEDRLS
;
_entity_poly.pdbx_strand_id                 A 
_entity_poly.pdbx_target_identifier         ? 
# 
_pdbx_entity_nonpoly.entity_id   2 
_pdbx_entity_nonpoly.name        water 
_pdbx_entity_nonpoly.comp_id     HOH 
# 
loop_
_entity_poly_seq.entity_id 
_entity_poly_seq.num 
_entity_poly_seq.mon_id 
_entity_poly_seq.hetero 
1 1   SER n 
1 2   PRO n 
1 3   VAL n 
1 4   ALA n 
1 5   VAL n 
1 6   GLU n 
1 7   LYS n 
1 8   ARG n 
1 9   GLN n 
1 10  ILE n 
1 11  PHE n 
1 12  GLY n 
1 13  PRO n 
1 14  GLY n 
1 15  ASP n 
1 16  ASN n 
1 17  ASP n 
1 18  LEU n 
1 19  ARG n 
1 20  ASP n 
1 21  GLY n 
1 22  PRO n 
1 23  CYS n 
1 24  LYS n 
1 25  ASP n 
1 26  ILE n 
1 27  THR n 
1 28  PHE n 
1 29  ILE n 
1 30  PHE n 
1 31  ALA n 
1 32  ARG n 
1 33  GLY n 
1 34  SER n 
1 35  THR n 
1 36  GLU n 
1 37  PRO n 
1 38  GLY n 
1 39  LEU n 
1 40  MET n 
1 41  GLY n 
1 42  ILE n 
1 43  THR n 
1 44  VAL n 
1 45  GLY n 
1 46  PRO n 
1 47  ASP n 
1 48  THR n 
1 49  CYS n 
1 50  ASP n 
1 51  GLU n 
1 52  LEU n 
1 53  ASN n 
1 54  ARG n 
1 55  GLU n 
1 56  PHE n 
1 57  ARG n 
1 58  GLY n 
1 59  ARG n 
1 60  VAL n 
1 61  ALA n 
1 62  CYS n 
1 63  GLN n 
1 64  GLY n 
1 65  VAL n 
1 66  GLY n 
1 67  PRO n 
1 68  ARG n 
1 69  TYR n 
1 70  GLU n 
1 71  ALA n 
1 72  SER n 
1 73  LEU n 
1 74  ALA n 
1 75  GLY n 
1 76  ASN n 
1 77  PHE n 
1 78  LEU n 
1 79  PRO n 
1 80  ARG n 
1 81  GLY n 
1 82  THR n 
1 83  THR n 
1 84  GLN n 
1 85  ALA n 
1 86  ALA n 
1 87  ILE n 
1 88  ASP n 
1 89  GLU n 
1 90  ALA n 
1 91  ALA n 
1 92  GLU n 
1 93  LEU n 
1 94  PHE n 
1 95  ASN n 
1 96  LEU n 
1 97  ALA n 
1 98  HIS n 
1 99  THR n 
1 100 LYS n 
1 101 CYS n 
1 102 PRO n 
1 103 ASN n 
1 104 THR n 
1 105 GLN n 
1 106 ILE n 
1 107 VAL n 
1 108 GLY n 
1 109 GLY n 
1 110 GLY n 
1 111 TYR n 
1 112 SER n 
1 113 GLN n 
1 114 GLY n 
1 115 ALA n 
1 116 ALA n 
1 117 VAL n 
1 118 MET n 
1 119 HIS n 
1 120 GLY n 
1 121 ALA n 
1 122 ILE n 
1 123 PRO n 
1 124 GLY n 
1 125 LEU n 
1 126 SER n 
1 127 ASN n 
1 128 ALA n 
1 129 VAL n 
1 130 LYS n 
1 131 ASP n 
1 132 GLN n 
1 133 ILE n 
1 134 LYS n 
1 135 GLY n 
1 136 VAL n 
1 137 VAL n 
1 138 LEU n 
1 139 TYR n 
1 140 GLY n 
1 141 ASP n 
1 142 THR n 
1 143 ARG n 
1 144 ASN n 
1 145 GLU n 
1 146 GLN n 
1 147 ASP n 
1 148 GLY n 
1 149 GLY n 
1 150 ARG n 
1 151 ILE n 
1 152 PRO n 
1 153 ASN n 
1 154 PHE n 
1 155 PRO n 
1 156 THR n 
1 157 ASP n 
1 158 LYS n 
1 159 THR n 
1 160 ASN n 
1 161 ILE n 
1 162 ILE n 
1 163 CYS n 
1 164 ASN n 
1 165 PRO n 
1 166 GLY n 
1 167 ASP n 
1 168 LEU n 
1 169 VAL n 
1 170 CYS n 
1 171 ASP n 
1 172 GLY n 
1 173 THR n 
1 174 LEU n 
1 175 ILE n 
1 176 LEU n 
1 177 THR n 
1 178 ALA n 
1 179 ALA n 
1 180 HIS n 
1 181 PHE n 
1 182 THR n 
1 183 TYR n 
1 184 GLY n 
1 185 THR n 
1 186 ARG n 
1 187 VAL n 
1 188 ARG n 
1 189 GLY n 
1 190 ALA n 
1 191 VAL n 
1 192 ASP n 
1 193 TRP n 
1 194 LEU n 
1 195 GLU n 
1 196 ASP n 
1 197 ARG n 
1 198 LEU n 
1 199 SER n 
# 
_entity_src_gen.entity_id                          1 
_entity_src_gen.pdbx_src_id                        1 
_entity_src_gen.pdbx_alt_source_flag               sample 
_entity_src_gen.pdbx_seq_type                      'Biological sequence' 
_entity_src_gen.pdbx_beg_seq_num                   1 
_entity_src_gen.pdbx_end_seq_num                   199 
_entity_src_gen.gene_src_common_name               ? 
_entity_src_gen.gene_src_genus                     ? 
_entity_src_gen.pdbx_gene_src_gene                 ? 
_entity_src_gen.gene_src_species                   ? 
_entity_src_gen.gene_src_strain                    ? 
_entity_src_gen.gene_src_tissue                    ? 
_entity_src_gen.gene_src_tissue_fraction           ? 
_entity_src_gen.gene_src_details                   ? 
_entity_src_gen.pdbx_gene_src_fragment             ? 
_entity_src_gen.pdbx_gene_src_scientific_name      'Malbranchea cinnamomea' 
_entity_src_gen.pdbx_gene_src_ncbi_taxonomy_id     5041 
_entity_src_gen.pdbx_gene_src_variant              ? 
_entity_src_gen.pdbx_gene_src_cell_line            ? 
_entity_src_gen.pdbx_gene_src_atcc                 ? 
_entity_src_gen.pdbx_gene_src_organ                ? 
_entity_src_gen.pdbx_gene_src_organelle            ? 
_entity_src_gen.pdbx_gene_src_cell                 ? 
_entity_src_gen.pdbx_gene_src_cellular_location    ? 
_entity_src_gen.host_org_common_name               ? 
_entity_src_gen.pdbx_host_org_scientific_name      'Komagataella pastoris GS115' 
_entity_src_gen.pdbx_host_org_ncbi_taxonomy_id     644223 
_entity_src_gen.host_org_genus                     ? 
_entity_src_gen.pdbx_host_org_gene                 ? 
_entity_src_gen.pdbx_host_org_organ                ? 
_entity_src_gen.host_org_species                   ? 
_entity_src_gen.pdbx_host_org_tissue               ? 
_entity_src_gen.pdbx_host_org_tissue_fraction      ? 
_entity_src_gen.pdbx_host_org_strain               ? 
_entity_src_gen.pdbx_host_org_variant              ? 
_entity_src_gen.pdbx_host_org_cell_line            ? 
_entity_src_gen.pdbx_host_org_atcc                 ? 
_entity_src_gen.pdbx_host_org_culture_collection   ? 
_entity_src_gen.pdbx_host_org_cell                 ? 
_entity_src_gen.pdbx_host_org_organelle            ? 
_entity_src_gen.pdbx_host_org_cellular_location    ? 
_entity_src_gen.pdbx_host_org_vector_type          ? 
_entity_src_gen.pdbx_host_org_vector               ? 
_entity_src_gen.host_org_details                   ? 
_entity_src_gen.expression_system_id               ? 
_entity_src_gen.plasmid_name                       ? 
_entity_src_gen.plasmid_details                    ? 
_entity_src_gen.pdbx_description                   ? 
# 
loop_
_chem_comp.id 
_chem_comp.type 
_chem_comp.mon_nstd_flag 
_chem_comp.name 
_chem_comp.pdbx_synonyms 
_chem_comp.formula 
_chem_comp.formula_weight 
ALA 'L-peptide linking' y ALANINE         ? 'C3 H7 N O2'     89.093  
ARG 'L-peptide linking' y ARGININE        ? 'C6 H15 N4 O2 1' 175.209 
ASN 'L-peptide linking' y ASPARAGINE      ? 'C4 H8 N2 O3'    132.118 
ASP 'L-peptide linking' y 'ASPARTIC ACID' ? 'C4 H7 N O4'     133.103 
CYS 'L-peptide linking' y CYSTEINE        ? 'C3 H7 N O2 S'   121.158 
GLN 'L-peptide linking' y GLUTAMINE       ? 'C5 H10 N2 O3'   146.144 
GLU 'L-peptide linking' y 'GLUTAMIC ACID' ? 'C5 H9 N O4'     147.129 
GLY 'peptide linking'   y GLYCINE         ? 'C2 H5 N O2'     75.067  
HIS 'L-peptide linking' y HISTIDINE       ? 'C6 H10 N3 O2 1' 156.162 
HOH non-polymer         . WATER           ? 'H2 O'           18.015  
ILE 'L-peptide linking' y ISOLEUCINE      ? 'C6 H13 N O2'    131.173 
LEU 'L-peptide linking' y LEUCINE         ? 'C6 H13 N O2'    131.173 
LYS 'L-peptide linking' y LYSINE          ? 'C6 H15 N2 O2 1' 147.195 
MET 'L-peptide linking' y METHIONINE      ? 'C5 H11 N O2 S'  149.211 
PHE 'L-peptide linking' y PHENYLALANINE   ? 'C9 H11 N O2'    165.189 
PRO 'L-peptide linking' y PROLINE         ? 'C5 H9 N O2'     115.130 
SER 'L-peptide linking' y SERINE          ? 'C3 H7 N O3'     105.093 
THR 'L-peptide linking' y THREONINE       ? 'C4 H9 N O3'     119.119 
TRP 'L-peptide linking' y TRYPTOPHAN      ? 'C11 H12 N2 O2'  204.225 
TYR 'L-peptide linking' y TYROSINE        ? 'C9 H11 N O3'    181.189 
VAL 'L-peptide linking' y VALINE          ? 'C5 H11 N O2'    117.146 
# 
loop_
_pdbx_poly_seq_scheme.asym_id 
_pdbx_poly_seq_scheme.entity_id 
_pdbx_poly_seq_scheme.seq_id 
_pdbx_poly_seq_scheme.mon_id 
_pdbx_poly_seq_scheme.ndb_seq_num 
_pdbx_poly_seq_scheme.pdb_seq_num 
_pdbx_poly_seq_scheme.auth_seq_num 
_pdbx_poly_seq_scheme.pdb_mon_id 
_pdbx_poly_seq_scheme.auth_mon_id 
_pdbx_poly_seq_scheme.pdb_strand_id 
_pdbx_poly_seq_scheme.pdb_ins_code 
_pdbx_poly_seq_scheme.hetero 
A 1 1   SER 1   1   ?   ?   ?   A . n 
A 1 2   PRO 2   2   ?   ?   ?   A . n 
A 1 3   VAL 3   3   ?   ?   ?   A . n 
A 1 4   ALA 4   4   ?   ?   ?   A . n 
A 1 5   VAL 5   5   ?   ?   ?   A . n 
A 1 6   GLU 6   6   ?   ?   ?   A . n 
A 1 7   LYS 7   7   ?   ?   ?   A . n 
A 1 8   ARG 8   8   ?   ?   ?   A . n 
A 1 9   GLN 9   9   ?   ?   ?   A . n 
A 1 10  ILE 10  10  ?   ?   ?   A . n 
A 1 11  PHE 11  11  ?   ?   ?   A . n 
A 1 12  GLY 12  12  ?   ?   ?   A . n 
A 1 13  PRO 13  13  13  PRO PRO A . n 
A 1 14  GLY 14  14  14  GLY GLY A . n 
A 1 15  ASP 15  15  15  ASP ASP A . n 
A 1 16  ASN 16  16  16  ASN ASN A . n 
A 1 17  ASP 17  17  17  ASP ASP A . n 
A 1 18  LEU 18  18  18  LEU LEU A . n 
A 1 19  ARG 19  19  19  ARG ARG A . n 
A 1 20  ASP 20  20  20  ASP ASP A . n 
A 1 21  GLY 21  21  21  GLY GLY A . n 
A 1 22  PRO 22  22  22  PRO PRO A . n 
A 1 23  CYS 23  23  23  CYS CYS A . n 
A 1 24  LYS 24  24  24  LYS LYS A . n 
A 1 25  ASP 25  25  25  ASP ASP A . n 
A 1 26  ILE 26  26  26  ILE ILE A . n 
A 1 27  THR 27  27  27  THR THR A . n 
A 1 28  PHE 28  28  28  PHE PHE A . n 
A 1 29  ILE 29  29  29  ILE ILE A . n 
A 1 30  PHE 30  30  30  PHE PHE A . n 
A 1 31  ALA 31  31  31  ALA ALA A . n 
A 1 32  ARG 32  32  32  ARG ARG A . n 
A 1 33  GLY 33  33  33  GLY GLY A . n 
A 1 34  SER 34  34  34  SER SER A . n 
A 1 35  THR 35  35  35  THR THR A . n 
A 1 36  GLU 36  36  36  GLU GLU A . n 
A 1 37  PRO 37  37  37  PRO PRO A . n 
A 1 38  GLY 38  38  38  GLY GLY A . n 
A 1 39  LEU 39  39  39  LEU LEU A . n 
A 1 40  MET 40  40  40  MET MET A . n 
A 1 41  GLY 41  41  41  GLY GLY A . n 
A 1 42  ILE 42  42  42  ILE ILE A . n 
A 1 43  THR 43  43  43  THR THR A . n 
A 1 44  VAL 44  44  44  VAL VAL A . n 
A 1 45  GLY 45  45  45  GLY GLY A . n 
A 1 46  PRO 46  46  46  PRO PRO A . n 
A 1 47  ASP 47  47  47  ASP ASP A . n 
A 1 48  THR 48  48  48  THR THR A . n 
A 1 49  CYS 49  49  49  CYS CYS A . n 
A 1 50  ASP 50  50  50  ASP ASP A . n 
A 1 51  GLU 51  51  51  GLU GLU A . n 
A 1 52  LEU 52  52  52  LEU LEU A . n 
A 1 53  ASN 53  53  53  ASN ASN A . n 
A 1 54  ARG 54  54  54  ARG ARG A . n 
A 1 55  GLU 55  55  55  GLU GLU A . n 
A 1 56  PHE 56  56  56  PHE PHE A . n 
A 1 57  ARG 57  57  57  ARG ARG A . n 
A 1 58  GLY 58  58  58  GLY GLY A . n 
A 1 59  ARG 59  59  59  ARG ARG A . n 
A 1 60  VAL 60  60  60  VAL VAL A . n 
A 1 61  ALA 61  61  61  ALA ALA A . n 
A 1 62  CYS 62  62  62  CYS CYS A . n 
A 1 63  GLN 63  63  63  GLN GLN A . n 
A 1 64  GLY 64  64  64  GLY GLY A . n 
A 1 65  VAL 65  65  65  VAL VAL A . n 
A 1 66  GLY 66  66  66  GLY GLY A . n 
A 1 67  PRO 67  67  67  PRO PRO A . n 
A 1 68  ARG 68  68  68  ARG ARG A . n 
A 1 69  TYR 69  69  69  TYR TYR A . n 
A 1 70  GLU 70  70  70  GLU GLU A . n 
A 1 71  ALA 71  71  71  ALA ALA A . n 
A 1 72  SER 72  72  72  SER SER A . n 
A 1 73  LEU 73  73  73  LEU LEU A . n 
A 1 74  ALA 74  74  74  ALA ALA A . n 
A 1 75  GLY 75  75  75  GLY GLY A . n 
A 1 76  ASN 76  76  76  ASN ASN A . n 
A 1 77  PHE 77  77  77  PHE PHE A . n 
A 1 78  LEU 78  78  78  LEU LEU A . n 
A 1 79  PRO 79  79  79  PRO PRO A . n 
A 1 80  ARG 80  80  80  ARG ARG A . n 
A 1 81  GLY 81  81  81  GLY GLY A . n 
A 1 82  THR 82  82  82  THR THR A . n 
A 1 83  THR 83  83  83  THR THR A . n 
A 1 84  GLN 84  84  84  GLN GLN A . n 
A 1 85  ALA 85  85  85  ALA ALA A . n 
A 1 86  ALA 86  86  86  ALA ALA A . n 
A 1 87  ILE 87  87  87  ILE ILE A . n 
A 1 88  ASP 88  88  88  ASP ASP A . n 
A 1 89  GLU 89  89  89  GLU GLU A . n 
A 1 90  ALA 90  90  90  ALA ALA A . n 
A 1 91  ALA 91  91  91  ALA ALA A . n 
A 1 92  GLU 92  92  92  GLU GLU A . n 
A 1 93  LEU 93  93  93  LEU LEU A . n 
A 1 94  PHE 94  94  94  PHE PHE A . n 
A 1 95  ASN 95  95  95  ASN ASN A . n 
A 1 96  LEU 96  96  96  LEU LEU A . n 
A 1 97  ALA 97  97  97  ALA ALA A . n 
A 1 98  HIS 98  98  98  HIS HIS A . n 
A 1 99  THR 99  99  99  THR THR A . n 
A 1 100 LYS 100 100 100 LYS LYS A . n 
A 1 101 CYS 101 101 101 CYS CYS A . n 
A 1 102 PRO 102 102 102 PRO PRO A . n 
A 1 103 ASN 103 103 103 ASN ASN A . n 
A 1 104 THR 104 104 104 THR THR A . n 
A 1 105 GLN 105 105 105 GLN GLN A . n 
A 1 106 ILE 106 106 106 ILE ILE A . n 
A 1 107 VAL 107 107 107 VAL VAL A . n 
A 1 108 GLY 108 108 108 GLY GLY A . n 
A 1 109 GLY 109 109 109 GLY GLY A . n 
A 1 110 GLY 110 110 110 GLY GLY A . n 
A 1 111 TYR 111 111 111 TYR TYR A . n 
A 1 112 SER 112 112 112 SER SER A . n 
A 1 113 GLN 113 113 113 GLN GLN A . n 
A 1 114 GLY 114 114 114 GLY GLY A . n 
A 1 115 ALA 115 115 115 ALA ALA A . n 
A 1 116 ALA 116 116 116 ALA ALA A . n 
A 1 117 VAL 117 117 117 VAL VAL A . n 
A 1 118 MET 118 118 118 MET MET A . n 
A 1 119 HIS 119 119 119 HIS HIS A . n 
A 1 120 GLY 120 120 120 GLY GLY A . n 
A 1 121 ALA 121 121 121 ALA ALA A . n 
A 1 122 ILE 122 122 122 ILE ILE A . n 
A 1 123 PRO 123 123 123 PRO PRO A . n 
A 1 124 GLY 124 124 124 GLY GLY A . n 
A 1 125 LEU 125 125 125 LEU LEU A . n 
A 1 126 SER 126 126 126 SER SER A . n 
A 1 127 ASN 127 127 127 ASN ASN A . n 
A 1 128 ALA 128 128 128 ALA ALA A . n 
A 1 129 VAL 129 129 129 VAL VAL A . n 
A 1 130 LYS 130 130 130 LYS LYS A . n 
A 1 131 ASP 131 131 131 ASP ASP A . n 
A 1 132 GLN 132 132 132 GLN GLN A . n 
A 1 133 ILE 133 133 133 ILE ILE A . n 
A 1 134 LYS 134 134 134 LYS LYS A . n 
A 1 135 GLY 135 135 135 GLY GLY A . n 
A 1 136 VAL 136 136 136 VAL VAL A . n 
A 1 137 VAL 137 137 137 VAL VAL A . n 
A 1 138 LEU 138 138 138 LEU LEU A . n 
A 1 139 TYR 139 139 139 TYR TYR A . n 
A 1 140 GLY 140 140 140 GLY GLY A . n 
A 1 141 ASP 141 141 141 ASP ASP A . n 
A 1 142 THR 142 142 142 THR THR A . n 
A 1 143 ARG 143 143 143 ARG ARG A . n 
A 1 144 ASN 144 144 144 ASN ASN A . n 
A 1 145 GLU 145 145 145 GLU GLU A . n 
A 1 146 GLN 146 146 146 GLN GLN A . n 
A 1 147 ASP 147 147 147 ASP ASP A . n 
A 1 148 GLY 148 148 148 GLY GLY A . n 
A 1 149 GLY 149 149 149 GLY GLY A . n 
A 1 150 ARG 150 150 150 ARG ARG A . n 
A 1 151 ILE 151 151 151 ILE ILE A . n 
A 1 152 PRO 152 152 152 PRO PRO A . n 
A 1 153 ASN 153 153 153 ASN ASN A . n 
A 1 154 PHE 154 154 154 PHE PHE A . n 
A 1 155 PRO 155 155 155 PRO PRO A . n 
A 1 156 THR 156 156 156 THR THR A . n 
A 1 157 ASP 157 157 157 ASP ASP A . n 
A 1 158 LYS 158 158 158 LYS LYS A . n 
A 1 159 THR 159 159 159 THR THR A . n 
A 1 160 ASN 160 160 160 ASN ASN A . n 
A 1 161 ILE 161 161 161 ILE ILE A . n 
A 1 162 ILE 162 162 162 ILE ILE A . n 
A 1 163 CYS 163 163 163 CYS CYS A . n 
A 1 164 ASN 164 164 164 ASN ASN A . n 
A 1 165 PRO 165 165 165 PRO PRO A . n 
A 1 166 GLY 166 166 166 GLY GLY A . n 
A 1 167 ASP 167 167 167 ASP ASP A . n 
A 1 168 LEU 168 168 168 LEU LEU A . n 
A 1 169 VAL 169 169 169 VAL VAL A . n 
A 1 170 CYS 170 170 170 CYS CYS A . n 
A 1 171 ASP 171 171 171 ASP ASP A . n 
A 1 172 GLY 172 172 172 GLY GLY A . n 
A 1 173 THR 173 173 173 THR THR A . n 
A 1 174 LEU 174 174 174 LEU LEU A . n 
A 1 175 ILE 175 175 175 ILE ILE A . n 
A 1 176 LEU 176 176 176 LEU LEU A . n 
A 1 177 THR 177 177 177 THR THR A . n 
A 1 178 ALA 178 178 178 ALA ALA A . n 
A 1 179 ALA 179 179 179 ALA ALA A . n 
A 1 180 HIS 180 180 180 HIS HIS A . n 
A 1 181 PHE 181 181 181 PHE PHE A . n 
A 1 182 THR 182 182 182 THR THR A . n 
A 1 183 TYR 183 183 183 TYR TYR A . n 
A 1 184 GLY 184 184 184 GLY GLY A . n 
A 1 185 THR 185 185 185 THR THR A . n 
A 1 186 ARG 186 186 186 ARG ARG A . n 
A 1 187 VAL 187 187 187 VAL VAL A . n 
A 1 188 ARG 188 188 188 ARG ARG A . n 
A 1 189 GLY 189 189 189 GLY GLY A . n 
A 1 190 ALA 190 190 190 ALA ALA A . n 
A 1 191 VAL 191 191 191 VAL VAL A . n 
A 1 192 ASP 192 192 192 ASP ASP A . n 
A 1 193 TRP 193 193 193 TRP TRP A . n 
A 1 194 LEU 194 194 194 LEU LEU A . n 
A 1 195 GLU 195 195 195 GLU GLU A . n 
A 1 196 ASP 196 196 196 ASP ASP A . n 
A 1 197 ARG 197 197 197 ARG ARG A . n 
A 1 198 LEU 198 198 198 LEU LEU A . n 
A 1 199 SER 199 199 199 SER SER A . n 
# 
loop_
_pdbx_nonpoly_scheme.asym_id 
_pdbx_nonpoly_scheme.entity_id 
_pdbx_nonpoly_scheme.mon_id 
_pdbx_nonpoly_scheme.ndb_seq_num 
_pdbx_nonpoly_scheme.pdb_seq_num 
_pdbx_nonpoly_scheme.auth_seq_num 
_pdbx_nonpoly_scheme.pdb_mon_id 
_pdbx_nonpoly_scheme.auth_mon_id 
_pdbx_nonpoly_scheme.pdb_strand_id 
_pdbx_nonpoly_scheme.pdb_ins_code 
B 2 HOH 1   201 166 HOH HOH A . 
B 2 HOH 2   202 92  HOH HOH A . 
B 2 HOH 3   203 55  HOH HOH A . 
B 2 HOH 4   204 127 HOH HOH A . 
B 2 HOH 5   205 38  HOH HOH A . 
B 2 HOH 6   206 217 HOH HOH A . 
B 2 HOH 7   207 197 HOH HOH A . 
B 2 HOH 8   208 178 HOH HOH A . 
B 2 HOH 9   209 82  HOH HOH A . 
B 2 HOH 10  210 106 HOH HOH A . 
B 2 HOH 11  211 96  HOH HOH A . 
B 2 HOH 12  212 174 HOH HOH A . 
B 2 HOH 13  213 119 HOH HOH A . 
B 2 HOH 14  214 101 HOH HOH A . 
B 2 HOH 15  215 186 HOH HOH A . 
B 2 HOH 16  216 40  HOH HOH A . 
B 2 HOH 17  217 185 HOH HOH A . 
B 2 HOH 18  218 150 HOH HOH A . 
B 2 HOH 19  219 31  HOH HOH A . 
B 2 HOH 20  220 13  HOH HOH A . 
B 2 HOH 21  221 181 HOH HOH A . 
B 2 HOH 22  222 47  HOH HOH A . 
B 2 HOH 23  223 57  HOH HOH A . 
B 2 HOH 24  224 43  HOH HOH A . 
B 2 HOH 25  225 1   HOH HOH A . 
B 2 HOH 26  226 45  HOH HOH A . 
B 2 HOH 27  227 195 HOH HOH A . 
B 2 HOH 28  228 59  HOH HOH A . 
B 2 HOH 29  229 72  HOH HOH A . 
B 2 HOH 30  230 81  HOH HOH A . 
B 2 HOH 31  231 76  HOH HOH A . 
B 2 HOH 32  232 3   HOH HOH A . 
B 2 HOH 33  233 39  HOH HOH A . 
B 2 HOH 34  234 117 HOH HOH A . 
B 2 HOH 35  235 129 HOH HOH A . 
B 2 HOH 36  236 160 HOH HOH A . 
B 2 HOH 37  237 17  HOH HOH A . 
B 2 HOH 38  238 94  HOH HOH A . 
B 2 HOH 39  239 148 HOH HOH A . 
B 2 HOH 40  240 12  HOH HOH A . 
B 2 HOH 41  241 71  HOH HOH A . 
B 2 HOH 42  242 192 HOH HOH A . 
B 2 HOH 43  243 51  HOH HOH A . 
B 2 HOH 44  244 54  HOH HOH A . 
B 2 HOH 45  245 105 HOH HOH A . 
B 2 HOH 46  246 7   HOH HOH A . 
B 2 HOH 47  247 10  HOH HOH A . 
B 2 HOH 48  248 158 HOH HOH A . 
B 2 HOH 49  249 58  HOH HOH A . 
B 2 HOH 50  250 60  HOH HOH A . 
B 2 HOH 51  251 190 HOH HOH A . 
B 2 HOH 52  252 23  HOH HOH A . 
B 2 HOH 53  253 24  HOH HOH A . 
B 2 HOH 54  254 65  HOH HOH A . 
B 2 HOH 55  255 33  HOH HOH A . 
B 2 HOH 56  256 18  HOH HOH A . 
B 2 HOH 57  257 5   HOH HOH A . 
B 2 HOH 58  258 2   HOH HOH A . 
B 2 HOH 59  259 90  HOH HOH A . 
B 2 HOH 60  260 99  HOH HOH A . 
B 2 HOH 61  261 89  HOH HOH A . 
B 2 HOH 62  262 115 HOH HOH A . 
B 2 HOH 63  263 147 HOH HOH A . 
B 2 HOH 64  264 20  HOH HOH A . 
B 2 HOH 65  265 21  HOH HOH A . 
B 2 HOH 66  266 134 HOH HOH A . 
B 2 HOH 67  267 42  HOH HOH A . 
B 2 HOH 68  268 56  HOH HOH A . 
B 2 HOH 69  269 30  HOH HOH A . 
B 2 HOH 70  270 36  HOH HOH A . 
B 2 HOH 71  271 77  HOH HOH A . 
B 2 HOH 72  272 162 HOH HOH A . 
B 2 HOH 73  273 26  HOH HOH A . 
B 2 HOH 74  274 14  HOH HOH A . 
B 2 HOH 75  275 53  HOH HOH A . 
B 2 HOH 76  276 70  HOH HOH A . 
B 2 HOH 77  277 95  HOH HOH A . 
B 2 HOH 78  278 34  HOH HOH A . 
B 2 HOH 79  279 144 HOH HOH A . 
B 2 HOH 80  280 87  HOH HOH A . 
B 2 HOH 81  281 48  HOH HOH A . 
B 2 HOH 82  282 88  HOH HOH A . 
B 2 HOH 83  283 22  HOH HOH A . 
B 2 HOH 84  284 123 HOH HOH A . 
B 2 HOH 85  285 175 HOH HOH A . 
B 2 HOH 86  286 86  HOH HOH A . 
B 2 HOH 87  287 37  HOH HOH A . 
B 2 HOH 88  288 63  HOH HOH A . 
B 2 HOH 89  289 6   HOH HOH A . 
B 2 HOH 90  290 27  HOH HOH A . 
B 2 HOH 91  291 25  HOH HOH A . 
B 2 HOH 92  292 79  HOH HOH A . 
B 2 HOH 93  293 199 HOH HOH A . 
B 2 HOH 94  294 84  HOH HOH A . 
B 2 HOH 95  295 28  HOH HOH A . 
B 2 HOH 96  296 161 HOH HOH A . 
B 2 HOH 97  297 130 HOH HOH A . 
B 2 HOH 98  298 4   HOH HOH A . 
B 2 HOH 99  299 52  HOH HOH A . 
B 2 HOH 100 300 155 HOH HOH A . 
B 2 HOH 101 301 168 HOH HOH A . 
B 2 HOH 102 302 91  HOH HOH A . 
B 2 HOH 103 303 8   HOH HOH A . 
B 2 HOH 104 304 167 HOH HOH A . 
B 2 HOH 105 305 112 HOH HOH A . 
B 2 HOH 106 306 198 HOH HOH A . 
B 2 HOH 107 307 44  HOH HOH A . 
B 2 HOH 108 308 184 HOH HOH A . 
B 2 HOH 109 309 69  HOH HOH A . 
B 2 HOH 110 310 156 HOH HOH A . 
B 2 HOH 111 311 143 HOH HOH A . 
B 2 HOH 112 312 16  HOH HOH A . 
B 2 HOH 113 313 19  HOH HOH A . 
B 2 HOH 114 314 75  HOH HOH A . 
B 2 HOH 115 315 132 HOH HOH A . 
B 2 HOH 116 316 151 HOH HOH A . 
B 2 HOH 117 317 49  HOH HOH A . 
B 2 HOH 118 318 109 HOH HOH A . 
B 2 HOH 119 319 157 HOH HOH A . 
B 2 HOH 120 320 103 HOH HOH A . 
B 2 HOH 121 321 35  HOH HOH A . 
B 2 HOH 122 322 171 HOH HOH A . 
B 2 HOH 123 323 32  HOH HOH A . 
B 2 HOH 124 324 126 HOH HOH A . 
B 2 HOH 125 325 98  HOH HOH A . 
B 2 HOH 126 326 9   HOH HOH A . 
B 2 HOH 127 327 29  HOH HOH A . 
B 2 HOH 128 328 141 HOH HOH A . 
B 2 HOH 129 329 113 HOH HOH A . 
B 2 HOH 130 330 64  HOH HOH A . 
B 2 HOH 131 331 61  HOH HOH A . 
B 2 HOH 132 332 11  HOH HOH A . 
B 2 HOH 133 333 140 HOH HOH A . 
B 2 HOH 134 334 46  HOH HOH A . 
B 2 HOH 135 335 93  HOH HOH A . 
B 2 HOH 136 336 120 HOH HOH A . 
B 2 HOH 137 337 152 HOH HOH A . 
B 2 HOH 138 338 201 HOH HOH A . 
B 2 HOH 139 339 218 HOH HOH A . 
B 2 HOH 140 340 116 HOH HOH A . 
B 2 HOH 141 341 209 HOH HOH A . 
B 2 HOH 142 342 131 HOH HOH A . 
B 2 HOH 143 343 191 HOH HOH A . 
B 2 HOH 144 344 205 HOH HOH A . 
B 2 HOH 145 345 154 HOH HOH A . 
B 2 HOH 146 346 66  HOH HOH A . 
B 2 HOH 147 347 102 HOH HOH A . 
B 2 HOH 148 348 206 HOH HOH A . 
B 2 HOH 149 349 83  HOH HOH A . 
B 2 HOH 150 350 203 HOH HOH A . 
B 2 HOH 151 351 149 HOH HOH A . 
B 2 HOH 152 352 139 HOH HOH A . 
B 2 HOH 153 353 114 HOH HOH A . 
B 2 HOH 154 354 183 HOH HOH A . 
B 2 HOH 155 355 189 HOH HOH A . 
B 2 HOH 156 356 108 HOH HOH A . 
B 2 HOH 157 357 164 HOH HOH A . 
B 2 HOH 158 358 208 HOH HOH A . 
B 2 HOH 159 359 68  HOH HOH A . 
B 2 HOH 160 360 78  HOH HOH A . 
B 2 HOH 161 361 125 HOH HOH A . 
B 2 HOH 162 362 214 HOH HOH A . 
B 2 HOH 163 363 100 HOH HOH A . 
B 2 HOH 164 364 153 HOH HOH A . 
B 2 HOH 165 365 213 HOH HOH A . 
B 2 HOH 166 366 111 HOH HOH A . 
B 2 HOH 167 367 74  HOH HOH A . 
B 2 HOH 168 368 212 HOH HOH A . 
B 2 HOH 169 369 142 HOH HOH A . 
B 2 HOH 170 370 41  HOH HOH A . 
B 2 HOH 171 371 194 HOH HOH A . 
B 2 HOH 172 372 73  HOH HOH A . 
B 2 HOH 173 373 128 HOH HOH A . 
B 2 HOH 174 374 138 HOH HOH A . 
B 2 HOH 175 375 211 HOH HOH A . 
B 2 HOH 176 376 220 HOH HOH A . 
B 2 HOH 177 377 172 HOH HOH A . 
B 2 HOH 178 378 215 HOH HOH A . 
B 2 HOH 179 379 196 HOH HOH A . 
B 2 HOH 180 380 50  HOH HOH A . 
B 2 HOH 181 381 180 HOH HOH A . 
B 2 HOH 182 382 170 HOH HOH A . 
B 2 HOH 183 383 169 HOH HOH A . 
B 2 HOH 184 384 104 HOH HOH A . 
B 2 HOH 185 385 207 HOH HOH A . 
B 2 HOH 186 386 62  HOH HOH A . 
B 2 HOH 187 387 193 HOH HOH A . 
B 2 HOH 188 388 188 HOH HOH A . 
B 2 HOH 189 389 122 HOH HOH A . 
B 2 HOH 190 390 146 HOH HOH A . 
B 2 HOH 191 391 133 HOH HOH A . 
B 2 HOH 192 392 80  HOH HOH A . 
B 2 HOH 193 393 200 HOH HOH A . 
B 2 HOH 194 394 179 HOH HOH A . 
B 2 HOH 195 395 97  HOH HOH A . 
B 2 HOH 196 396 137 HOH HOH A . 
B 2 HOH 197 397 110 HOH HOH A . 
B 2 HOH 198 398 121 HOH HOH A . 
B 2 HOH 199 399 118 HOH HOH A . 
B 2 HOH 200 400 15  HOH HOH A . 
B 2 HOH 201 401 135 HOH HOH A . 
B 2 HOH 202 402 216 HOH HOH A . 
B 2 HOH 203 403 85  HOH HOH A . 
B 2 HOH 204 404 165 HOH HOH A . 
B 2 HOH 205 405 176 HOH HOH A . 
B 2 HOH 206 406 187 HOH HOH A . 
B 2 HOH 207 407 182 HOH HOH A . 
B 2 HOH 208 408 204 HOH HOH A . 
B 2 HOH 209 409 67  HOH HOH A . 
B 2 HOH 210 410 136 HOH HOH A . 
B 2 HOH 211 411 107 HOH HOH A . 
B 2 HOH 212 412 221 HOH HOH A . 
B 2 HOH 213 413 210 HOH HOH A . 
B 2 HOH 214 414 202 HOH HOH A . 
B 2 HOH 215 415 173 HOH HOH A . 
B 2 HOH 216 416 219 HOH HOH A . 
B 2 HOH 217 417 124 HOH HOH A . 
B 2 HOH 218 418 145 HOH HOH A . 
B 2 HOH 219 419 163 HOH HOH A . 
B 2 HOH 220 420 159 HOH HOH A . 
B 2 HOH 221 421 177 HOH HOH A . 
# 
loop_
_pdbx_unobs_or_zero_occ_atoms.id 
_pdbx_unobs_or_zero_occ_atoms.PDB_model_num 
_pdbx_unobs_or_zero_occ_atoms.polymer_flag 
_pdbx_unobs_or_zero_occ_atoms.occupancy_flag 
_pdbx_unobs_or_zero_occ_atoms.auth_asym_id 
_pdbx_unobs_or_zero_occ_atoms.auth_comp_id 
_pdbx_unobs_or_zero_occ_atoms.auth_seq_id 
_pdbx_unobs_or_zero_occ_atoms.PDB_ins_code 
_pdbx_unobs_or_zero_occ_atoms.auth_atom_id 
_pdbx_unobs_or_zero_occ_atoms.label_alt_id 
_pdbx_unobs_or_zero_occ_atoms.label_asym_id 
_pdbx_unobs_or_zero_occ_atoms.label_comp_id 
_pdbx_unobs_or_zero_occ_atoms.label_seq_id 
_pdbx_unobs_or_zero_occ_atoms.label_atom_id 
1  1 Y 1 A ASP 50  ? CG  ? A ASP 50  CG  
2  1 Y 1 A ASP 50  ? OD1 ? A ASP 50  OD1 
3  1 Y 1 A ASP 50  ? OD2 ? A ASP 50  OD2 
4  1 Y 1 A GLU 55  ? CG  ? A GLU 55  CG  
5  1 Y 1 A GLU 55  ? CD  ? A GLU 55  CD  
6  1 Y 1 A GLU 55  ? OE1 ? A GLU 55  OE1 
7  1 Y 1 A GLU 55  ? OE2 ? A GLU 55  OE2 
8  1 Y 1 A GLU 92  ? CD  ? A GLU 92  CD  
9  1 Y 1 A GLU 92  ? OE1 ? A GLU 92  OE1 
10 1 Y 1 A GLU 92  ? OE2 ? A GLU 92  OE2 
11 1 Y 1 A ILE 175 ? CG1 ? A ILE 175 CG1 
12 1 Y 1 A ILE 175 ? CG2 ? A ILE 175 CG2 
13 1 Y 1 A ILE 175 ? CD1 ? A ILE 175 CD1 
14 1 Y 1 A SER 199 ? OG  ? A SER 199 OG  
# 
loop_
_software.citation_id 
_software.classification 
_software.compiler_name 
_software.compiler_version 
_software.contact_author 
_software.contact_author_email 
_software.date 
_software.description 
_software.dependencies 
_software.hardware 
_software.language 
_software.location 
_software.mods 
_software.name 
_software.os 
_software.os_version 
_software.type 
_software.version 
_software.pdbx_ordinal 
? refinement       ? ? ? ? ? ? ? ? ? ? ? PHENIX   ? ? ? v1.11.1 1 
? 'data reduction' ? ? ? ? ? ? ? ? ? ? ? HKL-2000 ? ? ? .       2 
? 'data scaling'   ? ? ? ? ? ? ? ? ? ? ? HKL-2000 ? ? ? .       3 
? phasing          ? ? ? ? ? ? ? ? ? ? ? PHENIX   ? ? ? .       4 
# 
_cell.angle_alpha                  90.00 
_cell.angle_alpha_esd              ? 
_cell.angle_beta                   90.00 
_cell.angle_beta_esd               ? 
_cell.angle_gamma                  90.00 
_cell.angle_gamma_esd              ? 
_cell.entry_id                     5X88 
_cell.details                      ? 
_cell.formula_units_Z              ? 
_cell.length_a                     34.407 
_cell.length_a_esd                 ? 
_cell.length_b                     37.815 
_cell.length_b_esd                 ? 
_cell.length_c                     127.967 
_cell.length_c_esd                 ? 
_cell.volume                       ? 
_cell.volume_esd                   ? 
_cell.Z_PDB                        4 
_cell.reciprocal_angle_alpha       ? 
_cell.reciprocal_angle_beta        ? 
_cell.reciprocal_angle_gamma       ? 
_cell.reciprocal_angle_alpha_esd   ? 
_cell.reciprocal_angle_beta_esd    ? 
_cell.reciprocal_angle_gamma_esd   ? 
_cell.reciprocal_length_a          ? 
_cell.reciprocal_length_b          ? 
_cell.reciprocal_length_c          ? 
_cell.reciprocal_length_a_esd      ? 
_cell.reciprocal_length_b_esd      ? 
_cell.reciprocal_length_c_esd      ? 
_cell.pdbx_unique_axis             ? 
# 
_symmetry.entry_id                         5X88 
_symmetry.cell_setting                     ? 
_symmetry.Int_Tables_number                18 
_symmetry.space_group_name_Hall            ? 
_symmetry.space_group_name_H-M             'P 21 2 21' 
_symmetry.pdbx_full_space_group_name_H-M   ? 
# 
_exptl.absorpt_coefficient_mu     ? 
_exptl.absorpt_correction_T_max   ? 
_exptl.absorpt_correction_T_min   ? 
_exptl.absorpt_correction_type    ? 
_exptl.absorpt_process_details    ? 
_exptl.entry_id                   5X88 
_exptl.crystals_number            1 
_exptl.details                    ? 
_exptl.method                     'X-RAY DIFFRACTION' 
_exptl.method_details             ? 
# 
_exptl_crystal.colour                      ? 
_exptl_crystal.density_diffrn              ? 
_exptl_crystal.density_Matthews            1.96 
_exptl_crystal.density_method              ? 
_exptl_crystal.density_percent_sol         37.35 
_exptl_crystal.description                 ? 
_exptl_crystal.F_000                       ? 
_exptl_crystal.id                          1 
_exptl_crystal.preparation                 ? 
_exptl_crystal.size_max                    ? 
_exptl_crystal.size_mid                    ? 
_exptl_crystal.size_min                    ? 
_exptl_crystal.size_rad                    ? 
_exptl_crystal.colour_lustre               ? 
_exptl_crystal.colour_modifier             ? 
_exptl_crystal.colour_primary              ? 
_exptl_crystal.density_meas                ? 
_exptl_crystal.density_meas_esd            ? 
_exptl_crystal.density_meas_gt             ? 
_exptl_crystal.density_meas_lt             ? 
_exptl_crystal.density_meas_temp           ? 
_exptl_crystal.density_meas_temp_esd       ? 
_exptl_crystal.density_meas_temp_gt        ? 
_exptl_crystal.density_meas_temp_lt        ? 
_exptl_crystal.pdbx_crystal_image_url      ? 
_exptl_crystal.pdbx_crystal_image_format   ? 
_exptl_crystal.pdbx_mosaicity              ? 
_exptl_crystal.pdbx_mosaicity_esd          ? 
# 
_exptl_crystal_grow.apparatus       ? 
_exptl_crystal_grow.atmosphere      ? 
_exptl_crystal_grow.crystal_id      1 
_exptl_crystal_grow.details         ? 
_exptl_crystal_grow.method          'VAPOR DIFFUSION, SITTING DROP' 
_exptl_crystal_grow.method_ref      ? 
_exptl_crystal_grow.pH              ? 
_exptl_crystal_grow.pressure        ? 
_exptl_crystal_grow.pressure_esd    ? 
_exptl_crystal_grow.seeding         ? 
_exptl_crystal_grow.seeding_ref     ? 
_exptl_crystal_grow.temp            293 
_exptl_crystal_grow.temp_details    ? 
_exptl_crystal_grow.temp_esd        ? 
_exptl_crystal_grow.time            ? 
_exptl_crystal_grow.pdbx_details    'PEG 3350,Potassium chloride' 
_exptl_crystal_grow.pdbx_pH_range   ? 
# 
_diffrn.ambient_environment    ? 
_diffrn.ambient_temp           80 
_diffrn.ambient_temp_details   ? 
_diffrn.ambient_temp_esd       ? 
_diffrn.crystal_id             1 
_diffrn.crystal_support        ? 
_diffrn.crystal_treatment      ? 
_diffrn.details                ? 
_diffrn.id                     1 
_diffrn.ambient_pressure       ? 
_diffrn.ambient_pressure_esd   ? 
_diffrn.ambient_pressure_gt    ? 
_diffrn.ambient_pressure_lt    ? 
_diffrn.ambient_temp_gt        ? 
_diffrn.ambient_temp_lt        ? 
# 
_diffrn_detector.details                      ? 
_diffrn_detector.detector                     CCD 
_diffrn_detector.diffrn_id                    1 
_diffrn_detector.type                         'MARMOSAIC 225 mm CCD' 
_diffrn_detector.area_resol_mean              ? 
_diffrn_detector.dtime                        ? 
_diffrn_detector.pdbx_frames_total            ? 
_diffrn_detector.pdbx_collection_time_total   ? 
_diffrn_detector.pdbx_collection_date         2016-10-13 
# 
_diffrn_radiation.collimation                      ? 
_diffrn_radiation.diffrn_id                        1 
_diffrn_radiation.filter_edge                      ? 
_diffrn_radiation.inhomogeneity                    ? 
_diffrn_radiation.monochromator                    ? 
_diffrn_radiation.polarisn_norm                    ? 
_diffrn_radiation.polarisn_ratio                   ? 
_diffrn_radiation.probe                            ? 
_diffrn_radiation.type                             ? 
_diffrn_radiation.xray_symbol                      ? 
_diffrn_radiation.wavelength_id                    1 
_diffrn_radiation.pdbx_monochromatic_or_laue_m_l   M 
_diffrn_radiation.pdbx_wavelength_list             ? 
_diffrn_radiation.pdbx_wavelength                  ? 
_diffrn_radiation.pdbx_diffrn_protocol             'SINGLE WAVELENGTH' 
_diffrn_radiation.pdbx_analyzer                    ? 
_diffrn_radiation.pdbx_scattering_type             x-ray 
# 
_diffrn_radiation_wavelength.id           1 
_diffrn_radiation_wavelength.wavelength   1.0 
_diffrn_radiation_wavelength.wt           1.0 
# 
_diffrn_source.current                     ? 
_diffrn_source.details                     ? 
_diffrn_source.diffrn_id                   1 
_diffrn_source.power                       ? 
_diffrn_source.size                        ? 
_diffrn_source.source                      SYNCHROTRON 
_diffrn_source.target                      ? 
_diffrn_source.type                        'SSRF BEAMLINE BL17U' 
_diffrn_source.voltage                     ? 
_diffrn_source.take-off_angle              ? 
_diffrn_source.pdbx_wavelength_list        1.0 
_diffrn_source.pdbx_wavelength             ? 
_diffrn_source.pdbx_synchrotron_beamline   BL17U 
_diffrn_source.pdbx_synchrotron_site       SSRF 
# 
_reflns.B_iso_Wilson_estimate            15.65 
_reflns.entry_id                         5X88 
_reflns.data_reduction_details           ? 
_reflns.data_reduction_method            ? 
_reflns.d_resolution_high                1.76 
_reflns.d_resolution_low                 28.3 
_reflns.details                          ? 
_reflns.limit_h_max                      ? 
_reflns.limit_h_min                      ? 
_reflns.limit_k_max                      ? 
_reflns.limit_k_min                      ? 
_reflns.limit_l_max                      ? 
_reflns.limit_l_min                      ? 
_reflns.number_all                       ? 
_reflns.number_obs                       16910 
_reflns.observed_criterion               ? 
_reflns.observed_criterion_F_max         ? 
_reflns.observed_criterion_F_min         ? 
_reflns.observed_criterion_I_max         ? 
_reflns.observed_criterion_I_min         ? 
_reflns.observed_criterion_sigma_F       0 
_reflns.observed_criterion_sigma_I       -3 
_reflns.percent_possible_obs             98 
_reflns.R_free_details                   ? 
_reflns.Rmerge_F_all                     ? 
_reflns.Rmerge_F_obs                     ? 
_reflns.Friedel_coverage                 ? 
_reflns.number_gt                        ? 
_reflns.threshold_expression             ? 
_reflns.pdbx_redundancy                  6.8 
_reflns.pdbx_Rmerge_I_obs                0.068 
_reflns.pdbx_Rmerge_I_all                ? 
_reflns.pdbx_Rsym_value                  ? 
_reflns.pdbx_netI_over_av_sigmaI         ? 
_reflns.pdbx_netI_over_sigmaI            266.8 
_reflns.pdbx_res_netI_over_av_sigmaI_2   ? 
_reflns.pdbx_res_netI_over_sigmaI_2      ? 
_reflns.pdbx_chi_squared                 ? 
_reflns.pdbx_scaling_rejects             ? 
_reflns.pdbx_d_res_high_opt              ? 
_reflns.pdbx_d_res_low_opt               ? 
_reflns.pdbx_d_res_opt_method            ? 
_reflns.phase_calculation_details        ? 
_reflns.pdbx_Rrim_I_all                  ? 
_reflns.pdbx_Rpim_I_all                  ? 
_reflns.pdbx_d_opt                       ? 
_reflns.pdbx_number_measured_all         ? 
_reflns.pdbx_diffrn_id                   1 
_reflns.pdbx_ordinal                     1 
_reflns.pdbx_CC_half                     ? 
_reflns.pdbx_R_split                     ? 
# 
_reflns_shell.d_res_high                  1.76 
_reflns_shell.d_res_low                   1.823 
_reflns_shell.meanI_over_sigI_all         ? 
_reflns_shell.meanI_over_sigI_obs         ? 
_reflns_shell.number_measured_all         ? 
_reflns_shell.number_measured_obs         ? 
_reflns_shell.number_possible             ? 
_reflns_shell.number_unique_all           ? 
_reflns_shell.number_unique_obs           1626 
_reflns_shell.percent_possible_all        ? 
_reflns_shell.percent_possible_obs        ? 
_reflns_shell.Rmerge_F_all                ? 
_reflns_shell.Rmerge_F_obs                ? 
_reflns_shell.Rmerge_I_all                ? 
_reflns_shell.Rmerge_I_obs                ? 
_reflns_shell.meanI_over_sigI_gt          ? 
_reflns_shell.meanI_over_uI_all           ? 
_reflns_shell.meanI_over_uI_gt            ? 
_reflns_shell.number_measured_gt          ? 
_reflns_shell.number_unique_gt            ? 
_reflns_shell.percent_possible_gt         ? 
_reflns_shell.Rmerge_F_gt                 ? 
_reflns_shell.Rmerge_I_gt                 ? 
_reflns_shell.pdbx_redundancy             ? 
_reflns_shell.pdbx_Rsym_value             ? 
_reflns_shell.pdbx_chi_squared            ? 
_reflns_shell.pdbx_netI_over_sigmaI_all   ? 
_reflns_shell.pdbx_netI_over_sigmaI_obs   ? 
_reflns_shell.pdbx_Rrim_I_all             ? 
_reflns_shell.pdbx_Rpim_I_all             ? 
_reflns_shell.pdbx_rejects                ? 
_reflns_shell.pdbx_ordinal                1 
_reflns_shell.pdbx_diffrn_id              1 
_reflns_shell.pdbx_CC_half                ? 
_reflns_shell.pdbx_R_split                ? 
# 
_refine.aniso_B[1][1]                            ? 
_refine.aniso_B[1][2]                            ? 
_refine.aniso_B[1][3]                            ? 
_refine.aniso_B[2][2]                            ? 
_refine.aniso_B[2][3]                            ? 
_refine.aniso_B[3][3]                            ? 
_refine.B_iso_max                                ? 
_refine.B_iso_mean                               ? 
_refine.B_iso_min                                ? 
_refine.correlation_coeff_Fo_to_Fc               ? 
_refine.correlation_coeff_Fo_to_Fc_free          ? 
_refine.details                                  ? 
_refine.diff_density_max                         ? 
_refine.diff_density_max_esd                     ? 
_refine.diff_density_min                         ? 
_refine.diff_density_min_esd                     ? 
_refine.diff_density_rms                         ? 
_refine.diff_density_rms_esd                     ? 
_refine.entry_id                                 5X88 
_refine.pdbx_refine_id                           'X-RAY DIFFRACTION' 
_refine.ls_abs_structure_details                 ? 
_refine.ls_abs_structure_Flack                   ? 
_refine.ls_abs_structure_Flack_esd               ? 
_refine.ls_abs_structure_Rogers                  ? 
_refine.ls_abs_structure_Rogers_esd              ? 
_refine.ls_d_res_high                            1.76 
_refine.ls_d_res_low                             28.3 
_refine.ls_extinction_coef                       ? 
_refine.ls_extinction_coef_esd                   ? 
_refine.ls_extinction_expression                 ? 
_refine.ls_extinction_method                     ? 
_refine.ls_goodness_of_fit_all                   ? 
_refine.ls_goodness_of_fit_all_esd               ? 
_refine.ls_goodness_of_fit_obs                   ? 
_refine.ls_goodness_of_fit_obs_esd               ? 
_refine.ls_hydrogen_treatment                    ? 
_refine.ls_matrix_type                           ? 
_refine.ls_number_constraints                    ? 
_refine.ls_number_parameters                     ? 
_refine.ls_number_reflns_all                     ? 
_refine.ls_number_reflns_obs                     16775 
_refine.ls_number_reflns_R_free                  ? 
_refine.ls_number_reflns_R_work                  ? 
_refine.ls_number_restraints                     ? 
_refine.ls_percent_reflns_obs                    98 
_refine.ls_percent_reflns_R_free                 ? 
_refine.ls_R_factor_all                          ? 
_refine.ls_R_factor_obs                          ? 
_refine.ls_R_factor_R_free                       0.1754 
_refine.ls_R_factor_R_free_error                 ? 
_refine.ls_R_factor_R_free_error_details         ? 
_refine.ls_R_factor_R_work                       0.1717 
_refine.ls_R_Fsqd_factor_obs                     ? 
_refine.ls_R_I_factor_obs                        ? 
_refine.ls_redundancy_reflns_all                 ? 
_refine.ls_redundancy_reflns_obs                 ? 
_refine.ls_restrained_S_all                      ? 
_refine.ls_restrained_S_obs                      ? 
_refine.ls_shift_over_esd_max                    ? 
_refine.ls_shift_over_esd_mean                   ? 
_refine.ls_structure_factor_coef                 ? 
_refine.ls_weighting_details                     ? 
_refine.ls_weighting_scheme                      ? 
_refine.ls_wR_factor_all                         ? 
_refine.ls_wR_factor_obs                         ? 
_refine.ls_wR_factor_R_free                      ? 
_refine.ls_wR_factor_R_work                      ? 
_refine.occupancy_max                            ? 
_refine.occupancy_min                            ? 
_refine.solvent_model_details                    ? 
_refine.solvent_model_param_bsol                 ? 
_refine.solvent_model_param_ksol                 ? 
_refine.ls_R_factor_gt                           ? 
_refine.ls_goodness_of_fit_gt                    ? 
_refine.ls_goodness_of_fit_ref                   ? 
_refine.ls_shift_over_su_max                     ? 
_refine.ls_shift_over_su_max_lt                  ? 
_refine.ls_shift_over_su_mean                    ? 
_refine.ls_shift_over_su_mean_lt                 ? 
_refine.pdbx_ls_sigma_I                          ? 
_refine.pdbx_ls_sigma_F                          ? 
_refine.pdbx_ls_sigma_Fsqd                       ? 
_refine.pdbx_data_cutoff_high_absF               ? 
_refine.pdbx_data_cutoff_high_rms_absF           ? 
_refine.pdbx_data_cutoff_low_absF                ? 
_refine.pdbx_isotropic_thermal_model             ? 
_refine.pdbx_ls_cross_valid_method               'FREE R-VALUE' 
_refine.pdbx_method_to_determine_struct          ? 
_refine.pdbx_starting_model                      ? 
_refine.pdbx_stereochemistry_target_values       ? 
_refine.pdbx_R_Free_selection_details            ? 
_refine.pdbx_stereochem_target_val_spec_case     ? 
_refine.pdbx_overall_ESU_R                       ? 
_refine.pdbx_overall_ESU_R_Free                  ? 
_refine.pdbx_solvent_vdw_probe_radii             ? 
_refine.pdbx_solvent_ion_probe_radii             ? 
_refine.pdbx_solvent_shrinkage_radii             ? 
_refine.pdbx_real_space_R                        ? 
_refine.pdbx_density_correlation                 ? 
_refine.pdbx_pd_number_of_powder_patterns        ? 
_refine.pdbx_pd_number_of_points                 ? 
_refine.pdbx_pd_meas_number_of_points            ? 
_refine.pdbx_pd_proc_ls_prof_R_factor            ? 
_refine.pdbx_pd_proc_ls_prof_wR_factor           ? 
_refine.pdbx_pd_Marquardt_correlation_coeff      ? 
_refine.pdbx_pd_Fsqrd_R_factor                   ? 
_refine.pdbx_pd_ls_matrix_band_width             ? 
_refine.pdbx_overall_phase_error                 ? 
_refine.pdbx_overall_SU_R_free_Cruickshank_DPI   ? 
_refine.pdbx_overall_SU_R_free_Blow_DPI          ? 
_refine.pdbx_overall_SU_R_Blow_DPI               ? 
_refine.pdbx_TLS_residual_ADP_flag               ? 
_refine.pdbx_diffrn_id                           1 
_refine.overall_SU_B                             ? 
_refine.overall_SU_ML                            ? 
_refine.overall_SU_R_Cruickshank_DPI             ? 
_refine.overall_SU_R_free                        ? 
_refine.overall_FOM_free_R_set                   ? 
_refine.overall_FOM_work_R_set                   ? 
_refine.pdbx_average_fsc_overall                 ? 
_refine.pdbx_average_fsc_work                    ? 
_refine.pdbx_average_fsc_free                    ? 
# 
_refine_hist.pdbx_refine_id                   'X-RAY DIFFRACTION' 
_refine_hist.cycle_id                         LAST 
_refine_hist.pdbx_number_atoms_protein        1379 
_refine_hist.pdbx_number_atoms_nucleic_acid   0 
_refine_hist.pdbx_number_atoms_ligand         0 
_refine_hist.number_atoms_solvent             221 
_refine_hist.number_atoms_total               1600 
_refine_hist.d_res_high                       1.76 
_refine_hist.d_res_low                        28.3 
# 
_struct.entry_id                     5X88 
_struct.title                        'A crystal structure of cutinases from Malbranchea cinnamomea' 
_struct.pdbx_model_details           ? 
_struct.pdbx_formula_weight          ? 
_struct.pdbx_formula_weight_method   ? 
_struct.pdbx_model_type_details      ? 
_struct.pdbx_CASP_flag               N 
# 
_struct_keywords.entry_id        5X88 
_struct_keywords.text            'cutinase Malbranchea cinnamomea lipoidase monomer, HYDROLASE' 
_struct_keywords.pdbx_keywords   HYDROLASE 
# 
loop_
_struct_asym.id 
_struct_asym.pdbx_blank_PDB_chainid_flag 
_struct_asym.pdbx_modified 
_struct_asym.entity_id 
_struct_asym.details 
A N N 1 ? 
B N N 2 ? 
# 
_struct_ref.id                         1 
_struct_ref.db_name                    PDB 
_struct_ref.db_code                    5X88 
_struct_ref.pdbx_db_accession          5X88 
_struct_ref.pdbx_db_isoform            ? 
_struct_ref.entity_id                  1 
_struct_ref.pdbx_seq_one_letter_code   ? 
_struct_ref.pdbx_align_begin           1 
# 
_struct_ref_seq.align_id                      1 
_struct_ref_seq.ref_id                        1 
_struct_ref_seq.pdbx_PDB_id_code              5X88 
_struct_ref_seq.pdbx_strand_id                A 
_struct_ref_seq.seq_align_beg                 1 
_struct_ref_seq.pdbx_seq_align_beg_ins_code   ? 
_struct_ref_seq.seq_align_end                 199 
_struct_ref_seq.pdbx_seq_align_end_ins_code   ? 
_struct_ref_seq.pdbx_db_accession             5X88 
_struct_ref_seq.db_align_beg                  1 
_struct_ref_seq.pdbx_db_align_beg_ins_code    ? 
_struct_ref_seq.db_align_end                  199 
_struct_ref_seq.pdbx_db_align_end_ins_code    ? 
_struct_ref_seq.pdbx_auth_seq_align_beg       1 
_struct_ref_seq.pdbx_auth_seq_align_end       199 
# 
_pdbx_struct_assembly.id                   1 
_pdbx_struct_assembly.details              author_defined_assembly 
_pdbx_struct_assembly.method_details       ? 
_pdbx_struct_assembly.oligomeric_details   monomeric 
_pdbx_struct_assembly.oligomeric_count     1 
# 
loop_
_pdbx_struct_assembly_prop.biol_id 
_pdbx_struct_assembly_prop.type 
_pdbx_struct_assembly_prop.value 
_pdbx_struct_assembly_prop.details 
1 'ABSA (A^2)' 0    ? 
1 MORE         0    ? 
1 'SSA (A^2)'  7720 ? 
# 
_pdbx_struct_assembly_gen.assembly_id       1 
_pdbx_struct_assembly_gen.oper_expression   1 
_pdbx_struct_assembly_gen.asym_id_list      A,B 
# 
_pdbx_struct_assembly_auth_evidence.id                     1 
_pdbx_struct_assembly_auth_evidence.assembly_id            1 
_pdbx_struct_assembly_auth_evidence.experimental_support   none 
_pdbx_struct_assembly_auth_evidence.details                ? 
# 
_pdbx_struct_oper_list.id                   1 
_pdbx_struct_oper_list.type                 'identity operation' 
_pdbx_struct_oper_list.name                 1_555 
_pdbx_struct_oper_list.symmetry_operation   x,y,z 
_pdbx_struct_oper_list.matrix[1][1]         1.0000000000 
_pdbx_struct_oper_list.matrix[1][2]         0.0000000000 
_pdbx_struct_oper_list.matrix[1][3]         0.0000000000 
_pdbx_struct_oper_list.vector[1]            0.0000000000 
_pdbx_struct_oper_list.matrix[2][1]         0.0000000000 
_pdbx_struct_oper_list.matrix[2][2]         1.0000000000 
_pdbx_struct_oper_list.matrix[2][3]         0.0000000000 
_pdbx_struct_oper_list.vector[2]            0.0000000000 
_pdbx_struct_oper_list.matrix[3][1]         0.0000000000 
_pdbx_struct_oper_list.matrix[3][2]         0.0000000000 
_pdbx_struct_oper_list.matrix[3][3]         1.0000000000 
_pdbx_struct_oper_list.vector[3]            0.0000000000 
# 
loop_
_struct_conf.conf_type_id 
_struct_conf.id 
_struct_conf.pdbx_PDB_helix_id 
_struct_conf.beg_label_comp_id 
_struct_conf.beg_label_asym_id 
_struct_conf.beg_label_seq_id 
_struct_conf.pdbx_beg_PDB_ins_code 
_struct_conf.end_label_comp_id 
_struct_conf.end_label_asym_id 
_struct_conf.end_label_seq_id 
_struct_conf.pdbx_end_PDB_ins_code 
_struct_conf.beg_auth_comp_id 
_struct_conf.beg_auth_asym_id 
_struct_conf.beg_auth_seq_id 
_struct_conf.end_auth_comp_id 
_struct_conf.end_auth_asym_id 
_struct_conf.end_auth_seq_id 
_struct_conf.pdbx_PDB_helix_class 
_struct_conf.details 
_struct_conf.pdbx_PDB_helix_length 
HELX_P HELX_P1  AA1 ASN A 16  ? GLY A 21  ? ASN A 16  GLY A 21  1 ? 6  
HELX_P HELX_P2  AA2 THR A 43  ? PHE A 56  ? THR A 43  PHE A 56  1 ? 14 
HELX_P HELX_P3  AA3 SER A 72  ? LEU A 78  ? SER A 72  LEU A 78  5 ? 7  
HELX_P HELX_P4  AA4 THR A 83  ? CYS A 101 ? THR A 83  CYS A 101 1 ? 19 
HELX_P HELX_P5  AA5 SER A 112 ? ILE A 122 ? SER A 112 ILE A 122 1 ? 11 
HELX_P HELX_P6  AA6 SER A 126 ? GLN A 132 ? SER A 126 GLN A 132 1 ? 7  
HELX_P HELX_P7  AA7 PRO A 155 ? ASP A 157 ? PRO A 155 ASP A 157 5 ? 3  
HELX_P HELX_P8  AA8 ASP A 167 ? GLY A 172 ? ASP A 167 GLY A 172 5 ? 6  
HELX_P HELX_P9  AA9 THR A 177 ? THR A 185 ? THR A 177 THR A 185 5 ? 9  
HELX_P HELX_P10 AB1 ARG A 186 ? ASP A 196 ? ARG A 186 ASP A 196 1 ? 11 
# 
_struct_conf_type.id          HELX_P 
_struct_conf_type.criteria    ? 
_struct_conf_type.reference   ? 
# 
loop_
_struct_conn.id 
_struct_conn.conn_type_id 
_struct_conn.pdbx_leaving_atom_flag 
_struct_conn.pdbx_PDB_id 
_struct_conn.ptnr1_label_asym_id 
_struct_conn.ptnr1_label_comp_id 
_struct_conn.ptnr1_label_seq_id 
_struct_conn.ptnr1_label_atom_id 
_struct_conn.pdbx_ptnr1_label_alt_id 
_struct_conn.pdbx_ptnr1_PDB_ins_code 
_struct_conn.pdbx_ptnr1_standard_comp_id 
_struct_conn.ptnr1_symmetry 
_struct_conn.ptnr2_label_asym_id 
_struct_conn.ptnr2_label_comp_id 
_struct_conn.ptnr2_label_seq_id 
_struct_conn.ptnr2_label_atom_id 
_struct_conn.pdbx_ptnr2_label_alt_id 
_struct_conn.pdbx_ptnr2_PDB_ins_code 
_struct_conn.ptnr1_auth_asym_id 
_struct_conn.ptnr1_auth_comp_id 
_struct_conn.ptnr1_auth_seq_id 
_struct_conn.ptnr2_auth_asym_id 
_struct_conn.ptnr2_auth_comp_id 
_struct_conn.ptnr2_auth_seq_id 
_struct_conn.ptnr2_symmetry 
_struct_conn.pdbx_ptnr3_label_atom_id 
_struct_conn.pdbx_ptnr3_label_seq_id 
_struct_conn.pdbx_ptnr3_label_comp_id 
_struct_conn.pdbx_ptnr3_label_asym_id 
_struct_conn.pdbx_ptnr3_label_alt_id 
_struct_conn.pdbx_ptnr3_PDB_ins_code 
_struct_conn.details 
_struct_conn.pdbx_dist_value 
_struct_conn.pdbx_value_order 
_struct_conn.pdbx_role 
disulf1 disulf ? ? A CYS 23 SG ? ? ? 1_555 A CYS 101 SG ? ? A CYS 23 A CYS 101 1_555 ? ? ? ? ? ? ? 2.055 ? ? 
disulf2 disulf ? ? A CYS 49 SG ? ? ? 1_555 A CYS 62  SG ? ? A CYS 49 A CYS 62  1_555 ? ? ? ? ? ? ? 2.047 ? ? 
# 
_struct_conn_type.id          disulf 
_struct_conn_type.criteria    ? 
_struct_conn_type.reference   ? 
# 
loop_
_pdbx_modification_feature.ordinal 
_pdbx_modification_feature.label_comp_id 
_pdbx_modification_feature.label_asym_id 
_pdbx_modification_feature.label_seq_id 
_pdbx_modification_feature.label_alt_id 
_pdbx_modification_feature.modified_residue_label_comp_id 
_pdbx_modification_feature.modified_residue_label_asym_id 
_pdbx_modification_feature.modified_residue_label_seq_id 
_pdbx_modification_feature.modified_residue_label_alt_id 
_pdbx_modification_feature.auth_comp_id 
_pdbx_modification_feature.auth_asym_id 
_pdbx_modification_feature.auth_seq_id 
_pdbx_modification_feature.PDB_ins_code 
_pdbx_modification_feature.symmetry 
_pdbx_modification_feature.modified_residue_auth_comp_id 
_pdbx_modification_feature.modified_residue_auth_asym_id 
_pdbx_modification_feature.modified_residue_auth_seq_id 
_pdbx_modification_feature.modified_residue_PDB_ins_code 
_pdbx_modification_feature.modified_residue_symmetry 
_pdbx_modification_feature.comp_id_linking_atom 
_pdbx_modification_feature.modified_residue_id_linking_atom 
_pdbx_modification_feature.modified_residue_id 
_pdbx_modification_feature.ref_pcm_id 
_pdbx_modification_feature.ref_comp_id 
_pdbx_modification_feature.type 
_pdbx_modification_feature.category 
1 CYS A 23 ? CYS A 101 ? CYS A 23 ? 1_555 CYS A 101 ? 1_555 SG SG . . . None 'Disulfide bridge' 
2 CYS A 49 ? CYS A 62  ? CYS A 49 ? 1_555 CYS A 62  ? 1_555 SG SG . . . None 'Disulfide bridge' 
# 
_struct_mon_prot_cis.pdbx_id                1 
_struct_mon_prot_cis.label_comp_id          GLY 
_struct_mon_prot_cis.label_seq_id           66 
_struct_mon_prot_cis.label_asym_id          A 
_struct_mon_prot_cis.label_alt_id           . 
_struct_mon_prot_cis.pdbx_PDB_ins_code      ? 
_struct_mon_prot_cis.auth_comp_id           GLY 
_struct_mon_prot_cis.auth_seq_id            66 
_struct_mon_prot_cis.auth_asym_id           A 
_struct_mon_prot_cis.pdbx_label_comp_id_2   PRO 
_struct_mon_prot_cis.pdbx_label_seq_id_2    67 
_struct_mon_prot_cis.pdbx_label_asym_id_2   A 
_struct_mon_prot_cis.pdbx_PDB_ins_code_2    ? 
_struct_mon_prot_cis.pdbx_auth_comp_id_2    PRO 
_struct_mon_prot_cis.pdbx_auth_seq_id_2     67 
_struct_mon_prot_cis.pdbx_auth_asym_id_2    A 
_struct_mon_prot_cis.pdbx_PDB_model_num     1 
_struct_mon_prot_cis.pdbx_omega_angle       8.40 
# 
_struct_sheet.id               AA1 
_struct_sheet.type             ? 
_struct_sheet.number_strands   5 
_struct_sheet.details          ? 
# 
loop_
_struct_sheet_order.sheet_id 
_struct_sheet_order.range_id_1 
_struct_sheet_order.range_id_2 
_struct_sheet_order.offset 
_struct_sheet_order.sense 
AA1 1 2 ? parallel 
AA1 2 3 ? parallel 
AA1 3 4 ? parallel 
AA1 4 5 ? parallel 
# 
loop_
_struct_sheet_range.sheet_id 
_struct_sheet_range.id 
_struct_sheet_range.beg_label_comp_id 
_struct_sheet_range.beg_label_asym_id 
_struct_sheet_range.beg_label_seq_id 
_struct_sheet_range.pdbx_beg_PDB_ins_code 
_struct_sheet_range.end_label_comp_id 
_struct_sheet_range.end_label_asym_id 
_struct_sheet_range.end_label_seq_id 
_struct_sheet_range.pdbx_end_PDB_ins_code 
_struct_sheet_range.beg_auth_comp_id 
_struct_sheet_range.beg_auth_asym_id 
_struct_sheet_range.beg_auth_seq_id 
_struct_sheet_range.end_auth_comp_id 
_struct_sheet_range.end_auth_asym_id 
_struct_sheet_range.end_auth_seq_id 
AA1 1 VAL A 60  ? GLY A 64  ? VAL A 60  GLY A 64  
AA1 2 ILE A 26  ? ALA A 31  ? ILE A 26  ALA A 31  
AA1 3 GLN A 105 ? TYR A 111 ? GLN A 105 TYR A 111 
AA1 4 ILE A 133 ? TYR A 139 ? ILE A 133 TYR A 139 
AA1 5 THR A 159 ? ILE A 162 ? THR A 159 ILE A 162 
# 
loop_
_pdbx_struct_sheet_hbond.sheet_id 
_pdbx_struct_sheet_hbond.range_id_1 
_pdbx_struct_sheet_hbond.range_id_2 
_pdbx_struct_sheet_hbond.range_1_label_atom_id 
_pdbx_struct_sheet_hbond.range_1_label_comp_id 
_pdbx_struct_sheet_hbond.range_1_label_asym_id 
_pdbx_struct_sheet_hbond.range_1_label_seq_id 
_pdbx_struct_sheet_hbond.range_1_PDB_ins_code 
_pdbx_struct_sheet_hbond.range_1_auth_atom_id 
_pdbx_struct_sheet_hbond.range_1_auth_comp_id 
_pdbx_struct_sheet_hbond.range_1_auth_asym_id 
_pdbx_struct_sheet_hbond.range_1_auth_seq_id 
_pdbx_struct_sheet_hbond.range_2_label_atom_id 
_pdbx_struct_sheet_hbond.range_2_label_comp_id 
_pdbx_struct_sheet_hbond.range_2_label_asym_id 
_pdbx_struct_sheet_hbond.range_2_label_seq_id 
_pdbx_struct_sheet_hbond.range_2_PDB_ins_code 
_pdbx_struct_sheet_hbond.range_2_auth_atom_id 
_pdbx_struct_sheet_hbond.range_2_auth_comp_id 
_pdbx_struct_sheet_hbond.range_2_auth_asym_id 
_pdbx_struct_sheet_hbond.range_2_auth_seq_id 
AA1 1 2 O ALA A 61  ? O ALA A 61  N ILE A 26  ? N ILE A 26  
AA1 2 3 N ILE A 29  ? N ILE A 29  O VAL A 107 ? O VAL A 107 
AA1 3 4 N GLY A 110 ? N GLY A 110 O TYR A 139 ? O TYR A 139 
AA1 4 5 N LEU A 138 ? N LEU A 138 O ILE A 162 ? O ILE A 162 
# 
_pdbx_entry_details.entry_id                   5X88 
_pdbx_entry_details.compound_details           ? 
_pdbx_entry_details.source_details             ? 
_pdbx_entry_details.nonpolymer_details         ? 
_pdbx_entry_details.sequence_details           ? 
_pdbx_entry_details.has_ligand_of_interest     ? 
_pdbx_entry_details.has_protein_modification   Y 
# 
loop_
_pdbx_validate_close_contact.id 
_pdbx_validate_close_contact.PDB_model_num 
_pdbx_validate_close_contact.auth_atom_id_1 
_pdbx_validate_close_contact.auth_asym_id_1 
_pdbx_validate_close_contact.auth_comp_id_1 
_pdbx_validate_close_contact.auth_seq_id_1 
_pdbx_validate_close_contact.PDB_ins_code_1 
_pdbx_validate_close_contact.label_alt_id_1 
_pdbx_validate_close_contact.auth_atom_id_2 
_pdbx_validate_close_contact.auth_asym_id_2 
_pdbx_validate_close_contact.auth_comp_id_2 
_pdbx_validate_close_contact.auth_seq_id_2 
_pdbx_validate_close_contact.PDB_ins_code_2 
_pdbx_validate_close_contact.label_alt_id_2 
_pdbx_validate_close_contact.dist 
1 1 O   A HOH 232 ? ? O A HOH 303 ? ? 1.96 
2 1 OD1 A ASP 192 ? ? O A HOH 201 ? ? 2.08 
3 1 O   A HOH 251 ? ? O A HOH 308 ? ? 2.13 
4 1 O   A HOH 218 ? ? O A HOH 281 ? ? 2.16 
5 1 O   A HOH 365 ? ? O A HOH 383 ? ? 2.17 
6 1 NH2 A ARG 54  ? ? O A HOH 202 ? ? 2.17 
# 
loop_
_pdbx_validate_torsion.id 
_pdbx_validate_torsion.PDB_model_num 
_pdbx_validate_torsion.auth_comp_id 
_pdbx_validate_torsion.auth_asym_id 
_pdbx_validate_torsion.auth_seq_id 
_pdbx_validate_torsion.PDB_ins_code 
_pdbx_validate_torsion.label_alt_id 
_pdbx_validate_torsion.phi 
_pdbx_validate_torsion.psi 
1 1 THR A 35  ? ? 20.09   54.54   
2 1 THR A 43  ? ? -101.37 -95.83  
3 1 SER A 112 ? ? 58.01   -121.25 
# 
loop_
_pdbx_struct_special_symmetry.id 
_pdbx_struct_special_symmetry.PDB_model_num 
_pdbx_struct_special_symmetry.auth_asym_id 
_pdbx_struct_special_symmetry.auth_comp_id 
_pdbx_struct_special_symmetry.auth_seq_id 
_pdbx_struct_special_symmetry.PDB_ins_code 
_pdbx_struct_special_symmetry.label_asym_id 
_pdbx_struct_special_symmetry.label_comp_id 
_pdbx_struct_special_symmetry.label_seq_id 
1 1 A HOH 207 ? B HOH . 
2 1 A HOH 421 ? B HOH . 
# 
loop_
_pdbx_distant_solvent_atoms.id 
_pdbx_distant_solvent_atoms.PDB_model_num 
_pdbx_distant_solvent_atoms.auth_atom_id 
_pdbx_distant_solvent_atoms.label_alt_id 
_pdbx_distant_solvent_atoms.auth_asym_id 
_pdbx_distant_solvent_atoms.auth_comp_id 
_pdbx_distant_solvent_atoms.auth_seq_id 
_pdbx_distant_solvent_atoms.PDB_ins_code 
_pdbx_distant_solvent_atoms.neighbor_macromolecule_distance 
_pdbx_distant_solvent_atoms.neighbor_ligand_distance 
1 1 O ? A HOH 418 ? 5.95 . 
2 1 O ? A HOH 419 ? 6.50 . 
3 1 O ? A HOH 420 ? 6.68 . 
4 1 O ? A HOH 421 ? 7.24 . 
# 
loop_
_pdbx_unobs_or_zero_occ_residues.id 
_pdbx_unobs_or_zero_occ_residues.PDB_model_num 
_pdbx_unobs_or_zero_occ_residues.polymer_flag 
_pdbx_unobs_or_zero_occ_residues.occupancy_flag 
_pdbx_unobs_or_zero_occ_residues.auth_asym_id 
_pdbx_unobs_or_zero_occ_residues.auth_comp_id 
_pdbx_unobs_or_zero_occ_residues.auth_seq_id 
_pdbx_unobs_or_zero_occ_residues.PDB_ins_code 
_pdbx_unobs_or_zero_occ_residues.label_asym_id 
_pdbx_unobs_or_zero_occ_residues.label_comp_id 
_pdbx_unobs_or_zero_occ_residues.label_seq_id 
1  1 Y 1 A SER 1  ? A SER 1  
2  1 Y 1 A PRO 2  ? A PRO 2  
3  1 Y 1 A VAL 3  ? A VAL 3  
4  1 Y 1 A ALA 4  ? A ALA 4  
5  1 Y 1 A VAL 5  ? A VAL 5  
6  1 Y 1 A GLU 6  ? A GLU 6  
7  1 Y 1 A LYS 7  ? A LYS 7  
8  1 Y 1 A ARG 8  ? A ARG 8  
9  1 Y 1 A GLN 9  ? A GLN 9  
10 1 Y 1 A ILE 10 ? A ILE 10 
11 1 Y 1 A PHE 11 ? A PHE 11 
12 1 Y 1 A GLY 12 ? A GLY 12 
# 
loop_
_chem_comp_atom.comp_id 
_chem_comp_atom.atom_id 
_chem_comp_atom.type_symbol 
_chem_comp_atom.pdbx_aromatic_flag 
_chem_comp_atom.pdbx_stereo_config 
_chem_comp_atom.pdbx_ordinal 
ALA N    N N N 1   
ALA CA   C N S 2   
ALA C    C N N 3   
ALA O    O N N 4   
ALA CB   C N N 5   
ALA OXT  O N N 6   
ALA H    H N N 7   
ALA H2   H N N 8   
ALA HA   H N N 9   
ALA HB1  H N N 10  
ALA HB2  H N N 11  
ALA HB3  H N N 12  
ALA HXT  H N N 13  
ARG N    N N N 14  
ARG CA   C N S 15  
ARG C    C N N 16  
ARG O    O N N 17  
ARG CB   C N N 18  
ARG CG   C N N 19  
ARG CD   C N N 20  
ARG NE   N N N 21  
ARG CZ   C N N 22  
ARG NH1  N N N 23  
ARG NH2  N N N 24  
ARG OXT  O N N 25  
ARG H    H N N 26  
ARG H2   H N N 27  
ARG HA   H N N 28  
ARG HB2  H N N 29  
ARG HB3  H N N 30  
ARG HG2  H N N 31  
ARG HG3  H N N 32  
ARG HD2  H N N 33  
ARG HD3  H N N 34  
ARG HE   H N N 35  
ARG HH11 H N N 36  
ARG HH12 H N N 37  
ARG HH21 H N N 38  
ARG HH22 H N N 39  
ARG HXT  H N N 40  
ASN N    N N N 41  
ASN CA   C N S 42  
ASN C    C N N 43  
ASN O    O N N 44  
ASN CB   C N N 45  
ASN CG   C N N 46  
ASN OD1  O N N 47  
ASN ND2  N N N 48  
ASN OXT  O N N 49  
ASN H    H N N 50  
ASN H2   H N N 51  
ASN HA   H N N 52  
ASN HB2  H N N 53  
ASN HB3  H N N 54  
ASN HD21 H N N 55  
ASN HD22 H N N 56  
ASN HXT  H N N 57  
ASP N    N N N 58  
ASP CA   C N S 59  
ASP C    C N N 60  
ASP O    O N N 61  
ASP CB   C N N 62  
ASP CG   C N N 63  
ASP OD1  O N N 64  
ASP OD2  O N N 65  
ASP OXT  O N N 66  
ASP H    H N N 67  
ASP H2   H N N 68  
ASP HA   H N N 69  
ASP HB2  H N N 70  
ASP HB3  H N N 71  
ASP HD2  H N N 72  
ASP HXT  H N N 73  
CYS N    N N N 74  
CYS CA   C N R 75  
CYS C    C N N 76  
CYS O    O N N 77  
CYS CB   C N N 78  
CYS SG   S N N 79  
CYS OXT  O N N 80  
CYS H    H N N 81  
CYS H2   H N N 82  
CYS HA   H N N 83  
CYS HB2  H N N 84  
CYS HB3  H N N 85  
CYS HG   H N N 86  
CYS HXT  H N N 87  
GLN N    N N N 88  
GLN CA   C N S 89  
GLN C    C N N 90  
GLN O    O N N 91  
GLN CB   C N N 92  
GLN CG   C N N 93  
GLN CD   C N N 94  
GLN OE1  O N N 95  
GLN NE2  N N N 96  
GLN OXT  O N N 97  
GLN H    H N N 98  
GLN H2   H N N 99  
GLN HA   H N N 100 
GLN HB2  H N N 101 
GLN HB3  H N N 102 
GLN HG2  H N N 103 
GLN HG3  H N N 104 
GLN HE21 H N N 105 
GLN HE22 H N N 106 
GLN HXT  H N N 107 
GLU N    N N N 108 
GLU CA   C N S 109 
GLU C    C N N 110 
GLU O    O N N 111 
GLU CB   C N N 112 
GLU CG   C N N 113 
GLU CD   C N N 114 
GLU OE1  O N N 115 
GLU OE2  O N N 116 
GLU OXT  O N N 117 
GLU H    H N N 118 
GLU H2   H N N 119 
GLU HA   H N N 120 
GLU HB2  H N N 121 
GLU HB3  H N N 122 
GLU HG2  H N N 123 
GLU HG3  H N N 124 
GLU HE2  H N N 125 
GLU HXT  H N N 126 
GLY N    N N N 127 
GLY CA   C N N 128 
GLY C    C N N 129 
GLY O    O N N 130 
GLY OXT  O N N 131 
GLY H    H N N 132 
GLY H2   H N N 133 
GLY HA2  H N N 134 
GLY HA3  H N N 135 
GLY HXT  H N N 136 
HIS N    N N N 137 
HIS CA   C N S 138 
HIS C    C N N 139 
HIS O    O N N 140 
HIS CB   C N N 141 
HIS CG   C Y N 142 
HIS ND1  N Y N 143 
HIS CD2  C Y N 144 
HIS CE1  C Y N 145 
HIS NE2  N Y N 146 
HIS OXT  O N N 147 
HIS H    H N N 148 
HIS H2   H N N 149 
HIS HA   H N N 150 
HIS HB2  H N N 151 
HIS HB3  H N N 152 
HIS HD1  H N N 153 
HIS HD2  H N N 154 
HIS HE1  H N N 155 
HIS HE2  H N N 156 
HIS HXT  H N N 157 
HOH O    O N N 158 
HOH H1   H N N 159 
HOH H2   H N N 160 
ILE N    N N N 161 
ILE CA   C N S 162 
ILE C    C N N 163 
ILE O    O N N 164 
ILE CB   C N S 165 
ILE CG1  C N N 166 
ILE CG2  C N N 167 
ILE CD1  C N N 168 
ILE OXT  O N N 169 
ILE H    H N N 170 
ILE H2   H N N 171 
ILE HA   H N N 172 
ILE HB   H N N 173 
ILE HG12 H N N 174 
ILE HG13 H N N 175 
ILE HG21 H N N 176 
ILE HG22 H N N 177 
ILE HG23 H N N 178 
ILE HD11 H N N 179 
ILE HD12 H N N 180 
ILE HD13 H N N 181 
ILE HXT  H N N 182 
LEU N    N N N 183 
LEU CA   C N S 184 
LEU C    C N N 185 
LEU O    O N N 186 
LEU CB   C N N 187 
LEU CG   C N N 188 
LEU CD1  C N N 189 
LEU CD2  C N N 190 
LEU OXT  O N N 191 
LEU H    H N N 192 
LEU H2   H N N 193 
LEU HA   H N N 194 
LEU HB2  H N N 195 
LEU HB3  H N N 196 
LEU HG   H N N 197 
LEU HD11 H N N 198 
LEU HD12 H N N 199 
LEU HD13 H N N 200 
LEU HD21 H N N 201 
LEU HD22 H N N 202 
LEU HD23 H N N 203 
LEU HXT  H N N 204 
LYS N    N N N 205 
LYS CA   C N S 206 
LYS C    C N N 207 
LYS O    O N N 208 
LYS CB   C N N 209 
LYS CG   C N N 210 
LYS CD   C N N 211 
LYS CE   C N N 212 
LYS NZ   N N N 213 
LYS OXT  O N N 214 
LYS H    H N N 215 
LYS H2   H N N 216 
LYS HA   H N N 217 
LYS HB2  H N N 218 
LYS HB3  H N N 219 
LYS HG2  H N N 220 
LYS HG3  H N N 221 
LYS HD2  H N N 222 
LYS HD3  H N N 223 
LYS HE2  H N N 224 
LYS HE3  H N N 225 
LYS HZ1  H N N 226 
LYS HZ2  H N N 227 
LYS HZ3  H N N 228 
LYS HXT  H N N 229 
MET N    N N N 230 
MET CA   C N S 231 
MET C    C N N 232 
MET O    O N N 233 
MET CB   C N N 234 
MET CG   C N N 235 
MET SD   S N N 236 
MET CE   C N N 237 
MET OXT  O N N 238 
MET H    H N N 239 
MET H2   H N N 240 
MET HA   H N N 241 
MET HB2  H N N 242 
MET HB3  H N N 243 
MET HG2  H N N 244 
MET HG3  H N N 245 
MET HE1  H N N 246 
MET HE2  H N N 247 
MET HE3  H N N 248 
MET HXT  H N N 249 
PHE N    N N N 250 
PHE CA   C N S 251 
PHE C    C N N 252 
PHE O    O N N 253 
PHE CB   C N N 254 
PHE CG   C Y N 255 
PHE CD1  C Y N 256 
PHE CD2  C Y N 257 
PHE CE1  C Y N 258 
PHE CE2  C Y N 259 
PHE CZ   C Y N 260 
PHE OXT  O N N 261 
PHE H    H N N 262 
PHE H2   H N N 263 
PHE HA   H N N 264 
PHE HB2  H N N 265 
PHE HB3  H N N 266 
PHE HD1  H N N 267 
PHE HD2  H N N 268 
PHE HE1  H N N 269 
PHE HE2  H N N 270 
PHE HZ   H N N 271 
PHE HXT  H N N 272 
PRO N    N N N 273 
PRO CA   C N S 274 
PRO C    C N N 275 
PRO O    O N N 276 
PRO CB   C N N 277 
PRO CG   C N N 278 
PRO CD   C N N 279 
PRO OXT  O N N 280 
PRO H    H N N 281 
PRO HA   H N N 282 
PRO HB2  H N N 283 
PRO HB3  H N N 284 
PRO HG2  H N N 285 
PRO HG3  H N N 286 
PRO HD2  H N N 287 
PRO HD3  H N N 288 
PRO HXT  H N N 289 
SER N    N N N 290 
SER CA   C N S 291 
SER C    C N N 292 
SER O    O N N 293 
SER CB   C N N 294 
SER OG   O N N 295 
SER OXT  O N N 296 
SER H    H N N 297 
SER H2   H N N 298 
SER HA   H N N 299 
SER HB2  H N N 300 
SER HB3  H N N 301 
SER HG   H N N 302 
SER HXT  H N N 303 
THR N    N N N 304 
THR CA   C N S 305 
THR C    C N N 306 
THR O    O N N 307 
THR CB   C N R 308 
THR OG1  O N N 309 
THR CG2  C N N 310 
THR OXT  O N N 311 
THR H    H N N 312 
THR H2   H N N 313 
THR HA   H N N 314 
THR HB   H N N 315 
THR HG1  H N N 316 
THR HG21 H N N 317 
THR HG22 H N N 318 
THR HG23 H N N 319 
THR HXT  H N N 320 
TRP N    N N N 321 
TRP CA   C N S 322 
TRP C    C N N 323 
TRP O    O N N 324 
TRP CB   C N N 325 
TRP CG   C Y N 326 
TRP CD1  C Y N 327 
TRP CD2  C Y N 328 
TRP NE1  N Y N 329 
TRP CE2  C Y N 330 
TRP CE3  C Y N 331 
TRP CZ2  C Y N 332 
TRP CZ3  C Y N 333 
TRP CH2  C Y N 334 
TRP OXT  O N N 335 
TRP H    H N N 336 
TRP H2   H N N 337 
TRP HA   H N N 338 
TRP HB2  H N N 339 
TRP HB3  H N N 340 
TRP HD1  H N N 341 
TRP HE1  H N N 342 
TRP HE3  H N N 343 
TRP HZ2  H N N 344 
TRP HZ3  H N N 345 
TRP HH2  H N N 346 
TRP HXT  H N N 347 
TYR N    N N N 348 
TYR CA   C N S 349 
TYR C    C N N 350 
TYR O    O N N 351 
TYR CB   C N N 352 
TYR CG   C Y N 353 
TYR CD1  C Y N 354 
TYR CD2  C Y N 355 
TYR CE1  C Y N 356 
TYR CE2  C Y N 357 
TYR CZ   C Y N 358 
TYR OH   O N N 359 
TYR OXT  O N N 360 
TYR H    H N N 361 
TYR H2   H N N 362 
TYR HA   H N N 363 
TYR HB2  H N N 364 
TYR HB3  H N N 365 
TYR HD1  H N N 366 
TYR HD2  H N N 367 
TYR HE1  H N N 368 
TYR HE2  H N N 369 
TYR HH   H N N 370 
TYR HXT  H N N 371 
VAL N    N N N 372 
VAL CA   C N S 373 
VAL C    C N N 374 
VAL O    O N N 375 
VAL CB   C N N 376 
VAL CG1  C N N 377 
VAL CG2  C N N 378 
VAL OXT  O N N 379 
VAL H    H N N 380 
VAL H2   H N N 381 
VAL HA   H N N 382 
VAL HB   H N N 383 
VAL HG11 H N N 384 
VAL HG12 H N N 385 
VAL HG13 H N N 386 
VAL HG21 H N N 387 
VAL HG22 H N N 388 
VAL HG23 H N N 389 
VAL HXT  H N N 390 
# 
loop_
_chem_comp_bond.comp_id 
_chem_comp_bond.atom_id_1 
_chem_comp_bond.atom_id_2 
_chem_comp_bond.value_order 
_chem_comp_bond.pdbx_aromatic_flag 
_chem_comp_bond.pdbx_stereo_config 
_chem_comp_bond.pdbx_ordinal 
ALA N   CA   sing N N 1   
ALA N   H    sing N N 2   
ALA N   H2   sing N N 3   
ALA CA  C    sing N N 4   
ALA CA  CB   sing N N 5   
ALA CA  HA   sing N N 6   
ALA C   O    doub N N 7   
ALA C   OXT  sing N N 8   
ALA CB  HB1  sing N N 9   
ALA CB  HB2  sing N N 10  
ALA CB  HB3  sing N N 11  
ALA OXT HXT  sing N N 12  
ARG N   CA   sing N N 13  
ARG N   H    sing N N 14  
ARG N   H2   sing N N 15  
ARG CA  C    sing N N 16  
ARG CA  CB   sing N N 17  
ARG CA  HA   sing N N 18  
ARG C   O    doub N N 19  
ARG C   OXT  sing N N 20  
ARG CB  CG   sing N N 21  
ARG CB  HB2  sing N N 22  
ARG CB  HB3  sing N N 23  
ARG CG  CD   sing N N 24  
ARG CG  HG2  sing N N 25  
ARG CG  HG3  sing N N 26  
ARG CD  NE   sing N N 27  
ARG CD  HD2  sing N N 28  
ARG CD  HD3  sing N N 29  
ARG NE  CZ   sing N N 30  
ARG NE  HE   sing N N 31  
ARG CZ  NH1  sing N N 32  
ARG CZ  NH2  doub N N 33  
ARG NH1 HH11 sing N N 34  
ARG NH1 HH12 sing N N 35  
ARG NH2 HH21 sing N N 36  
ARG NH2 HH22 sing N N 37  
ARG OXT HXT  sing N N 38  
ASN N   CA   sing N N 39  
ASN N   H    sing N N 40  
ASN N   H2   sing N N 41  
ASN CA  C    sing N N 42  
ASN CA  CB   sing N N 43  
ASN CA  HA   sing N N 44  
ASN C   O    doub N N 45  
ASN C   OXT  sing N N 46  
ASN CB  CG   sing N N 47  
ASN CB  HB2  sing N N 48  
ASN CB  HB3  sing N N 49  
ASN CG  OD1  doub N N 50  
ASN CG  ND2  sing N N 51  
ASN ND2 HD21 sing N N 52  
ASN ND2 HD22 sing N N 53  
ASN OXT HXT  sing N N 54  
ASP N   CA   sing N N 55  
ASP N   H    sing N N 56  
ASP N   H2   sing N N 57  
ASP CA  C    sing N N 58  
ASP CA  CB   sing N N 59  
ASP CA  HA   sing N N 60  
ASP C   O    doub N N 61  
ASP C   OXT  sing N N 62  
ASP CB  CG   sing N N 63  
ASP CB  HB2  sing N N 64  
ASP CB  HB3  sing N N 65  
ASP CG  OD1  doub N N 66  
ASP CG  OD2  sing N N 67  
ASP OD2 HD2  sing N N 68  
ASP OXT HXT  sing N N 69  
CYS N   CA   sing N N 70  
CYS N   H    sing N N 71  
CYS N   H2   sing N N 72  
CYS CA  C    sing N N 73  
CYS CA  CB   sing N N 74  
CYS CA  HA   sing N N 75  
CYS C   O    doub N N 76  
CYS C   OXT  sing N N 77  
CYS CB  SG   sing N N 78  
CYS CB  HB2  sing N N 79  
CYS CB  HB3  sing N N 80  
CYS SG  HG   sing N N 81  
CYS OXT HXT  sing N N 82  
GLN N   CA   sing N N 83  
GLN N   H    sing N N 84  
GLN N   H2   sing N N 85  
GLN CA  C    sing N N 86  
GLN CA  CB   sing N N 87  
GLN CA  HA   sing N N 88  
GLN C   O    doub N N 89  
GLN C   OXT  sing N N 90  
GLN CB  CG   sing N N 91  
GLN CB  HB2  sing N N 92  
GLN CB  HB3  sing N N 93  
GLN CG  CD   sing N N 94  
GLN CG  HG2  sing N N 95  
GLN CG  HG3  sing N N 96  
GLN CD  OE1  doub N N 97  
GLN CD  NE2  sing N N 98  
GLN NE2 HE21 sing N N 99  
GLN NE2 HE22 sing N N 100 
GLN OXT HXT  sing N N 101 
GLU N   CA   sing N N 102 
GLU N   H    sing N N 103 
GLU N   H2   sing N N 104 
GLU CA  C    sing N N 105 
GLU CA  CB   sing N N 106 
GLU CA  HA   sing N N 107 
GLU C   O    doub N N 108 
GLU C   OXT  sing N N 109 
GLU CB  CG   sing N N 110 
GLU CB  HB2  sing N N 111 
GLU CB  HB3  sing N N 112 
GLU CG  CD   sing N N 113 
GLU CG  HG2  sing N N 114 
GLU CG  HG3  sing N N 115 
GLU CD  OE1  doub N N 116 
GLU CD  OE2  sing N N 117 
GLU OE2 HE2  sing N N 118 
GLU OXT HXT  sing N N 119 
GLY N   CA   sing N N 120 
GLY N   H    sing N N 121 
GLY N   H2   sing N N 122 
GLY CA  C    sing N N 123 
GLY CA  HA2  sing N N 124 
GLY CA  HA3  sing N N 125 
GLY C   O    doub N N 126 
GLY C   OXT  sing N N 127 
GLY OXT HXT  sing N N 128 
HIS N   CA   sing N N 129 
HIS N   H    sing N N 130 
HIS N   H2   sing N N 131 
HIS CA  C    sing N N 132 
HIS CA  CB   sing N N 133 
HIS CA  HA   sing N N 134 
HIS C   O    doub N N 135 
HIS C   OXT  sing N N 136 
HIS CB  CG   sing N N 137 
HIS CB  HB2  sing N N 138 
HIS CB  HB3  sing N N 139 
HIS CG  ND1  sing Y N 140 
HIS CG  CD2  doub Y N 141 
HIS ND1 CE1  doub Y N 142 
HIS ND1 HD1  sing N N 143 
HIS CD2 NE2  sing Y N 144 
HIS CD2 HD2  sing N N 145 
HIS CE1 NE2  sing Y N 146 
HIS CE1 HE1  sing N N 147 
HIS NE2 HE2  sing N N 148 
HIS OXT HXT  sing N N 149 
HOH O   H1   sing N N 150 
HOH O   H2   sing N N 151 
ILE N   CA   sing N N 152 
ILE N   H    sing N N 153 
ILE N   H2   sing N N 154 
ILE CA  C    sing N N 155 
ILE CA  CB   sing N N 156 
ILE CA  HA   sing N N 157 
ILE C   O    doub N N 158 
ILE C   OXT  sing N N 159 
ILE CB  CG1  sing N N 160 
ILE CB  CG2  sing N N 161 
ILE CB  HB   sing N N 162 
ILE CG1 CD1  sing N N 163 
ILE CG1 HG12 sing N N 164 
ILE CG1 HG13 sing N N 165 
ILE CG2 HG21 sing N N 166 
ILE CG2 HG22 sing N N 167 
ILE CG2 HG23 sing N N 168 
ILE CD1 HD11 sing N N 169 
ILE CD1 HD12 sing N N 170 
ILE CD1 HD13 sing N N 171 
ILE OXT HXT  sing N N 172 
LEU N   CA   sing N N 173 
LEU N   H    sing N N 174 
LEU N   H2   sing N N 175 
LEU CA  C    sing N N 176 
LEU CA  CB   sing N N 177 
LEU CA  HA   sing N N 178 
LEU C   O    doub N N 179 
LEU C   OXT  sing N N 180 
LEU CB  CG   sing N N 181 
LEU CB  HB2  sing N N 182 
LEU CB  HB3  sing N N 183 
LEU CG  CD1  sing N N 184 
LEU CG  CD2  sing N N 185 
LEU CG  HG   sing N N 186 
LEU CD1 HD11 sing N N 187 
LEU CD1 HD12 sing N N 188 
LEU CD1 HD13 sing N N 189 
LEU CD2 HD21 sing N N 190 
LEU CD2 HD22 sing N N 191 
LEU CD2 HD23 sing N N 192 
LEU OXT HXT  sing N N 193 
LYS N   CA   sing N N 194 
LYS N   H    sing N N 195 
LYS N   H2   sing N N 196 
LYS CA  C    sing N N 197 
LYS CA  CB   sing N N 198 
LYS CA  HA   sing N N 199 
LYS C   O    doub N N 200 
LYS C   OXT  sing N N 201 
LYS CB  CG   sing N N 202 
LYS CB  HB2  sing N N 203 
LYS CB  HB3  sing N N 204 
LYS CG  CD   sing N N 205 
LYS CG  HG2  sing N N 206 
LYS CG  HG3  sing N N 207 
LYS CD  CE   sing N N 208 
LYS CD  HD2  sing N N 209 
LYS CD  HD3  sing N N 210 
LYS CE  NZ   sing N N 211 
LYS CE  HE2  sing N N 212 
LYS CE  HE3  sing N N 213 
LYS NZ  HZ1  sing N N 214 
LYS NZ  HZ2  sing N N 215 
LYS NZ  HZ3  sing N N 216 
LYS OXT HXT  sing N N 217 
MET N   CA   sing N N 218 
MET N   H    sing N N 219 
MET N   H2   sing N N 220 
MET CA  C    sing N N 221 
MET CA  CB   sing N N 222 
MET CA  HA   sing N N 223 
MET C   O    doub N N 224 
MET C   OXT  sing N N 225 
MET CB  CG   sing N N 226 
MET CB  HB2  sing N N 227 
MET CB  HB3  sing N N 228 
MET CG  SD   sing N N 229 
MET CG  HG2  sing N N 230 
MET CG  HG3  sing N N 231 
MET SD  CE   sing N N 232 
MET CE  HE1  sing N N 233 
MET CE  HE2  sing N N 234 
MET CE  HE3  sing N N 235 
MET OXT HXT  sing N N 236 
PHE N   CA   sing N N 237 
PHE N   H    sing N N 238 
PHE N   H2   sing N N 239 
PHE CA  C    sing N N 240 
PHE CA  CB   sing N N 241 
PHE CA  HA   sing N N 242 
PHE C   O    doub N N 243 
PHE C   OXT  sing N N 244 
PHE CB  CG   sing N N 245 
PHE CB  HB2  sing N N 246 
PHE CB  HB3  sing N N 247 
PHE CG  CD1  doub Y N 248 
PHE CG  CD2  sing Y N 249 
PHE CD1 CE1  sing Y N 250 
PHE CD1 HD1  sing N N 251 
PHE CD2 CE2  doub Y N 252 
PHE CD2 HD2  sing N N 253 
PHE CE1 CZ   doub Y N 254 
PHE CE1 HE1  sing N N 255 
PHE CE2 CZ   sing Y N 256 
PHE CE2 HE2  sing N N 257 
PHE CZ  HZ   sing N N 258 
PHE OXT HXT  sing N N 259 
PRO N   CA   sing N N 260 
PRO N   CD   sing N N 261 
PRO N   H    sing N N 262 
PRO CA  C    sing N N 263 
PRO CA  CB   sing N N 264 
PRO CA  HA   sing N N 265 
PRO C   O    doub N N 266 
PRO C   OXT  sing N N 267 
PRO CB  CG   sing N N 268 
PRO CB  HB2  sing N N 269 
PRO CB  HB3  sing N N 270 
PRO CG  CD   sing N N 271 
PRO CG  HG2  sing N N 272 
PRO CG  HG3  sing N N 273 
PRO CD  HD2  sing N N 274 
PRO CD  HD3  sing N N 275 
PRO OXT HXT  sing N N 276 
SER N   CA   sing N N 277 
SER N   H    sing N N 278 
SER N   H2   sing N N 279 
SER CA  C    sing N N 280 
SER CA  CB   sing N N 281 
SER CA  HA   sing N N 282 
SER C   O    doub N N 283 
SER C   OXT  sing N N 284 
SER CB  OG   sing N N 285 
SER CB  HB2  sing N N 286 
SER CB  HB3  sing N N 287 
SER OG  HG   sing N N 288 
SER OXT HXT  sing N N 289 
THR N   CA   sing N N 290 
THR N   H    sing N N 291 
THR N   H2   sing N N 292 
THR CA  C    sing N N 293 
THR CA  CB   sing N N 294 
THR CA  HA   sing N N 295 
THR C   O    doub N N 296 
THR C   OXT  sing N N 297 
THR CB  OG1  sing N N 298 
THR CB  CG2  sing N N 299 
THR CB  HB   sing N N 300 
THR OG1 HG1  sing N N 301 
THR CG2 HG21 sing N N 302 
THR CG2 HG22 sing N N 303 
THR CG2 HG23 sing N N 304 
THR OXT HXT  sing N N 305 
TRP N   CA   sing N N 306 
TRP N   H    sing N N 307 
TRP N   H2   sing N N 308 
TRP CA  C    sing N N 309 
TRP CA  CB   sing N N 310 
TRP CA  HA   sing N N 311 
TRP C   O    doub N N 312 
TRP C   OXT  sing N N 313 
TRP CB  CG   sing N N 314 
TRP CB  HB2  sing N N 315 
TRP CB  HB3  sing N N 316 
TRP CG  CD1  doub Y N 317 
TRP CG  CD2  sing Y N 318 
TRP CD1 NE1  sing Y N 319 
TRP CD1 HD1  sing N N 320 
TRP CD2 CE2  doub Y N 321 
TRP CD2 CE3  sing Y N 322 
TRP NE1 CE2  sing Y N 323 
TRP NE1 HE1  sing N N 324 
TRP CE2 CZ2  sing Y N 325 
TRP CE3 CZ3  doub Y N 326 
TRP CE3 HE3  sing N N 327 
TRP CZ2 CH2  doub Y N 328 
TRP CZ2 HZ2  sing N N 329 
TRP CZ3 CH2  sing Y N 330 
TRP CZ3 HZ3  sing N N 331 
TRP CH2 HH2  sing N N 332 
TRP OXT HXT  sing N N 333 
TYR N   CA   sing N N 334 
TYR N   H    sing N N 335 
TYR N   H2   sing N N 336 
TYR CA  C    sing N N 337 
TYR CA  CB   sing N N 338 
TYR CA  HA   sing N N 339 
TYR C   O    doub N N 340 
TYR C   OXT  sing N N 341 
TYR CB  CG   sing N N 342 
TYR CB  HB2  sing N N 343 
TYR CB  HB3  sing N N 344 
TYR CG  CD1  doub Y N 345 
TYR CG  CD2  sing Y N 346 
TYR CD1 CE1  sing Y N 347 
TYR CD1 HD1  sing N N 348 
TYR CD2 CE2  doub Y N 349 
TYR CD2 HD2  sing N N 350 
TYR CE1 CZ   doub Y N 351 
TYR CE1 HE1  sing N N 352 
TYR CE2 CZ   sing Y N 353 
TYR CE2 HE2  sing N N 354 
TYR CZ  OH   sing N N 355 
TYR OH  HH   sing N N 356 
TYR OXT HXT  sing N N 357 
VAL N   CA   sing N N 358 
VAL N   H    sing N N 359 
VAL N   H2   sing N N 360 
VAL CA  C    sing N N 361 
VAL CA  CB   sing N N 362 
VAL CA  HA   sing N N 363 
VAL C   O    doub N N 364 
VAL C   OXT  sing N N 365 
VAL CB  CG1  sing N N 366 
VAL CB  CG2  sing N N 367 
VAL CB  HB   sing N N 368 
VAL CG1 HG11 sing N N 369 
VAL CG1 HG12 sing N N 370 
VAL CG1 HG13 sing N N 371 
VAL CG2 HG21 sing N N 372 
VAL CG2 HG22 sing N N 373 
VAL CG2 HG23 sing N N 374 
VAL OXT HXT  sing N N 375 
# 
_atom_sites.entry_id                    5X88 
_atom_sites.fract_transf_matrix[1][1]   0.01445264 
_atom_sites.fract_transf_matrix[1][2]   -0.02364751 
_atom_sites.fract_transf_matrix[1][3]   -0.00875400 
_atom_sites.fract_transf_matrix[2][1]   -0.01202630 
_atom_sites.fract_transf_matrix[2][2]   0.00135418 
_atom_sites.fract_transf_matrix[2][3]   -0.02351324 
_atom_sites.fract_transf_matrix[3][1]   0.00577417 
_atom_sites.fract_transf_matrix[3][2]   0.00452579 
_atom_sites.fract_transf_matrix[3][3]   -0.00269266 
_atom_sites.fract_transf_vector[1]      0.096786 
_atom_sites.fract_transf_vector[2]      0.375668 
_atom_sites.fract_transf_vector[3]      0.364567 
# 
loop_
_atom_type.symbol 
C 
N 
O 
S 
# 
loop_
_atom_site.group_PDB 
_atom_site.id 
_atom_site.type_symbol 
_atom_site.label_atom_id 
_atom_site.label_alt_id 
_atom_site.label_comp_id 
_atom_site.label_asym_id 
_atom_site.label_entity_id 
_atom_site.label_seq_id 
_atom_site.pdbx_PDB_ins_code 
_atom_site.Cartn_x 
_atom_site.Cartn_y 
_atom_site.Cartn_z 
_atom_site.occupancy 
_atom_site.B_iso_or_equiv 
_atom_site.pdbx_formal_charge 
_atom_site.auth_seq_id 
_atom_site.auth_comp_id 
_atom_site.auth_asym_id 
_atom_site.auth_atom_id 
_atom_site.pdbx_PDB_model_num 
ATOM   1    N N   . PRO A 1 13  ? -0.798  4.512   16.693  1.00 23.62 ? 13  PRO A N   1 
ATOM   2    C CA  . PRO A 1 13  ? 0.087   3.707   15.844  1.00 18.70 ? 13  PRO A CA  1 
ATOM   3    C C   . PRO A 1 13  ? 1.313   4.485   15.366  1.00 19.09 ? 13  PRO A C   1 
ATOM   4    O O   . PRO A 1 13  ? 1.293   5.713   15.265  1.00 21.05 ? 13  PRO A O   1 
ATOM   5    C CB  . PRO A 1 13  ? -0.813  3.307   14.666  1.00 17.68 ? 13  PRO A CB  1 
ATOM   6    C CG  . PRO A 1 13  ? -1.982  4.271   14.713  1.00 22.99 ? 13  PRO A CG  1 
ATOM   7    C CD  . PRO A 1 13  ? -2.167  4.591   16.160  1.00 23.73 ? 13  PRO A CD  1 
ATOM   8    N N   . GLY A 1 14  ? 2.387   3.758   15.085  1.00 19.41 ? 14  GLY A N   1 
ATOM   9    C CA  . GLY A 1 14  ? 3.617   4.367   14.613  1.00 18.24 ? 14  GLY A CA  1 
ATOM   10   C C   . GLY A 1 14  ? 3.860   4.041   13.157  1.00 15.62 ? 14  GLY A C   1 
ATOM   11   O O   . GLY A 1 14  ? 2.902   3.918   12.387  1.00 19.97 ? 14  GLY A O   1 
ATOM   12   N N   . ASP A 1 15  ? 5.122   3.897   12.756  1.00 13.16 ? 15  ASP A N   1 
ATOM   13   C CA  . ASP A 1 15  ? 5.435   3.574   11.371  1.00 11.49 ? 15  ASP A CA  1 
ATOM   14   C C   . ASP A 1 15  ? 6.206   2.269   11.206  1.00 11.32 ? 15  ASP A C   1 
ATOM   15   O O   . ASP A 1 15  ? 6.520   1.890   10.070  1.00 9.64  ? 15  ASP A O   1 
ATOM   16   C CB  . ASP A 1 15  ? 6.215   4.725   10.718  1.00 15.51 ? 15  ASP A CB  1 
ATOM   17   C CG  . ASP A 1 15  ? 7.480   5.083   11.470  1.00 24.02 ? 15  ASP A CG  1 
ATOM   18   O OD1 . ASP A 1 15  ? 8.095   6.126   11.138  1.00 28.97 ? 15  ASP A OD1 1 
ATOM   19   O OD2 . ASP A 1 15  ? 7.868   4.327   12.381  1.00 22.33 ? 15  ASP A OD2 1 
ATOM   20   N N   . ASN A 1 16  ? 6.507   1.566   12.302  1.00 9.99  ? 16  ASN A N   1 
ATOM   21   C CA  . ASN A 1 16  ? 7.294   0.338   12.275  1.00 9.96  ? 16  ASN A CA  1 
ATOM   22   C C   . ASN A 1 16  ? 6.664   -0.714  13.190  1.00 9.24  ? 16  ASN A C   1 
ATOM   23   O O   . ASN A 1 16  ? 7.380   -1.533  13.782  1.00 10.91 ? 16  ASN A O   1 
ATOM   24   C CB  . ASN A 1 16  ? 8.746   0.640   12.695  1.00 10.27 ? 16  ASN A CB  1 
ATOM   25   C CG  . ASN A 1 16  ? 9.772   -0.337  12.130  1.00 13.51 ? 16  ASN A CG  1 
ATOM   26   O OD1 . ASN A 1 16  ? 9.612   -0.902  11.047  1.00 13.22 ? 16  ASN A OD1 1 
ATOM   27   N ND2 . ASN A 1 16  ? 10.868  -0.508  12.867  1.00 17.74 ? 16  ASN A ND2 1 
ATOM   28   N N   . ASP A 1 17  ? 5.323   -0.695  13.308  1.00 10.85 ? 17  ASP A N   1 
ATOM   29   C CA  . ASP A 1 17  ? 4.617   -1.438  14.355  1.00 10.42 ? 17  ASP A CA  1 
ATOM   30   C C   . ASP A 1 17  ? 4.650   -2.941  14.126  1.00 13.78 ? 17  ASP A C   1 
ATOM   31   O O   . ASP A 1 17  ? 4.560   -3.714  15.089  1.00 13.14 ? 17  ASP A O   1 
ATOM   32   C CB  . ASP A 1 17  ? 3.145   -1.026  14.438  1.00 11.56 ? 17  ASP A CB  1 
ATOM   33   C CG  . ASP A 1 17  ? 2.937   0.397   14.892  1.00 15.91 ? 17  ASP A CG  1 
ATOM   34   O OD1 . ASP A 1 17  ? 3.860   1.015   15.476  1.00 19.77 ? 17  ASP A OD1 1 
ATOM   35   O OD2 . ASP A 1 17  ? 1.811   0.889   14.662  1.00 15.06 ? 17  ASP A OD2 1 
ATOM   36   N N   . LEU A 1 18  ? 4.708   -3.382  12.869  1.00 11.23 ? 18  LEU A N   1 
ATOM   37   C CA  . LEU A 1 18  ? 4.757   -4.818  12.622  1.00 12.34 ? 18  LEU A CA  1 
ATOM   38   C C   . LEU A 1 18  ? 6.099   -5.395  13.044  1.00 13.30 ? 18  LEU A C   1 
ATOM   39   O O   . LEU A 1 18  ? 6.166   -6.501  13.600  1.00 16.88 ? 18  LEU A O   1 
ATOM   40   C CB  . LEU A 1 18  ? 4.489   -5.115  11.150  1.00 11.73 ? 18  LEU A CB  1 
ATOM   41   C CG  . LEU A 1 18  ? 4.481   -6.596  10.768  1.00 11.35 ? 18  LEU A CG  1 
ATOM   42   C CD1 . LEU A 1 18  ? 3.450   -7.382  11.594  1.00 7.56  ? 18  LEU A CD1 1 
ATOM   43   C CD2 . LEU A 1 18  ? 4.190   -6.745  9.275   1.00 10.74 ? 18  LEU A CD2 1 
ATOM   44   N N   . ARG A 1 19  ? 7.177   -4.656  12.808  1.00 10.96 ? 19  ARG A N   1 
ATOM   45   C CA  . ARG A 1 19  ? 8.481   -5.147  13.225  1.00 11.90 ? 19  ARG A CA  1 
ATOM   46   C C   . ARG A 1 19  ? 8.673   -5.021  14.733  1.00 16.24 ? 19  ARG A C   1 
ATOM   47   O O   . ARG A 1 19  ? 9.205   -5.940  15.367  1.00 16.33 ? 19  ARG A O   1 
ATOM   48   C CB  . ARG A 1 19  ? 9.590   -4.397  12.495  1.00 11.65 ? 19  ARG A CB  1 
ATOM   49   C CG  . ARG A 1 19  ? 9.678   -4.679  10.986  1.00 12.13 ? 19  ARG A CG  1 
ATOM   50   C CD  . ARG A 1 19  ? 10.953  -4.078  10.439  1.00 17.31 ? 19  ARG A CD  1 
ATOM   51   N NE  . ARG A 1 19  ? 11.118  -4.245  8.997   1.00 17.99 ? 19  ARG A NE  1 
ATOM   52   C CZ  . ARG A 1 19  ? 11.251  -3.234  8.145   1.00 15.96 ? 19  ARG A CZ  1 
ATOM   53   N NH1 . ARG A 1 19  ? 11.216  -1.981  8.586   1.00 12.04 ? 19  ARG A NH1 1 
ATOM   54   N NH2 . ARG A 1 19  ? 11.425  -3.474  6.849   1.00 13.74 ? 19  ARG A NH2 1 
ATOM   55   N N   . ASP A 1 20  ? 8.244   -3.904  15.324  1.00 12.31 ? 20  ASP A N   1 
ATOM   56   C CA  . ASP A 1 20  ? 8.634   -3.561  16.687  1.00 14.15 ? 20  ASP A CA  1 
ATOM   57   C C   . ASP A 1 20  ? 7.497   -3.505  17.701  1.00 20.87 ? 20  ASP A C   1 
ATOM   58   O O   . ASP A 1 20  ? 7.761   -3.203  18.871  1.00 20.32 ? 20  ASP A O   1 
ATOM   59   C CB  . ASP A 1 20  ? 9.365   -2.209  16.698  1.00 14.39 ? 20  ASP A CB  1 
ATOM   60   C CG  . ASP A 1 20  ? 10.630  -2.220  15.864  1.00 21.52 ? 20  ASP A CG  1 
ATOM   61   O OD1 . ASP A 1 20  ? 11.015  -3.303  15.362  1.00 20.78 ? 20  ASP A OD1 1 
ATOM   62   O OD2 . ASP A 1 20  ? 11.246  -1.139  15.701  1.00 24.66 ? 20  ASP A OD2 1 
ATOM   63   N N   . GLY A 1 21  ? 6.252   -3.776  17.312  1.00 13.50 ? 21  GLY A N   1 
ATOM   64   C CA  . GLY A 1 21  ? 5.143   -3.680  18.237  1.00 13.69 ? 21  GLY A CA  1 
ATOM   65   C C   . GLY A 1 21  ? 4.414   -4.995  18.439  1.00 15.70 ? 21  GLY A C   1 
ATOM   66   O O   . GLY A 1 21  ? 4.697   -6.003  17.779  1.00 16.38 ? 21  GLY A O   1 
ATOM   67   N N   . PRO A 1 22  ? 3.447   -5.010  19.352  1.00 12.56 ? 22  PRO A N   1 
ATOM   68   C CA  . PRO A 1 22  ? 2.663   -6.228  19.575  1.00 13.58 ? 22  PRO A CA  1 
ATOM   69   C C   . PRO A 1 22  ? 1.673   -6.436  18.443  1.00 12.05 ? 22  PRO A C   1 
ATOM   70   O O   . PRO A 1 22  ? 1.339   -5.515  17.699  1.00 16.06 ? 22  PRO A O   1 
ATOM   71   C CB  . PRO A 1 22  ? 1.932   -5.941  20.891  1.00 17.02 ? 22  PRO A CB  1 
ATOM   72   C CG  . PRO A 1 22  ? 1.743   -4.470  20.870  1.00 17.95 ? 22  PRO A CG  1 
ATOM   73   C CD  . PRO A 1 22  ? 2.968   -3.894  20.187  1.00 22.39 ? 22  PRO A CD  1 
ATOM   74   N N   . CYS A 1 23  ? 1.208   -7.672  18.317  1.00 11.35 ? 23  CYS A N   1 
ATOM   75   C CA  . CYS A 1 23  ? 0.219   -7.948  17.285  1.00 12.50 ? 23  CYS A CA  1 
ATOM   76   C C   . CYS A 1 23  ? -1.053  -7.163  17.561  1.00 15.45 ? 23  CYS A C   1 
ATOM   77   O O   . CYS A 1 23  ? -1.457  -6.978  18.716  1.00 12.34 ? 23  CYS A O   1 
ATOM   78   C CB  . CYS A 1 23  ? -0.091  -9.435  17.213  1.00 13.87 ? 23  CYS A CB  1 
ATOM   79   S SG  . CYS A 1 23  ? 1.259   -10.391 16.514  1.00 26.06 ? 23  CYS A SG  1 
ATOM   80   N N   . LYS A 1 24  ? -1.659  -6.675  16.488  1.00 10.38 ? 24  LYS A N   1 
ATOM   81   C CA  . LYS A 1 24  ? -2.954  -6.024  16.526  1.00 9.70  ? 24  LYS A CA  1 
ATOM   82   C C   . LYS A 1 24  ? -3.907  -6.771  15.600  1.00 9.85  ? 24  LYS A C   1 
ATOM   83   O O   . LYS A 1 24  ? -3.492  -7.586  14.768  1.00 9.54  ? 24  LYS A O   1 
ATOM   84   C CB  . LYS A 1 24  ? -2.852  -4.556  16.106  1.00 9.41  ? 24  LYS A CB  1 
ATOM   85   C CG  . LYS A 1 24  ? -1.941  -3.726  17.005  1.00 12.45 ? 24  LYS A CG  1 
ATOM   86   C CD  . LYS A 1 24  ? -2.645  -3.381  18.298  1.00 15.56 ? 24  LYS A CD  1 
ATOM   87   C CE  . LYS A 1 24  ? -1.924  -2.262  19.034  1.00 22.06 ? 24  LYS A CE  1 
ATOM   88   N NZ  . LYS A 1 24  ? -2.692  -1.856  20.250  1.00 25.54 ? 24  LYS A NZ  1 
ATOM   89   N N   . ASP A 1 25  ? -5.201  -6.490  15.758  1.00 8.32  ? 25  ASP A N   1 
ATOM   90   C CA  . ASP A 1 25  ? -6.212  -7.149  14.939  1.00 11.65 ? 25  ASP A CA  1 
ATOM   91   C C   . ASP A 1 25  ? -6.163  -6.710  13.484  1.00 8.42  ? 25  ASP A C   1 
ATOM   92   O O   . ASP A 1 25  ? -6.656  -7.445  12.626  1.00 7.80  ? 25  ASP A O   1 
ATOM   93   C CB  . ASP A 1 25  ? -7.616  -6.878  15.488  1.00 10.81 ? 25  ASP A CB  1 
ATOM   94   C CG  . ASP A 1 25  ? -7.889  -7.618  16.793  1.00 18.02 ? 25  ASP A CG  1 
ATOM   95   O OD1 . ASP A 1 25  ? -7.096  -8.523  17.158  1.00 19.03 ? 25  ASP A OD1 1 
ATOM   96   O OD2 . ASP A 1 25  ? -8.905  -7.299  17.449  1.00 20.81 ? 25  ASP A OD2 1 
ATOM   97   N N   . ILE A 1 26  ? -5.625  -5.525  13.199  1.00 6.01  ? 26  ILE A N   1 
ATOM   98   C CA  . ILE A 1 26  ? -5.544  -4.971  11.850  1.00 6.15  ? 26  ILE A CA  1 
ATOM   99   C C   . ILE A 1 26  ? -4.125  -4.460  11.643  1.00 7.58  ? 26  ILE A C   1 
ATOM   100  O O   . ILE A 1 26  ? -3.606  -3.722  12.483  1.00 8.32  ? 26  ILE A O   1 
ATOM   101  C CB  . ILE A 1 26  ? -6.570  -3.837  11.639  1.00 7.09  ? 26  ILE A CB  1 
ATOM   102  C CG1 . ILE A 1 26  ? -7.993  -4.383  11.792  1.00 10.00 ? 26  ILE A CG1 1 
ATOM   103  C CG2 . ILE A 1 26  ? -6.384  -3.175  10.276  1.00 7.36  ? 26  ILE A CG2 1 
ATOM   104  C CD1 . ILE A 1 26  ? -9.052  -3.310  12.003  1.00 12.59 ? 26  ILE A CD1 1 
ATOM   105  N N   . THR A 1 27  ? -3.491  -4.856  10.539  1.00 7.96  ? 27  THR A N   1 
ATOM   106  C CA  . THR A 1 27  ? -2.113  -4.464  10.248  1.00 6.41  ? 27  THR A CA  1 
ATOM   107  C C   . THR A 1 27  ? -2.063  -3.808  8.877   1.00 6.56  ? 27  THR A C   1 
ATOM   108  O O   . THR A 1 27  ? -2.351  -4.464  7.864   1.00 7.57  ? 27  THR A O   1 
ATOM   109  C CB  . THR A 1 27  ? -1.157  -5.665  10.279  1.00 5.21  ? 27  THR A CB  1 
ATOM   110  O OG1 . THR A 1 27  ? -1.211  -6.304  11.567  1.00 9.05  ? 27  THR A OG1 1 
ATOM   111  C CG2 . THR A 1 27  ? 0.268   -5.219  10.009  1.00 8.81  ? 27  THR A CG2 1 
ATOM   112  N N   . PHE A 1 28  ? -1.667  -2.540  8.849   1.00 6.12  ? 28  PHE A N   1 
ATOM   113  C CA  . PHE A 1 28  ? -1.616  -1.740  7.628   1.00 7.02  ? 28  PHE A CA  1 
ATOM   114  C C   . PHE A 1 28  ? -0.171  -1.698  7.149   1.00 7.80  ? 28  PHE A C   1 
ATOM   115  O O   . PHE A 1 28  ? 0.695   -1.155  7.848   1.00 8.69  ? 28  PHE A O   1 
ATOM   116  C CB  . PHE A 1 28  ? -2.150  -0.328  7.907   1.00 6.16  ? 28  PHE A CB  1 
ATOM   117  C CG  . PHE A 1 28  ? -2.143  0.600   6.711   1.00 8.78  ? 28  PHE A CG  1 
ATOM   118  C CD1 . PHE A 1 28  ? -2.577  0.174   5.466   1.00 10.32 ? 28  PHE A CD1 1 
ATOM   119  C CD2 . PHE A 1 28  ? -1.721  1.918   6.851   1.00 9.40  ? 28  PHE A CD2 1 
ATOM   120  C CE1 . PHE A 1 28  ? -2.575  1.051   4.367   1.00 7.84  ? 28  PHE A CE1 1 
ATOM   121  C CE2 . PHE A 1 28  ? -1.721  2.797   5.776   1.00 9.47  ? 28  PHE A CE2 1 
ATOM   122  C CZ  . PHE A 1 28  ? -2.157  2.360   4.530   1.00 7.11  ? 28  PHE A CZ  1 
ATOM   123  N N   . ILE A 1 29  ? 0.091   -2.261  5.963   1.00 3.96  ? 29  ILE A N   1 
ATOM   124  C CA  . ILE A 1 29  ? 1.433   -2.276  5.379   1.00 4.65  ? 29  ILE A CA  1 
ATOM   125  C C   . ILE A 1 29  ? 1.406   -1.334  4.182   1.00 5.97  ? 29  ILE A C   1 
ATOM   126  O O   . ILE A 1 29  ? 0.704   -1.598  3.202   1.00 6.43  ? 29  ILE A O   1 
ATOM   127  C CB  . ILE A 1 29  ? 1.871   -3.687  4.962   1.00 4.22  ? 29  ILE A CB  1 
ATOM   128  C CG1 . ILE A 1 29  ? 1.893   -4.636  6.169   1.00 9.03  ? 29  ILE A CG1 1 
ATOM   129  C CG2 . ILE A 1 29  ? 3.268   -3.641  4.349   1.00 6.20  ? 29  ILE A CG2 1 
ATOM   130  C CD1 . ILE A 1 29  ? 2.163   -6.102  5.794   1.00 5.64  ? 29  ILE A CD1 1 
ATOM   131  N N   . PHE A 1 30  ? 2.166   -0.240  4.252   1.00 4.16  ? 30  PHE A N   1 
ATOM   132  C CA  . PHE A 1 30  ? 2.037   0.859   3.304   1.00 4.36  ? 30  PHE A CA  1 
ATOM   133  C C   . PHE A 1 30  ? 3.384   1.203   2.692   1.00 5.08  ? 30  PHE A C   1 
ATOM   134  O O   . PHE A 1 30  ? 4.365   1.369   3.419   1.00 6.10  ? 30  PHE A O   1 
ATOM   135  C CB  . PHE A 1 30  ? 1.460   2.106   3.991   1.00 5.61  ? 30  PHE A CB  1 
ATOM   136  C CG  . PHE A 1 30  ? 1.369   3.304   3.089   1.00 7.41  ? 30  PHE A CG  1 
ATOM   137  C CD1 . PHE A 1 30  ? 0.302   3.444   2.209   1.00 5.82  ? 30  PHE A CD1 1 
ATOM   138  C CD2 . PHE A 1 30  ? 2.355   4.278   3.108   1.00 6.17  ? 30  PHE A CD2 1 
ATOM   139  C CE1 . PHE A 1 30  ? 0.214   4.543   1.358   1.00 8.30  ? 30  PHE A CE1 1 
ATOM   140  C CE2 . PHE A 1 30  ? 2.274   5.392   2.260   1.00 9.28  ? 30  PHE A CE2 1 
ATOM   141  C CZ  . PHE A 1 30  ? 1.192   5.518   1.387   1.00 10.46 ? 30  PHE A CZ  1 
ATOM   142  N N   . ALA A 1 31  ? 3.408   1.377   1.364   1.00 4.52  ? 31  ALA A N   1 
ATOM   143  C CA  . ALA A 1 31  ? 4.592   1.795   0.621   1.00 6.24  ? 31  ALA A CA  1 
ATOM   144  C C   . ALA A 1 31  ? 4.372   3.213   0.093   1.00 7.22  ? 31  ALA A C   1 
ATOM   145  O O   . ALA A 1 31  ? 3.412   3.466   -0.644  1.00 6.08  ? 31  ALA A O   1 
ATOM   146  C CB  . ALA A 1 31  ? 4.887   0.826   -0.528  1.00 7.08  ? 31  ALA A CB  1 
ATOM   147  N N   . ARG A 1 32  ? 5.256   4.124   0.476   1.00 5.51  ? 32  ARG A N   1 
ATOM   148  C CA  . ARG A 1 32  ? 5.131   5.544   0.187   1.00 6.11  ? 32  ARG A CA  1 
ATOM   149  C C   . ARG A 1 32  ? 5.494   5.852   -1.269  1.00 7.83  ? 32  ARG A C   1 
ATOM   150  O O   . ARG A 1 32  ? 5.987   5.001   -2.015  1.00 7.12  ? 32  ARG A O   1 
ATOM   151  C CB  . ARG A 1 32  ? 6.025   6.348   1.133   1.00 7.56  ? 32  ARG A CB  1 
ATOM   152  C CG  . ARG A 1 32  ? 7.517   6.259   0.802   1.00 6.67  ? 32  ARG A CG  1 
ATOM   153  C CD  . ARG A 1 32  ? 8.367   6.595   2.025   1.00 9.74  ? 32  ARG A CD  1 
ATOM   154  N NE  . ARG A 1 32  ? 9.790   6.665   1.725   1.00 12.12 ? 32  ARG A NE  1 
ATOM   155  C CZ  . ARG A 1 32  ? 10.601  5.619   1.613   1.00 11.29 ? 32  ARG A CZ  1 
ATOM   156  N NH1 . ARG A 1 32  ? 10.144  4.383   1.778   1.00 9.33  ? 32  ARG A NH1 1 
ATOM   157  N NH2 . ARG A 1 32  ? 11.889  5.817   1.345   1.00 14.16 ? 32  ARG A NH2 1 
ATOM   158  N N   . GLY A 1 33  ? 5.238   7.101   -1.666  1.00 7.97  ? 33  GLY A N   1 
ATOM   159  C CA  . GLY A 1 33  ? 5.546   7.544   -3.008  1.00 6.54  ? 33  GLY A CA  1 
ATOM   160  C C   . GLY A 1 33  ? 5.931   9.006   -3.015  1.00 15.60 ? 33  GLY A C   1 
ATOM   161  O O   . GLY A 1 33  ? 6.025   9.654   -1.968  1.00 16.39 ? 33  GLY A O   1 
ATOM   162  N N   . SER A 1 34  ? 6.145   9.520   -4.228  1.00 19.47 ? 34  SER A N   1 
ATOM   163  C CA  . SER A 1 34  ? 6.614   10.888  -4.447  1.00 21.80 ? 34  SER A CA  1 
ATOM   164  C C   . SER A 1 34  ? 7.847   11.191  -3.593  1.00 19.50 ? 34  SER A C   1 
ATOM   165  O O   . SER A 1 34  ? 8.041   12.313  -3.122  1.00 34.39 ? 34  SER A O   1 
ATOM   166  C CB  . SER A 1 34  ? 5.481   11.884  -4.195  1.00 19.25 ? 34  SER A CB  1 
ATOM   167  O OG  . SER A 1 34  ? 4.441   11.667  -5.140  1.00 25.09 ? 34  SER A OG  1 
ATOM   168  N N   . THR A 1 35  ? 8.719   10.185  -3.450  1.00 20.56 ? 35  THR A N   1 
ATOM   169  C CA  . THR A 1 35  ? 9.789   10.109  -2.450  1.00 25.57 ? 35  THR A CA  1 
ATOM   170  C C   . THR A 1 35  ? 9.626   11.010  -1.227  1.00 29.55 ? 35  THR A C   1 
ATOM   171  O O   . THR A 1 35  ? 10.530  11.775  -0.880  1.00 28.15 ? 35  THR A O   1 
ATOM   172  C CB  . THR A 1 35  ? 11.147  10.358  -3.116  1.00 32.34 ? 35  THR A CB  1 
ATOM   173  O OG1 . THR A 1 35  ? 12.165  10.585  -2.131  1.00 41.59 ? 35  THR A OG1 1 
ATOM   174  C CG2 . THR A 1 35  ? 11.079  11.436  -4.184  1.00 31.99 ? 35  THR A CG2 1 
ATOM   175  N N   . GLU A 1 36  ? 8.495   10.895  -0.547  1.00 21.28 ? 36  GLU A N   1 
ATOM   176  C CA  . GLU A 1 36  ? 8.364   11.486  0.770   1.00 21.95 ? 36  GLU A CA  1 
ATOM   177  C C   . GLU A 1 36  ? 9.289   10.760  1.755   1.00 19.90 ? 36  GLU A C   1 
ATOM   178  O O   . GLU A 1 36  ? 9.663   9.604   1.531   1.00 23.89 ? 36  GLU A O   1 
ATOM   179  C CB  . GLU A 1 36  ? 6.913   11.408  1.228   1.00 20.64 ? 36  GLU A CB  1 
ATOM   180  C CG  . GLU A 1 36  ? 5.954   12.091  0.257   1.00 21.09 ? 36  GLU A CG  1 
ATOM   181  C CD  . GLU A 1 36  ? 4.489   11.884  0.626   1.00 24.55 ? 36  GLU A CD  1 
ATOM   182  O OE1 . GLU A 1 36  ? 3.620   12.287  -0.177  1.00 29.52 ? 36  GLU A OE1 1 
ATOM   183  O OE2 . GLU A 1 36  ? 4.203   11.324  1.711   1.00 20.76 ? 36  GLU A OE2 1 
ATOM   184  N N   . PRO A 1 37  ? 9.702   11.423  2.830   1.00 16.66 ? 37  PRO A N   1 
ATOM   185  C CA  . PRO A 1 37  ? 10.670  10.813  3.745   1.00 17.74 ? 37  PRO A CA  1 
ATOM   186  C C   . PRO A 1 37  ? 9.992   9.878   4.738   1.00 22.22 ? 37  PRO A C   1 
ATOM   187  O O   . PRO A 1 37  ? 8.771   9.857   4.889   1.00 27.47 ? 37  PRO A O   1 
ATOM   188  C CB  . PRO A 1 37  ? 11.286  12.019  4.459   1.00 25.22 ? 37  PRO A CB  1 
ATOM   189  C CG  . PRO A 1 37  ? 10.184  13.028  4.487   1.00 24.17 ? 37  PRO A CG  1 
ATOM   190  C CD  . PRO A 1 37  ? 9.399   12.821  3.199   1.00 24.34 ? 37  PRO A CD  1 
ATOM   191  N N   . GLY A 1 38  ? 10.818  9.099   5.427   1.00 23.56 ? 38  GLY A N   1 
ATOM   192  C CA  . GLY A 1 38  ? 10.323  8.234   6.479   1.00 19.45 ? 38  GLY A CA  1 
ATOM   193  C C   . GLY A 1 38  ? 9.831   6.902   5.947   1.00 20.12 ? 38  GLY A C   1 
ATOM   194  O O   . GLY A 1 38  ? 9.856   6.619   4.748   1.00 25.04 ? 38  GLY A O   1 
ATOM   195  N N   . LEU A 1 39  ? 9.397   6.044   6.876   1.00 15.71 ? 39  LEU A N   1 
ATOM   196  C CA  . LEU A 1 39  ? 8.870   4.746   6.469   1.00 12.56 ? 39  LEU A CA  1 
ATOM   197  C C   . LEU A 1 39  ? 7.497   4.882   5.832   1.00 12.50 ? 39  LEU A C   1 
ATOM   198  O O   . LEU A 1 39  ? 7.164   4.131   4.905   1.00 10.98 ? 39  LEU A O   1 
ATOM   199  C CB  . LEU A 1 39  ? 8.788   3.802   7.670   1.00 12.20 ? 39  LEU A CB  1 
ATOM   200  C CG  . LEU A 1 39  ? 10.118  3.335   8.248   1.00 19.50 ? 39  LEU A CG  1 
ATOM   201  C CD1 . LEU A 1 39  ? 9.902   2.603   9.564   1.00 15.06 ? 39  LEU A CD1 1 
ATOM   202  C CD2 . LEU A 1 39  ? 10.825  2.443   7.249   1.00 19.44 ? 39  LEU A CD2 1 
ATOM   203  N N   . MET A 1 40  ? 6.676   5.812   6.333   1.00 13.08 ? 40  MET A N   1 
ATOM   204  C CA  . MET A 1 40  ? 5.299   5.980   5.880   1.00 10.51 ? 40  MET A CA  1 
ATOM   205  C C   . MET A 1 40  ? 5.101   7.176   4.955   1.00 12.62 ? 40  MET A C   1 
ATOM   206  O O   . MET A 1 40  ? 3.983   7.396   4.482   1.00 9.25  ? 40  MET A O   1 
ATOM   207  C CB  . MET A 1 40  ? 4.363   6.127   7.081   1.00 13.58 ? 40  MET A CB  1 
ATOM   208  C CG  . MET A 1 40  ? 4.215   4.881   7.905   1.00 17.21 ? 40  MET A CG  1 
ATOM   209  S SD  . MET A 1 40  ? 3.163   3.660   7.124   1.00 16.18 ? 40  MET A SD  1 
ATOM   210  C CE  . MET A 1 40  ? 1.582   4.498   7.149   1.00 14.33 ? 40  MET A CE  1 
ATOM   211  N N   . GLY A 1 41  ? 6.142   7.944   4.678   1.00 13.55 ? 41  GLY A N   1 
ATOM   212  C CA  . GLY A 1 41  ? 5.847   9.174   3.990   1.00 12.80 ? 41  GLY A CA  1 
ATOM   213  C C   . GLY A 1 41  ? 5.210   10.179  4.939   1.00 17.15 ? 41  GLY A C   1 
ATOM   214  O O   . GLY A 1 41  ? 5.284   10.062  6.166   1.00 15.79 ? 41  GLY A O   1 
ATOM   215  N N   . ILE A 1 42  ? 4.544   11.168  4.343   1.00 20.03 ? 42  ILE A N   1 
ATOM   216  C CA  . ILE A 1 42  ? 4.097   12.351  5.069   1.00 19.05 ? 42  ILE A CA  1 
ATOM   217  C C   . ILE A 1 42  ? 2.605   12.586  4.863   1.00 21.28 ? 42  ILE A C   1 
ATOM   218  O O   . ILE A 1 42  ? 1.916   13.101  5.753   1.00 24.19 ? 42  ILE A O   1 
ATOM   219  C CB  . ILE A 1 42  ? 4.922   13.582  4.635   1.00 22.61 ? 42  ILE A CB  1 
ATOM   220  C CG1 . ILE A 1 42  ? 6.187   13.688  5.482   1.00 28.79 ? 42  ILE A CG1 1 
ATOM   221  C CG2 . ILE A 1 42  ? 4.111   14.864  4.732   1.00 31.32 ? 42  ILE A CG2 1 
ATOM   222  C CD1 . ILE A 1 42  ? 5.915   14.136  6.902   1.00 34.23 ? 42  ILE A CD1 1 
ATOM   223  N N   . THR A 1 43  ? 2.092   12.194  3.700   1.00 18.34 ? 43  THR A N   1 
ATOM   224  C CA  . THR A 1 43  ? 0.733   12.558  3.317   1.00 19.14 ? 43  THR A CA  1 
ATOM   225  C C   . THR A 1 43  ? -0.267  11.424  3.518   1.00 19.46 ? 43  THR A C   1 
ATOM   226  O O   . THR A 1 43  ? -0.798  11.248  4.624   1.00 16.52 ? 43  THR A O   1 
ATOM   227  C CB  . THR A 1 43  ? 0.709   13.024  1.857   1.00 20.64 ? 43  THR A CB  1 
ATOM   228  O OG1 . THR A 1 43  ? 1.018   11.921  0.997   1.00 26.79 ? 43  THR A OG1 1 
ATOM   229  C CG2 . THR A 1 43  ? 1.734   14.132  1.645   1.00 28.87 ? 43  THR A CG2 1 
ATOM   230  N N   . VAL A 1 44  ? -0.550  10.659  2.460   1.00 12.36 ? 44  VAL A N   1 
ATOM   231  C CA  . VAL A 1 44  ? -1.682  9.731   2.518   1.00 10.93 ? 44  VAL A CA  1 
ATOM   232  C C   . VAL A 1 44  ? -1.401  8.477   3.343   1.00 10.47 ? 44  VAL A C   1 
ATOM   233  O O   . VAL A 1 44  ? -2.348  7.825   3.795   1.00 11.66 ? 44  VAL A O   1 
ATOM   234  C CB  . VAL A 1 44  ? -2.149  9.300   1.117   1.00 15.82 ? 44  VAL A CB  1 
ATOM   235  C CG1 . VAL A 1 44  ? -2.629  10.511  0.325   1.00 17.57 ? 44  VAL A CG1 1 
ATOM   236  C CG2 . VAL A 1 44  ? -1.029  8.579   0.382   1.00 15.36 ? 44  VAL A CG2 1 
ATOM   237  N N   . GLY A 1 45  ? -0.142  8.105   3.546   1.00 12.65 ? 45  GLY A N   1 
ATOM   238  C CA  . GLY A 1 45  ? 0.169   6.973   4.396   1.00 8.86  ? 45  GLY A CA  1 
ATOM   239  C C   . GLY A 1 45  ? -0.292  7.206   5.823   1.00 9.58  ? 45  GLY A C   1 
ATOM   240  O O   . GLY A 1 45  ? -1.156  6.497   6.350   1.00 9.73  ? 45  GLY A O   1 
ATOM   241  N N   . PRO A 1 46  ? 0.303   8.198   6.481   1.00 11.27 ? 46  PRO A N   1 
ATOM   242  C CA  . PRO A 1 46  ? -0.149  8.548   7.839   1.00 11.12 ? 46  PRO A CA  1 
ATOM   243  C C   . PRO A 1 46  ? -1.627  8.883   7.907   1.00 10.85 ? 46  PRO A C   1 
ATOM   244  O O   . PRO A 1 46  ? -2.291  8.492   8.873   1.00 13.53 ? 46  PRO A O   1 
ATOM   245  C CB  . PRO A 1 46  ? 0.736   9.753   8.195   1.00 12.94 ? 46  PRO A CB  1 
ATOM   246  C CG  . PRO A 1 46  ? 1.995   9.532   7.386   1.00 12.95 ? 46  PRO A CG  1 
ATOM   247  C CD  . PRO A 1 46  ? 1.509   8.943   6.082   1.00 12.61 ? 46  PRO A CD  1 
ATOM   248  N N   . ASP A 1 47  ? -2.169  9.579   6.901   1.00 11.23 ? 47  ASP A N   1 
ATOM   249  C CA  . ASP A 1 47  ? -3.600  9.888   6.897   1.00 12.73 ? 47  ASP A CA  1 
ATOM   250  C C   . ASP A 1 47  ? -4.441  8.613   6.938   1.00 10.83 ? 47  ASP A C   1 
ATOM   251  O O   . ASP A 1 47  ? -5.411  8.519   7.699   1.00 11.45 ? 47  ASP A O   1 
ATOM   252  C CB  . ASP A 1 47  ? -3.977  10.715  5.662   1.00 11.71 ? 47  ASP A CB  1 
ATOM   253  C CG  . ASP A 1 47  ? -3.481  12.157  5.718   1.00 24.72 ? 47  ASP A CG  1 
ATOM   254  O OD1 . ASP A 1 47  ? -3.610  12.849  4.683   1.00 28.66 ? 47  ASP A OD1 1 
ATOM   255  O OD2 . ASP A 1 47  ? -2.959  12.604  6.763   1.00 29.89 ? 47  ASP A OD2 1 
ATOM   256  N N   . THR A 1 48  ? -4.101  7.622   6.106   1.00 7.85  ? 48  THR A N   1 
ATOM   257  C CA  . THR A 1 48  ? -4.897  6.401   6.083   1.00 9.46  ? 48  THR A CA  1 
ATOM   258  C C   . THR A 1 48  ? -4.745  5.641   7.393   1.00 9.69  ? 48  THR A C   1 
ATOM   259  O O   . THR A 1 48  ? -5.727  5.129   7.939   1.00 10.22 ? 48  THR A O   1 
ATOM   260  C CB  . THR A 1 48  ? -4.501  5.526   4.888   1.00 9.00  ? 48  THR A CB  1 
ATOM   261  O OG1 . THR A 1 48  ? -4.599  6.290   3.677   1.00 11.57 ? 48  THR A OG1 1 
ATOM   262  C CG2 . THR A 1 48  ? -5.413  4.299   4.776   1.00 8.64  ? 48  THR A CG2 1 
ATOM   263  N N   . CYS A 1 49  ? -3.521  5.581   7.919   1.00 10.46 ? 49  CYS A N   1 
ATOM   264  C CA  . CYS A 1 49  ? -3.291  4.923   9.199   1.00 10.05 ? 49  CYS A CA  1 
ATOM   265  C C   . CYS A 1 49  ? -4.105  5.581   10.305  1.00 10.43 ? 49  CYS A C   1 
ATOM   266  O O   . CYS A 1 49  ? -4.790  4.903   11.084  1.00 10.62 ? 49  CYS A O   1 
ATOM   267  C CB  . CYS A 1 49  ? -1.800  4.960   9.523   1.00 12.45 ? 49  CYS A CB  1 
ATOM   268  S SG  . CYS A 1 49  ? -1.411  4.410   11.184  1.00 23.73 ? 49  CYS A SG  1 
ATOM   269  N N   . ASP A 1 50  ? -4.050  6.910   10.375  1.00 11.18 ? 50  ASP A N   1 
ATOM   270  C CA  . ASP A 1 50  ? -4.782  7.640   11.405  1.00 10.70 ? 50  ASP A CA  1 
ATOM   271  C C   . ASP A 1 50  ? -6.289  7.404   11.301  1.00 11.82 ? 50  ASP A C   1 
ATOM   272  O O   . ASP A 1 50  ? -6.969  7.208   12.317  1.00 8.45  ? 50  ASP A O   1 
ATOM   273  C CB  . ASP A 1 50  ? -4.446  9.126   11.306  1.00 11.28 ? 50  ASP A CB  1 
ATOM   274  N N   . GLU A 1 51  ? -6.834  7.408   10.084  1.00 8.98  ? 51  GLU A N   1 
ATOM   275  C CA  . GLU A 1 51  ? -8.276  7.248   9.955   1.00 9.64  ? 51  GLU A CA  1 
ATOM   276  C C   . GLU A 1 51  ? -8.716  5.806   10.193  1.00 10.38 ? 51  GLU A C   1 
ATOM   277  O O   . GLU A 1 51  ? -9.823  5.575   10.679  1.00 12.24 ? 51  GLU A O   1 
ATOM   278  C CB  . GLU A 1 51  ? -8.740  7.740   8.583   1.00 12.26 ? 51  GLU A CB  1 
ATOM   279  C CG  . GLU A 1 51  ? -8.540  9.227   8.394   1.00 17.80 ? 51  GLU A CG  1 
ATOM   280  C CD  . GLU A 1 51  ? -9.226  10.053  9.470   1.00 18.44 ? 51  GLU A CD  1 
ATOM   281  O OE1 . GLU A 1 51  ? -10.424 9.816   9.726   1.00 23.50 ? 51  GLU A OE1 1 
ATOM   282  O OE2 . GLU A 1 51  ? -8.567  10.942  10.060  1.00 31.02 ? 51  GLU A OE2 1 
ATOM   283  N N   . LEU A 1 52  ? -7.887  4.820   9.839   1.00 10.90 ? 52  LEU A N   1 
ATOM   284  C CA  . LEU A 1 52  ? -8.200  3.448   10.229  1.00 9.04  ? 52  LEU A CA  1 
ATOM   285  C C   . LEU A 1 52  ? -8.237  3.309   11.743  1.00 8.72  ? 52  LEU A C   1 
ATOM   286  O O   . LEU A 1 52  ? -9.138  2.668   12.303  1.00 9.95  ? 52  LEU A O   1 
ATOM   287  C CB  . LEU A 1 52  ? -7.169  2.488   9.645   1.00 10.10 ? 52  LEU A CB  1 
ATOM   288  C CG  . LEU A 1 52  ? -7.430  1.998   8.232   1.00 17.02 ? 52  LEU A CG  1 
ATOM   289  C CD1 . LEU A 1 52  ? -6.181  1.287   7.713   1.00 15.05 ? 52  LEU A CD1 1 
ATOM   290  C CD2 . LEU A 1 52  ? -8.641  1.086   8.187   1.00 13.06 ? 52  LEU A CD2 1 
ATOM   291  N N   . ASN A 1 53  ? -7.269  3.918   12.428  1.00 10.28 ? 53  ASN A N   1 
ATOM   292  C CA  . ASN A 1 53  ? -7.254  3.830   13.881  1.00 10.53 ? 53  ASN A CA  1 
ATOM   293  C C   . ASN A 1 53  ? -8.465  4.523   14.492  1.00 12.07 ? 53  ASN A C   1 
ATOM   294  O O   . ASN A 1 53  ? -8.991  4.063   15.506  1.00 15.46 ? 53  ASN A O   1 
ATOM   295  C CB  . ASN A 1 53  ? -5.966  4.428   14.434  1.00 9.94  ? 53  ASN A CB  1 
ATOM   296  C CG  . ASN A 1 53  ? -5.831  4.231   15.930  1.00 15.82 ? 53  ASN A CG  1 
ATOM   297  O OD1 . ASN A 1 53  ? -5.885  3.110   16.426  1.00 13.04 ? 53  ASN A OD1 1 
ATOM   298  N ND2 . ASN A 1 53  ? -5.660  5.325   16.659  1.00 17.02 ? 53  ASN A ND2 1 
ATOM   299  N N   . ARG A 1 54  ? -8.948  5.605   13.880  1.00 11.54 ? 54  ARG A N   1 
ATOM   300  C CA  . ARG A 1 54  ? -10.127 6.262   14.437  1.00 14.95 ? 54  ARG A CA  1 
ATOM   301  C C   . ARG A 1 54  ? -11.382 5.412   14.265  1.00 14.94 ? 54  ARG A C   1 
ATOM   302  O O   . ARG A 1 54  ? -12.313 5.519   15.072  1.00 14.99 ? 54  ARG A O   1 
ATOM   303  C CB  . ARG A 1 54  ? -10.303 7.642   13.803  1.00 16.43 ? 54  ARG A CB  1 
ATOM   304  C CG  . ARG A 1 54  ? -9.224  8.618   14.216  1.00 20.84 ? 54  ARG A CG  1 
ATOM   305  C CD  . ARG A 1 54  ? -9.635  10.065  13.967  1.00 26.46 ? 54  ARG A CD  1 
ATOM   306  N NE  . ARG A 1 54  ? -8.890  10.973  14.842  1.00 32.74 ? 54  ARG A NE  1 
ATOM   307  C CZ  . ARG A 1 54  ? -9.304  11.354  16.049  1.00 22.50 ? 54  ARG A CZ  1 
ATOM   308  N NH1 . ARG A 1 54  ? -8.560  12.166  16.782  1.00 35.72 ? 54  ARG A NH1 1 
ATOM   309  N NH2 . ARG A 1 54  ? -10.464 10.927  16.525  1.00 25.76 ? 54  ARG A NH2 1 
ATOM   310  N N   . GLU A 1 55  ? -11.427 4.562   13.231  1.00 13.02 ? 55  GLU A N   1 
ATOM   311  C CA  . GLU A 1 55  ? -12.556 3.660   13.016  1.00 13.12 ? 55  GLU A CA  1 
ATOM   312  C C   . GLU A 1 55  ? -12.453 2.372   13.830  1.00 17.43 ? 55  GLU A C   1 
ATOM   313  O O   . GLU A 1 55  ? -13.482 1.744   14.111  1.00 17.92 ? 55  GLU A O   1 
ATOM   314  C CB  . GLU A 1 55  ? -12.673 3.304   11.532  1.00 15.50 ? 55  GLU A CB  1 
ATOM   315  N N   . PHE A 1 56  ? -11.244 1.957   14.205  1.00 11.38 ? 56  PHE A N   1 
ATOM   316  C CA  . PHE A 1 56  ? -11.006 0.700   14.925  1.00 9.68  ? 56  PHE A CA  1 
ATOM   317  C C   . PHE A 1 56  ? -10.009 0.995   16.049  1.00 10.57 ? 56  PHE A C   1 
ATOM   318  O O   . PHE A 1 56  ? -8.882  0.507   16.049  1.00 11.06 ? 56  PHE A O   1 
ATOM   319  C CB  . PHE A 1 56  ? -10.460 -0.394  13.998  1.00 11.08 ? 56  PHE A CB  1 
ATOM   320  C CG  . PHE A 1 56  ? -11.362 -0.727  12.834  1.00 12.52 ? 56  PHE A CG  1 
ATOM   321  C CD1 . PHE A 1 56  ? -12.432 -1.592  12.997  1.00 14.82 ? 56  PHE A CD1 1 
ATOM   322  C CD2 . PHE A 1 56  ? -11.131 -0.187  11.583  1.00 11.67 ? 56  PHE A CD2 1 
ATOM   323  C CE1 . PHE A 1 56  ? -13.258 -1.906  11.937  1.00 13.08 ? 56  PHE A CE1 1 
ATOM   324  C CE2 . PHE A 1 56  ? -11.958 -0.505  10.518  1.00 10.37 ? 56  PHE A CE2 1 
ATOM   325  C CZ  . PHE A 1 56  ? -13.015 -1.363  10.695  1.00 13.55 ? 56  PHE A CZ  1 
ATOM   326  N N   . ARG A 1 57  ? -10.434 1.795   17.031  1.00 11.61 ? 57  ARG A N   1 
ATOM   327  C CA  . ARG A 1 57  ? -9.474  2.457   17.901  1.00 11.32 ? 57  ARG A CA  1 
ATOM   328  C C   . ARG A 1 57  ? -8.698  1.458   18.746  1.00 9.59  ? 57  ARG A C   1 
ATOM   329  O O   . ARG A 1 57  ? -9.280  0.607   19.431  1.00 12.31 ? 57  ARG A O   1 
ATOM   330  C CB  . ARG A 1 57  ? -10.180 3.490   18.785  1.00 16.65 ? 57  ARG A CB  1 
ATOM   331  C CG  . ARG A 1 57  ? -9.332  4.027   19.926  1.00 22.50 ? 57  ARG A CG  1 
ATOM   332  C CD  . ARG A 1 57  ? -9.772  5.441   20.315  1.00 29.37 ? 57  ARG A CD  1 
ATOM   333  N NE  . ARG A 1 57  ? -9.814  6.335   19.155  1.00 29.46 ? 57  ARG A NE  1 
ATOM   334  C CZ  . ARG A 1 57  ? -9.566  7.642   19.202  1.00 40.39 ? 57  ARG A CZ  1 
ATOM   335  N NH1 . ARG A 1 57  ? -9.264  8.217   20.362  1.00 41.14 ? 57  ARG A NH1 1 
ATOM   336  N NH2 . ARG A 1 57  ? -9.627  8.378   18.095  1.00 24.64 ? 57  ARG A NH2 1 
ATOM   337  N N   . GLY A 1 58  ? -7.372  1.568   18.681  1.00 8.59  ? 58  GLY A N   1 
ATOM   338  C CA  . GLY A 1 58  ? -6.471  0.709   19.422  1.00 11.75 ? 58  GLY A CA  1 
ATOM   339  C C   . GLY A 1 58  ? -6.268  -0.670  18.836  1.00 12.24 ? 58  GLY A C   1 
ATOM   340  O O   . GLY A 1 58  ? -5.550  -1.478  19.439  1.00 12.42 ? 58  GLY A O   1 
ATOM   341  N N   . ARG A 1 59  ? -6.880  -0.978  17.691  1.00 8.20  ? 59  ARG A N   1 
ATOM   342  C CA  . ARG A 1 59  ? -6.767  -2.304  17.098  1.00 6.83  ? 59  ARG A CA  1 
ATOM   343  C C   . ARG A 1 59  ? -5.926  -2.314  15.824  1.00 7.62  ? 59  ARG A C   1 
ATOM   344  O O   . ARG A 1 59  ? -5.938  -3.316  15.097  1.00 8.10  ? 59  ARG A O   1 
ATOM   345  C CB  . ARG A 1 59  ? -8.165  -2.872  16.819  1.00 10.55 ? 59  ARG A CB  1 
ATOM   346  C CG  . ARG A 1 59  ? -8.938  -3.191  18.095  1.00 9.73  ? 59  ARG A CG  1 
ATOM   347  C CD  . ARG A 1 59  ? -10.370 -3.656  17.829  1.00 8.86  ? 59  ARG A CD  1 
ATOM   348  N NE  . ARG A 1 59  ? -10.396 -4.933  17.118  1.00 13.16 ? 59  ARG A NE  1 
ATOM   349  C CZ  . ARG A 1 59  ? -11.098 -5.172  16.014  1.00 18.36 ? 59  ARG A CZ  1 
ATOM   350  N NH1 . ARG A 1 59  ? -11.847 -4.218  15.463  1.00 17.14 ? 59  ARG A NH1 1 
ATOM   351  N NH2 . ARG A 1 59  ? -11.047 -6.377  15.453  1.00 18.02 ? 59  ARG A NH2 1 
ATOM   352  N N   . VAL A 1 60  ? -5.177  -1.245  15.553  1.00 7.11  ? 60  VAL A N   1 
ATOM   353  C CA  . VAL A 1 60  ? -4.491  -1.051  14.273  1.00 8.46  ? 60  VAL A CA  1 
ATOM   354  C C   . VAL A 1 60  ? -2.986  -0.920  14.502  1.00 10.74 ? 60  VAL A C   1 
ATOM   355  O O   . VAL A 1 60  ? -2.540  -0.077  15.292  1.00 9.93  ? 60  VAL A O   1 
ATOM   356  C CB  . VAL A 1 60  ? -5.032  0.187   13.533  1.00 9.52  ? 60  VAL A CB  1 
ATOM   357  C CG1 . VAL A 1 60  ? -4.255  0.424   12.241  1.00 10.51 ? 60  VAL A CG1 1 
ATOM   358  C CG2 . VAL A 1 60  ? -6.521  0.017   13.228  1.00 10.06 ? 60  VAL A CG2 1 
ATOM   359  N N   . ALA A 1 61  ? -2.204  -1.740  13.799  1.00 7.82  ? 61  ALA A N   1 
ATOM   360  C CA  . ALA A 1 61  ? -0.756  -1.582  13.713  1.00 7.94  ? 61  ALA A CA  1 
ATOM   361  C C   . ALA A 1 61  ? -0.409  -1.014  12.343  1.00 11.62 ? 61  ALA A C   1 
ATOM   362  O O   . ALA A 1 61  ? -1.024  -1.387  11.342  1.00 8.85  ? 61  ALA A O   1 
ATOM   363  C CB  . ALA A 1 61  ? -0.041  -2.925  13.918  1.00 7.53  ? 61  ALA A CB  1 
ATOM   364  N N   . CYS A 1 62  ? 0.558   -0.101  12.290  1.00 10.10 ? 62  CYS A N   1 
ATOM   365  C CA  . CYS A 1 62  ? 0.927   0.550   11.035  1.00 11.64 ? 62  CYS A CA  1 
ATOM   366  C C   . CYS A 1 62  ? 2.403   0.317   10.732  1.00 11.17 ? 62  CYS A C   1 
ATOM   367  O O   . CYS A 1 62  ? 3.256   0.428   11.621  1.00 9.36  ? 62  CYS A O   1 
ATOM   368  C CB  . CYS A 1 62  ? 0.596   2.051   11.079  1.00 14.50 ? 62  CYS A CB  1 
ATOM   369  S SG  . CYS A 1 62  ? -1.225  2.384   10.959  1.00 23.42 ? 62  CYS A SG  1 
ATOM   370  N N   . GLN A 1 63  ? 2.697   -0.013  9.469   1.00 9.29  ? 63  GLN A N   1 
ATOM   371  C CA  . GLN A 1 63  ? 4.026   -0.463  9.061   1.00 6.62  ? 63  GLN A CA  1 
ATOM   372  C C   . GLN A 1 63  ? 4.372   0.076   7.681   1.00 7.18  ? 63  GLN A C   1 
ATOM   373  O O   . GLN A 1 63  ? 3.728   -0.302  6.695   1.00 6.55  ? 63  GLN A O   1 
ATOM   374  C CB  . GLN A 1 63  ? 4.109   -1.995  9.036   1.00 7.02  ? 63  GLN A CB  1 
ATOM   375  C CG  . GLN A 1 63  ? 5.456   -2.503  8.541   1.00 7.61  ? 63  GLN A CG  1 
ATOM   376  C CD  . GLN A 1 63  ? 6.572   -2.203  9.527   1.00 7.91  ? 63  GLN A CD  1 
ATOM   377  O OE1 . GLN A 1 63  ? 6.492   -2.580  10.695  1.00 10.06 ? 63  GLN A OE1 1 
ATOM   378  N NE2 . GLN A 1 63  ? 7.608   -1.508  9.068   1.00 7.86  ? 63  GLN A NE2 1 
ATOM   379  N N   . GLY A 1 64  ? 5.420   0.903   7.599   1.00 6.82  ? 64  GLY A N   1 
ATOM   380  C CA  . GLY A 1 64  ? 5.895   1.394   6.315   1.00 8.08  ? 64  GLY A CA  1 
ATOM   381  C C   . GLY A 1 64  ? 6.864   0.429   5.653   1.00 8.89  ? 64  GLY A C   1 
ATOM   382  O O   . GLY A 1 64  ? 7.586   -0.310  6.314   1.00 7.96  ? 64  GLY A O   1 
ATOM   383  N N   . VAL A 1 65  ? 6.858   0.420   4.321   1.00 6.29  ? 65  VAL A N   1 
ATOM   384  C CA  . VAL A 1 65  ? 7.814   -0.394  3.571   1.00 5.37  ? 65  VAL A CA  1 
ATOM   385  C C   . VAL A 1 65  ? 9.110   0.404   3.459   1.00 8.79  ? 65  VAL A C   1 
ATOM   386  O O   . VAL A 1 65  ? 9.224   1.336   2.659   1.00 8.45  ? 65  VAL A O   1 
ATOM   387  C CB  . VAL A 1 65  ? 7.282   -0.798  2.196   1.00 6.73  ? 65  VAL A CB  1 
ATOM   388  C CG1 . VAL A 1 65  ? 8.331   -1.651  1.468   1.00 7.51  ? 65  VAL A CG1 1 
ATOM   389  C CG2 . VAL A 1 65  ? 5.965   -1.572  2.330   1.00 6.81  ? 65  VAL A CG2 1 
ATOM   390  N N   . GLY A 1 66  ? 10.099  0.023   4.251   1.00 9.67  ? 66  GLY A N   1 
ATOM   391  C CA  . GLY A 1 66  ? 11.379  0.688   4.277   1.00 12.84 ? 66  GLY A CA  1 
ATOM   392  C C   . GLY A 1 66  ? 12.251  0.042   5.335   1.00 14.30 ? 66  GLY A C   1 
ATOM   393  O O   . GLY A 1 66  ? 11.774  -0.741  6.161   1.00 13.87 ? 66  GLY A O   1 
ATOM   394  N N   . PRO A 1 67  ? 13.540  0.394   5.370   1.00 13.08 ? 67  PRO A N   1 
ATOM   395  C CA  . PRO A 1 67  ? 14.176  1.470   4.603   1.00 11.15 ? 67  PRO A CA  1 
ATOM   396  C C   . PRO A 1 67  ? 14.846  1.037   3.303   1.00 12.41 ? 67  PRO A C   1 
ATOM   397  O O   . PRO A 1 67  ? 15.422  1.902   2.625   1.00 14.84 ? 67  PRO A O   1 
ATOM   398  C CB  . PRO A 1 67  ? 15.226  1.994   5.591   1.00 15.70 ? 67  PRO A CB  1 
ATOM   399  C CG  . PRO A 1 67  ? 15.681  0.734   6.286   1.00 11.11 ? 67  PRO A CG  1 
ATOM   400  C CD  . PRO A 1 67  ? 14.462  -0.172  6.374   1.00 15.25 ? 67  PRO A CD  1 
ATOM   401  N N   . ARG A 1 68  ? 14.801  -0.254  2.954   1.00 14.01 ? 68  ARG A N   1 
ATOM   402  C CA  . ARG A 1 68  ? 15.449  -0.669  1.717   1.00 11.92 ? 68  ARG A CA  1 
ATOM   403  C C   . ARG A 1 68  ? 14.749  -0.074  0.503   1.00 17.93 ? 68  ARG A C   1 
ATOM   404  O O   . ARG A 1 68  ? 15.402  0.242   -0.497  1.00 16.35 ? 68  ARG A O   1 
ATOM   405  C CB  . ARG A 1 68  ? 15.506  -2.192  1.632   1.00 17.36 ? 68  ARG A CB  1 
ATOM   406  C CG  . ARG A 1 68  ? 16.551  -2.778  2.566   1.00 20.15 ? 68  ARG A CG  1 
ATOM   407  C CD  . ARG A 1 68  ? 16.355  -4.256  2.768   1.00 21.96 ? 68  ARG A CD  1 
ATOM   408  N NE  . ARG A 1 68  ? 16.243  -4.943  1.490   1.00 30.91 ? 68  ARG A NE  1 
ATOM   409  C CZ  . ARG A 1 68  ? 15.573  -6.077  1.316   1.00 33.51 ? 68  ARG A CZ  1 
ATOM   410  N NH1 . ARG A 1 68  ? 14.966  -6.657  2.347   1.00 33.45 ? 68  ARG A NH1 1 
ATOM   411  N NH2 . ARG A 1 68  ? 15.512  -6.631  0.115   1.00 26.47 ? 68  ARG A NH2 1 
ATOM   412  N N   . TYR A 1 69  ? 13.434  0.106   0.578   1.00 12.33 ? 69  TYR A N   1 
ATOM   413  C CA  . TYR A 1 69  ? 12.717  0.901   -0.412  1.00 10.59 ? 69  TYR A CA  1 
ATOM   414  C C   . TYR A 1 69  ? 13.049  2.371   -0.188  1.00 11.73 ? 69  TYR A C   1 
ATOM   415  O O   . TYR A 1 69  ? 12.640  2.959   0.814   1.00 9.20  ? 69  TYR A O   1 
ATOM   416  C CB  . TYR A 1 69  ? 11.217  0.643   -0.287  1.00 8.39  ? 69  TYR A CB  1 
ATOM   417  C CG  . TYR A 1 69  ? 10.351  1.519   -1.158  1.00 6.28  ? 69  TYR A CG  1 
ATOM   418  C CD1 . TYR A 1 69  ? 10.725  1.824   -2.458  1.00 8.01  ? 69  TYR A CD1 1 
ATOM   419  C CD2 . TYR A 1 69  ? 9.160   2.041   -0.675  1.00 8.07  ? 69  TYR A CD2 1 
ATOM   420  C CE1 . TYR A 1 69  ? 9.932   2.622   -3.267  1.00 7.72  ? 69  TYR A CE1 1 
ATOM   421  C CE2 . TYR A 1 69  ? 8.346   2.853   -1.481  1.00 8.08  ? 69  TYR A CE2 1 
ATOM   422  C CZ  . TYR A 1 69  ? 8.749   3.138   -2.774  1.00 8.43  ? 69  TYR A CZ  1 
ATOM   423  O OH  . TYR A 1 69  ? 7.968   3.930   -3.585  1.00 7.56  ? 69  TYR A OH  1 
ATOM   424  N N   . GLU A 1 70  ? 13.796  2.972   -1.115  1.00 13.37 ? 70  GLU A N   1 
ATOM   425  C CA  . GLU A 1 70  ? 14.250  4.345   -0.962  1.00 12.54 ? 70  GLU A CA  1 
ATOM   426  C C   . GLU A 1 70  ? 13.377  5.339   -1.715  1.00 12.35 ? 70  GLU A C   1 
ATOM   427  O O   . GLU A 1 70  ? 13.585  6.551   -1.585  1.00 11.92 ? 70  GLU A O   1 
ATOM   428  C CB  . GLU A 1 70  ? 15.711  4.457   -1.414  1.00 15.39 ? 70  GLU A CB  1 
ATOM   429  C CG  . GLU A 1 70  ? 16.621  3.508   -0.658  1.00 16.28 ? 70  GLU A CG  1 
ATOM   430  C CD  . GLU A 1 70  ? 18.044  3.504   -1.173  1.00 29.09 ? 70  GLU A CD  1 
ATOM   431  O OE1 . GLU A 1 70  ? 18.942  3.109   -0.402  1.00 36.04 ? 70  GLU A OE1 1 
ATOM   432  O OE2 . GLU A 1 70  ? 18.266  3.887   -2.342  1.00 29.94 ? 70  GLU A OE2 1 
ATOM   433  N N   . ALA A 1 71  ? 12.398  4.843   -2.482  1.00 12.21 ? 71  ALA A N   1 
ATOM   434  C CA  . ALA A 1 71  ? 11.402  5.664   -3.178  1.00 11.12 ? 71  ALA A CA  1 
ATOM   435  C C   . ALA A 1 71  ? 12.045  6.677   -4.123  1.00 12.00 ? 71  ALA A C   1 
ATOM   436  O O   . ALA A 1 71  ? 11.547  7.784   -4.294  1.00 13.58 ? 71  ALA A O   1 
ATOM   437  C CB  . ALA A 1 71  ? 10.473  6.370   -2.185  1.00 13.74 ? 71  ALA A CB  1 
ATOM   438  N N   . SER A 1 72  ? 13.132  6.293   -4.775  1.00 11.40 ? 72  SER A N   1 
ATOM   439  C CA  . SER A 1 72  ? 13.806  7.228   -5.668  1.00 14.70 ? 72  SER A CA  1 
ATOM   440  C C   . SER A 1 72  ? 12.993  7.467   -6.937  1.00 13.63 ? 72  SER A C   1 
ATOM   441  O O   . SER A 1 72  ? 12.381  6.551   -7.491  1.00 12.53 ? 72  SER A O   1 
ATOM   442  C CB  . SER A 1 72  ? 15.197  6.709   -6.025  1.00 15.38 ? 72  SER A CB  1 
ATOM   443  O OG  . SER A 1 72  ? 15.127  5.785   -7.092  1.00 22.23 ? 72  SER A OG  1 
ATOM   444  N N   . LEU A 1 73  ? 13.013  8.712   -7.422  1.00 12.35 ? 73  LEU A N   1 
ATOM   445  C CA  . LEU A 1 73  ? 12.249  9.046   -8.624  1.00 8.69  ? 73  LEU A CA  1 
ATOM   446  C C   . LEU A 1 73  ? 12.721  8.234   -9.826  1.00 9.15  ? 73  LEU A C   1 
ATOM   447  O O   . LEU A 1 73  ? 11.908  7.791   -10.646 1.00 9.30  ? 73  LEU A O   1 
ATOM   448  C CB  . LEU A 1 73  ? 12.370  10.547  -8.903  1.00 12.16 ? 73  LEU A CB  1 
ATOM   449  C CG  . LEU A 1 73  ? 11.328  11.218  -9.790  1.00 13.10 ? 73  LEU A CG  1 
ATOM   450  C CD1 . LEU A 1 73  ? 9.950   11.027  -9.196  1.00 15.54 ? 73  LEU A CD1 1 
ATOM   451  C CD2 . LEU A 1 73  ? 11.640  12.707  -9.922  1.00 12.86 ? 73  LEU A CD2 1 
ATOM   452  N N   . ALA A 1 74  ? 14.035  8.022   -9.946  1.00 12.61 ? 74  ALA A N   1 
ATOM   453  C CA  . ALA A 1 74  ? 14.565  7.284   -11.088 1.00 12.36 ? 74  ALA A CA  1 
ATOM   454  C C   . ALA A 1 74  ? 14.125  5.822   -11.069 1.00 15.53 ? 74  ALA A C   1 
ATOM   455  O O   . ALA A 1 74  ? 14.080  5.173   -12.125 1.00 13.15 ? 74  ALA A O   1 
ATOM   456  C CB  . ALA A 1 74  ? 16.090  7.383   -11.105 1.00 13.68 ? 74  ALA A CB  1 
ATOM   457  N N   . GLY A 1 75  ? 13.799  5.291   -9.883  1.00 14.14 ? 75  GLY A N   1 
ATOM   458  C CA  . GLY A 1 75  ? 13.343  3.912   -9.759  1.00 9.24  ? 75  GLY A CA  1 
ATOM   459  C C   . GLY A 1 75  ? 12.051  3.619   -10.502 1.00 10.18 ? 75  GLY A C   1 
ATOM   460  O O   . GLY A 1 75  ? 11.762  2.452   -10.791 1.00 11.03 ? 75  GLY A O   1 
ATOM   461  N N   . ASN A 1 76  ? 11.274  4.656   -10.835 1.00 9.84  ? 76  ASN A N   1 
ATOM   462  C CA  . ASN A 1 76  ? 10.066  4.466   -11.626 1.00 9.79  ? 76  ASN A CA  1 
ATOM   463  C C   . ASN A 1 76  ? 10.355  3.899   -13.010 1.00 10.15 ? 76  ASN A C   1 
ATOM   464  O O   . ASN A 1 76  ? 9.444   3.384   -13.658 1.00 9.31  ? 76  ASN A O   1 
ATOM   465  C CB  . ASN A 1 76  ? 9.313   5.794   -11.794 1.00 11.00 ? 76  ASN A CB  1 
ATOM   466  C CG  . ASN A 1 76  ? 8.698   6.281   -10.517 1.00 12.27 ? 76  ASN A CG  1 
ATOM   467  O OD1 . ASN A 1 76  ? 7.654   5.784   -10.100 1.00 10.60 ? 76  ASN A OD1 1 
ATOM   468  N ND2 . ASN A 1 76  ? 9.325   7.280   -9.892  1.00 10.16 ? 76  ASN A ND2 1 
ATOM   469  N N   . PHE A 1 77  ? 11.592  3.981   -13.488 1.00 11.29 ? 77  PHE A N   1 
ATOM   470  C CA  . PHE A 1 77  ? 11.878  3.590   -14.861 1.00 12.01 ? 77  PHE A CA  1 
ATOM   471  C C   . PHE A 1 77  ? 12.576  2.245   -14.943 1.00 12.88 ? 77  PHE A C   1 
ATOM   472  O O   . PHE A 1 77  ? 12.923  1.793   -16.038 1.00 15.79 ? 77  PHE A O   1 
ATOM   473  C CB  . PHE A 1 77  ? 12.659  4.713   -15.543 1.00 14.06 ? 77  PHE A CB  1 
ATOM   474  C CG  . PHE A 1 77  ? 11.841  5.950   -15.675 1.00 10.29 ? 77  PHE A CG  1 
ATOM   475  C CD1 . PHE A 1 77  ? 10.975  6.102   -16.744 1.00 15.14 ? 77  PHE A CD1 1 
ATOM   476  C CD2 . PHE A 1 77  ? 11.839  6.908   -14.676 1.00 11.90 ? 77  PHE A CD2 1 
ATOM   477  C CE1 . PHE A 1 77  ? 10.164  7.211   -16.839 1.00 15.65 ? 77  PHE A CE1 1 
ATOM   478  C CE2 . PHE A 1 77  ? 11.029  8.015   -14.768 1.00 15.03 ? 77  PHE A CE2 1 
ATOM   479  C CZ  . PHE A 1 77  ? 10.194  8.167   -15.858 1.00 14.44 ? 77  PHE A CZ  1 
ATOM   480  N N   . LEU A 1 78  ? 12.733  1.570   -13.806 1.00 12.63 ? 78  LEU A N   1 
ATOM   481  C CA  . LEU A 1 78  ? 13.135  0.179   -13.806 1.00 10.84 ? 78  LEU A CA  1 
ATOM   482  C C   . LEU A 1 78  ? 11.986  -0.684  -14.345 1.00 12.79 ? 78  LEU A C   1 
ATOM   483  O O   . LEU A 1 78  ? 10.837  -0.235  -14.415 1.00 11.04 ? 78  LEU A O   1 
ATOM   484  C CB  . LEU A 1 78  ? 13.546  -0.234  -12.389 1.00 9.70  ? 78  LEU A CB  1 
ATOM   485  C CG  . LEU A 1 78  ? 14.750  0.501   -11.800 1.00 12.53 ? 78  LEU A CG  1 
ATOM   486  C CD1 . LEU A 1 78  ? 14.873  0.259   -10.292 1.00 14.94 ? 78  LEU A CD1 1 
ATOM   487  C CD2 . LEU A 1 78  ? 16.045  0.110   -12.485 1.00 16.33 ? 78  LEU A CD2 1 
ATOM   488  N N   . PRO A 1 79  ? 12.274  -1.928  -14.753 1.00 13.29 ? 79  PRO A N   1 
ATOM   489  C CA  . PRO A 1 79  ? 11.243  -2.732  -15.451 1.00 13.85 ? 79  PRO A CA  1 
ATOM   490  C C   . PRO A 1 79  ? 9.922   -2.897  -14.712 1.00 13.58 ? 79  PRO A C   1 
ATOM   491  O O   . PRO A 1 79  ? 8.862   -2.904  -15.349 1.00 16.54 ? 79  PRO A O   1 
ATOM   492  C CB  . PRO A 1 79  ? 11.935  -4.088  -15.639 1.00 16.76 ? 79  PRO A CB  1 
ATOM   493  C CG  . PRO A 1 79  ? 13.398  -3.758  -15.667 1.00 21.45 ? 79  PRO A CG  1 
ATOM   494  C CD  . PRO A 1 79  ? 13.591  -2.597  -14.749 1.00 17.19 ? 79  PRO A CD  1 
ATOM   495  N N   . ARG A 1 80  ? 9.946   -3.058  -13.395 1.00 9.36  ? 80  ARG A N   1 
ATOM   496  C CA  . ARG A 1 80  ? 8.713   -3.235  -12.643 1.00 11.87 ? 80  ARG A CA  1 
ATOM   497  C C   . ARG A 1 80  ? 8.197   -1.930  -12.053 1.00 11.05 ? 80  ARG A C   1 
ATOM   498  O O   . ARG A 1 80  ? 7.230   -1.952  -11.287 1.00 9.58  ? 80  ARG A O   1 
ATOM   499  C CB  . ARG A 1 80  ? 8.926   -4.274  -11.547 1.00 12.65 ? 80  ARG A CB  1 
ATOM   500  C CG  . ARG A 1 80  ? 9.525   -5.583  -12.091 1.00 12.78 ? 80  ARG A CG  1 
ATOM   501  C CD  . ARG A 1 80  ? 9.667   -6.641  -11.005 1.00 15.76 ? 80  ARG A CD  1 
ATOM   502  N NE  . ARG A 1 80  ? 8.392   -7.285  -10.705 1.00 14.65 ? 80  ARG A NE  1 
ATOM   503  C CZ  . ARG A 1 80  ? 8.246   -8.270  -9.821  1.00 17.41 ? 80  ARG A CZ  1 
ATOM   504  N NH1 . ARG A 1 80  ? 9.301   -8.730  -9.160  1.00 15.55 ? 80  ARG A NH1 1 
ATOM   505  N NH2 . ARG A 1 80  ? 7.050   -8.801  -9.606  1.00 15.29 ? 80  ARG A NH2 1 
ATOM   506  N N   . GLY A 1 81  ? 8.806   -0.800  -12.404 1.00 9.32  ? 81  GLY A N   1 
ATOM   507  C CA  . GLY A 1 81  ? 8.382   0.470   -11.851 1.00 9.49  ? 81  GLY A CA  1 
ATOM   508  C C   . GLY A 1 81  ? 8.909   0.773   -10.471 1.00 7.89  ? 81  GLY A C   1 
ATOM   509  O O   . GLY A 1 81  ? 8.492   1.773   -9.873  1.00 7.19  ? 81  GLY A O   1 
ATOM   510  N N   . THR A 1 82  ? 9.811   -0.051  -9.946  1.00 6.69  ? 82  THR A N   1 
ATOM   511  C CA  . THR A 1 82  ? 10.465  0.168   -8.661  1.00 9.02  ? 82  THR A CA  1 
ATOM   512  C C   . THR A 1 82  ? 11.620  -0.824  -8.586  1.00 9.03  ? 82  THR A C   1 
ATOM   513  O O   . THR A 1 82  ? 11.844  -1.618  -9.509  1.00 9.42  ? 82  THR A O   1 
ATOM   514  C CB  . THR A 1 82  ? 9.490   0.022   -7.478  1.00 10.29 ? 82  THR A CB  1 
ATOM   515  O OG1 . THR A 1 82  ? 10.097  0.541   -6.283  1.00 9.47  ? 82  THR A OG1 1 
ATOM   516  C CG2 . THR A 1 82  ? 9.121   -1.428  -7.259  1.00 9.10  ? 82  THR A CG2 1 
ATOM   517  N N   . THR A 1 83  ? 12.354  -0.779  -7.479  1.00 9.56  ? 83  THR A N   1 
ATOM   518  C CA  . THR A 1 83  ? 13.503  -1.656  -7.308  1.00 10.00 ? 83  THR A CA  1 
ATOM   519  C C   . THR A 1 83  ? 13.063  -3.029  -6.821  1.00 11.26 ? 83  THR A C   1 
ATOM   520  O O   . THR A 1 83  ? 12.068  -3.173  -6.100  1.00 10.17 ? 83  THR A O   1 
ATOM   521  C CB  . THR A 1 83  ? 14.498  -1.079  -6.299  1.00 11.64 ? 83  THR A CB  1 
ATOM   522  O OG1 . THR A 1 83  ? 13.873  -0.994  -5.018  1.00 12.52 ? 83  THR A OG1 1 
ATOM   523  C CG2 . THR A 1 83  ? 14.975  0.307   -6.700  1.00 12.07 ? 83  THR A CG2 1 
ATOM   524  N N   . GLN A 1 84  ? 13.828  -4.046  -7.215  1.00 10.22 ? 84  GLN A N   1 
ATOM   525  C CA  . GLN A 1 84  ? 13.573  -5.384  -6.689  1.00 12.55 ? 84  GLN A CA  1 
ATOM   526  C C   . GLN A 1 84  ? 13.779  -5.432  -5.183  1.00 9.81  ? 84  GLN A C   1 
ATOM   527  O O   . GLN A 1 84  ? 13.093  -6.191  -4.492  1.00 11.02 ? 84  GLN A O   1 
ATOM   528  C CB  . GLN A 1 84  ? 14.467  -6.413  -7.387  1.00 16.00 ? 84  GLN A CB  1 
ATOM   529  C CG  . GLN A 1 84  ? 14.095  -7.875  -7.086  1.00 19.57 ? 84  GLN A CG  1 
ATOM   530  C CD  . GLN A 1 84  ? 12.678  -8.239  -7.521  1.00 23.35 ? 84  GLN A CD  1 
ATOM   531  O OE1 . GLN A 1 84  ? 12.204  -7.814  -8.583  1.00 21.92 ? 84  GLN A OE1 1 
ATOM   532  N NE2 . GLN A 1 84  ? 11.988  -9.021  -6.694  1.00 21.11 ? 84  GLN A NE2 1 
ATOM   533  N N   . ALA A 1 85  ? 14.710  -4.630  -4.654  1.00 13.27 ? 85  ALA A N   1 
ATOM   534  C CA  . ALA A 1 85  ? 14.901  -4.585  -3.207  1.00 11.89 ? 85  ALA A CA  1 
ATOM   535  C C   . ALA A 1 85  ? 13.624  -4.148  -2.491  1.00 9.56  ? 85  ALA A C   1 
ATOM   536  O O   . ALA A 1 85  ? 13.287  -4.684  -1.433  1.00 9.44  ? 85  ALA A O   1 
ATOM   537  C CB  . ALA A 1 85  ? 16.054  -3.648  -2.851  1.00 11.35 ? 85  ALA A CB  1 
ATOM   538  N N   . ALA A 1 86  ? 12.912  -3.171  -3.052  1.00 10.47 ? 86  ALA A N   1 
ATOM   539  C CA  . ALA A 1 86  ? 11.672  -2.691  -2.447  1.00 10.12 ? 86  ALA A CA  1 
ATOM   540  C C   . ALA A 1 86  ? 10.593  -3.766  -2.467  1.00 9.07  ? 86  ALA A C   1 
ATOM   541  O O   . ALA A 1 86  ? 9.873   -3.960  -1.477  1.00 7.46  ? 86  ALA A O   1 
ATOM   542  C CB  . ALA A 1 86  ? 11.188  -1.447  -3.189  1.00 8.99  ? 86  ALA A CB  1 
ATOM   543  N N   . ILE A 1 87  ? 10.454  -4.452  -3.601  1.00 8.83  ? 87  ILE A N   1 
ATOM   544  C CA  . ILE A 1 87  ? 9.477   -5.527  -3.723  1.00 8.29  ? 87  ILE A CA  1 
ATOM   545  C C   . ILE A 1 87  ? 9.789   -6.636  -2.725  1.00 7.62  ? 87  ILE A C   1 
ATOM   546  O O   . ILE A 1 87  ? 8.890   -7.156  -2.055  1.00 7.58  ? 87  ILE A O   1 
ATOM   547  C CB  . ILE A 1 87  ? 9.439   -6.040  -5.178  1.00 9.66  ? 87  ILE A CB  1 
ATOM   548  C CG1 . ILE A 1 87  ? 8.837   -4.975  -6.100  1.00 8.98  ? 87  ILE A CG1 1 
ATOM   549  C CG2 . ILE A 1 87  ? 8.645   -7.334  -5.280  1.00 9.60  ? 87  ILE A CG2 1 
ATOM   550  C CD1 . ILE A 1 87  ? 9.163   -5.171  -7.589  1.00 9.02  ? 87  ILE A CD1 1 
ATOM   551  N N   . ASP A 1 88  ? 11.071  -7.006  -2.606  1.00 9.55  ? 88  ASP A N   1 
ATOM   552  C CA  . ASP A 1 88  ? 11.479  -8.026  -1.636  1.00 10.93 ? 88  ASP A CA  1 
ATOM   553  C C   . ASP A 1 88  ? 11.168  -7.600  -0.206  1.00 10.67 ? 88  ASP A C   1 
ATOM   554  O O   . ASP A 1 88  ? 10.708  -8.410  0.613   1.00 8.68  ? 88  ASP A O   1 
ATOM   555  C CB  . ASP A 1 88  ? 12.981  -8.312  -1.776  1.00 10.35 ? 88  ASP A CB  1 
ATOM   556  C CG  . ASP A 1 88  ? 13.339  -8.983  -3.098  1.00 21.88 ? 88  ASP A CG  1 
ATOM   557  O OD1 . ASP A 1 88  ? 12.426  -9.461  -3.811  1.00 17.31 ? 88  ASP A OD1 1 
ATOM   558  O OD2 . ASP A 1 88  ? 14.549  -9.034  -3.422  1.00 24.35 ? 88  ASP A OD2 1 
ATOM   559  N N   . GLU A 1 89  ? 11.432  -6.334  0.119   1.00 10.02 ? 89  GLU A N   1 
ATOM   560  C CA  . GLU A 1 89  ? 11.166  -5.839  1.463   1.00 8.17  ? 89  GLU A CA  1 
ATOM   561  C C   . GLU A 1 89  ? 9.681   -5.899  1.794   1.00 10.32 ? 89  GLU A C   1 
ATOM   562  O O   . GLU A 1 89  ? 9.295   -6.305  2.902   1.00 7.97  ? 89  GLU A O   1 
ATOM   563  C CB  . GLU A 1 89  ? 11.687  -4.414  1.586   1.00 9.36  ? 89  GLU A CB  1 
ATOM   564  C CG  . GLU A 1 89  ? 11.645  -3.847  2.978   1.00 11.43 ? 89  GLU A CG  1 
ATOM   565  C CD  . GLU A 1 89  ? 12.385  -2.540  3.057   1.00 19.19 ? 89  GLU A CD  1 
ATOM   566  O OE1 . GLU A 1 89  ? 12.057  -1.643  2.246   1.00 15.18 ? 89  GLU A OE1 1 
ATOM   567  O OE2 . GLU A 1 89  ? 13.300  -2.416  3.908   1.00 16.01 ? 89  GLU A OE2 1 
ATOM   568  N N   . ALA A 1 90  ? 8.831   -5.487  0.847   1.00 6.75  ? 90  ALA A N   1 
ATOM   569  C CA  . ALA A 1 90  ? 7.392   -5.557  1.077   1.00 6.32  ? 90  ALA A CA  1 
ATOM   570  C C   . ALA A 1 90  ? 6.930   -6.990  1.250   1.00 6.31  ? 90  ALA A C   1 
ATOM   571  O O   . ALA A 1 90  ? 6.130   -7.285  2.144   1.00 5.56  ? 90  ALA A O   1 
ATOM   572  C CB  . ALA A 1 90  ? 6.637   -4.900  -0.075  1.00 6.55  ? 90  ALA A CB  1 
ATOM   573  N N   . ALA A 1 91  ? 7.415   -7.899  0.399   1.00 6.10  ? 91  ALA A N   1 
ATOM   574  C CA  . ALA A 1 91  ? 6.995   -9.291  0.508   1.00 6.58  ? 91  ALA A CA  1 
ATOM   575  C C   . ALA A 1 91  ? 7.396   -9.867  1.855   1.00 7.49  ? 91  ALA A C   1 
ATOM   576  O O   . ALA A 1 91  ? 6.619   -10.602 2.476   1.00 5.49  ? 91  ALA A O   1 
ATOM   577  C CB  . ALA A 1 91  ? 7.581   -10.117 -0.640  1.00 8.79  ? 91  ALA A CB  1 
ATOM   578  N N   . GLU A 1 92  ? 8.580   -9.487  2.349   1.00 7.65  ? 92  GLU A N   1 
ATOM   579  C CA  . GLU A 1 92  ? 9.028   -9.965  3.655   1.00 11.35 ? 92  GLU A CA  1 
ATOM   580  C C   . GLU A 1 92  ? 8.096   -9.486  4.755   1.00 8.10  ? 92  GLU A C   1 
ATOM   581  O O   . GLU A 1 92  ? 7.828   -10.213 5.719   1.00 7.57  ? 92  GLU A O   1 
ATOM   582  C CB  . GLU A 1 92  ? 10.461  -9.500  3.931   1.00 12.42 ? 92  GLU A CB  1 
ATOM   583  C CG  . GLU A 1 92  ? 10.954  -9.841  5.340   1.00 15.41 ? 92  GLU A CG  1 
ATOM   584  N N   . LEU A 1 93  ? 7.574   -8.264  4.617   1.00 5.84  ? 93  LEU A N   1 
ATOM   585  C CA  . LEU A 1 93  ? 6.670   -7.726  5.625   1.00 6.86  ? 93  LEU A CA  1 
ATOM   586  C C   . LEU A 1 93  ? 5.313   -8.428  5.598   1.00 6.58  ? 93  LEU A C   1 
ATOM   587  O O   . LEU A 1 93  ? 4.740   -8.714  6.654   1.00 6.05  ? 93  LEU A O   1 
ATOM   588  C CB  . LEU A 1 93  ? 6.516   -6.224  5.419   1.00 7.97  ? 93  LEU A CB  1 
ATOM   589  C CG  . LEU A 1 93  ? 7.763   -5.425  5.825   1.00 9.76  ? 93  LEU A CG  1 
ATOM   590  C CD1 . LEU A 1 93  ? 7.657   -3.937  5.425   1.00 7.54  ? 93  LEU A CD1 1 
ATOM   591  C CD2 . LEU A 1 93  ? 7.980   -5.562  7.341   1.00 9.57  ? 93  LEU A CD2 1 
ATOM   592  N N   . PHE A 1 94  ? 4.781   -8.729  4.403   1.00 4.99  ? 94  PHE A N   1 
ATOM   593  C CA  . PHE A 1 94  ? 3.540   -9.502  4.354   1.00 5.63  ? 94  PHE A CA  1 
ATOM   594  C C   . PHE A 1 94  ? 3.725   -10.875 4.981   1.00 6.34  ? 94  PHE A C   1 
ATOM   595  O O   . PHE A 1 94  ? 2.859   -11.343 5.731   1.00 6.25  ? 94  PHE A O   1 
ATOM   596  C CB  . PHE A 1 94  ? 3.039   -9.658  2.916   1.00 4.73  ? 94  PHE A CB  1 
ATOM   597  C CG  . PHE A 1 94  ? 2.367   -8.421  2.373   1.00 5.81  ? 94  PHE A CG  1 
ATOM   598  C CD1 . PHE A 1 94  ? 1.070   -8.104  2.740   1.00 6.34  ? 94  PHE A CD1 1 
ATOM   599  C CD2 . PHE A 1 94  ? 3.037   -7.577  1.500   1.00 6.05  ? 94  PHE A CD2 1 
ATOM   600  C CE1 . PHE A 1 94  ? 0.449   -6.971  2.253   1.00 6.44  ? 94  PHE A CE1 1 
ATOM   601  C CE2 . PHE A 1 94  ? 2.424   -6.424  1.004   1.00 7.56  ? 94  PHE A CE2 1 
ATOM   602  C CZ  . PHE A 1 94  ? 1.111   -6.124  1.382   1.00 6.65  ? 94  PHE A CZ  1 
ATOM   603  N N   . ASN A 1 95  ? 4.849   -11.530 4.688   1.00 7.58  ? 95  ASN A N   1 
ATOM   604  C CA  . ASN A 1 95  ? 5.125   -12.839 5.274   1.00 8.66  ? 95  ASN A CA  1 
ATOM   605  C C   . ASN A 1 95  ? 5.328   -12.751 6.786   1.00 8.92  ? 95  ASN A C   1 
ATOM   606  O O   . ASN A 1 95  ? 4.917   -13.665 7.514   1.00 8.91  ? 95  ASN A O   1 
ATOM   607  C CB  . ASN A 1 95  ? 6.343   -13.466 4.586   1.00 8.37  ? 95  ASN A CB  1 
ATOM   608  C CG  . ASN A 1 95  ? 6.009   -14.002 3.203   1.00 13.05 ? 95  ASN A CG  1 
ATOM   609  O OD1 . ASN A 1 95  ? 4.917   -14.517 2.983   1.00 14.34 ? 95  ASN A OD1 1 
ATOM   610  N ND2 . ASN A 1 95  ? 6.931   -13.862 2.263   1.00 12.45 ? 95  ASN A ND2 1 
ATOM   611  N N   . LEU A 1 96  ? 5.921   -11.654 7.271   1.00 7.29  ? 96  LEU A N   1 
ATOM   612  C CA  . LEU A 1 96  ? 6.107   -11.460 8.708   1.00 8.33  ? 96  LEU A CA  1 
ATOM   613  C C   . LEU A 1 96  ? 4.771   -11.322 9.423   1.00 7.46  ? 96  LEU A C   1 
ATOM   614  O O   . LEU A 1 96  ? 4.553   -11.925 10.478  1.00 9.77  ? 96  LEU A O   1 
ATOM   615  C CB  . LEU A 1 96  ? 6.984   -10.238 8.962   1.00 8.97  ? 96  LEU A CB  1 
ATOM   616  C CG  . LEU A 1 96  ? 7.186   -9.839  10.430  1.00 9.79  ? 96  LEU A CG  1 
ATOM   617  C CD1 . LEU A 1 96  ? 7.844   -10.945 11.229  1.00 13.73 ? 96  LEU A CD1 1 
ATOM   618  C CD2 . LEU A 1 96  ? 7.989   -8.549  10.546  1.00 11.79 ? 96  LEU A CD2 1 
ATOM   619  N N   . ALA A 1 97  ? 3.866   -10.511 8.875   1.00 7.86  ? 97  ALA A N   1 
ATOM   620  C CA  . ALA A 1 97  ? 2.514   -10.447 9.424   1.00 6.89  ? 97  ALA A CA  1 
ATOM   621  C C   . ALA A 1 97  ? 1.898   -11.842 9.541   1.00 8.98  ? 97  ALA A C   1 
ATOM   622  O O   . ALA A 1 97  ? 1.237   -12.165 10.537  1.00 7.30  ? 97  ALA A O   1 
ATOM   623  C CB  . ALA A 1 97  ? 1.652   -9.537  8.554   1.00 7.09  ? 97  ALA A CB  1 
ATOM   624  N N   . HIS A 1 98  ? 2.121   -12.687 8.535   1.00 7.31  ? 98  HIS A N   1 
ATOM   625  C CA  . HIS A 1 98  ? 1.531   -14.022 8.529   1.00 9.52  ? 98  HIS A CA  1 
ATOM   626  C C   . HIS A 1 98  ? 2.099   -14.905 9.637   1.00 10.78 ? 98  HIS A C   1 
ATOM   627  O O   . HIS A 1 98  ? 1.351   -15.658 10.275  1.00 10.12 ? 98  HIS A O   1 
ATOM   628  C CB  . HIS A 1 98  ? 1.756   -14.677 7.167   1.00 9.45  ? 98  HIS A CB  1 
ATOM   629  C CG  . HIS A 1 98  ? 1.158   -16.042 7.044   1.00 9.68  ? 98  HIS A CG  1 
ATOM   630  N ND1 . HIS A 1 98  ? -0.204  -16.264 7.056   1.00 12.54 ? 98  HIS A ND1 1 
ATOM   631  C CD2 . HIS A 1 98  ? 1.737   -17.256 6.883   1.00 14.69 ? 98  HIS A CD2 1 
ATOM   632  C CE1 . HIS A 1 98  ? -0.437  -17.558 6.910   1.00 15.07 ? 98  HIS A CE1 1 
ATOM   633  N NE2 . HIS A 1 98  ? 0.723   -18.183 6.805   1.00 16.59 ? 98  HIS A NE2 1 
ATOM   634  N N   . THR A 1 99  ? 3.408   -14.833 9.887   1.00 7.53  ? 99  THR A N   1 
ATOM   635  C CA  . THR A 1 99  ? 3.981   -15.714 10.903  1.00 8.05  ? 99  THR A CA  1 
ATOM   636  C C   . THR A 1 99  ? 3.905   -15.108 12.303  1.00 12.00 ? 99  THR A C   1 
ATOM   637  O O   . THR A 1 99  ? 3.665   -15.827 13.280  1.00 13.44 ? 99  THR A O   1 
ATOM   638  C CB  . THR A 1 99  ? 5.439   -16.062 10.557  1.00 11.35 ? 99  THR A CB  1 
ATOM   639  O OG1 . THR A 1 99  ? 6.207   -14.867 10.384  1.00 12.13 ? 99  THR A OG1 1 
ATOM   640  C CG2 . THR A 1 99  ? 5.500   -16.877 9.277   1.00 16.28 ? 99  THR A CG2 1 
ATOM   641  N N   . LYS A 1 100 ? 4.093   -13.799 12.416  1.00 8.33  ? 100 LYS A N   1 
ATOM   642  C CA  . LYS A 1 100 ? 4.053   -13.161 13.725  1.00 8.95  ? 100 LYS A CA  1 
ATOM   643  C C   . LYS A 1 100 ? 2.625   -13.051 14.246  1.00 10.58 ? 100 LYS A C   1 
ATOM   644  O O   . LYS A 1 100 ? 2.387   -13.221 15.450  1.00 10.82 ? 100 LYS A O   1 
ATOM   645  C CB  . LYS A 1 100 ? 4.713   -11.778 13.645  1.00 8.95  ? 100 LYS A CB  1 
ATOM   646  C CG  . LYS A 1 100 ? 4.723   -10.995 14.953  1.00 12.92 ? 100 LYS A CG  1 
ATOM   647  C CD  . LYS A 1 100 ? 5.371   -9.621  14.753  1.00 16.23 ? 100 LYS A CD  1 
ATOM   648  C CE  . LYS A 1 100 ? 5.309   -8.778  16.024  1.00 20.78 ? 100 LYS A CE  1 
ATOM   649  N NZ  . LYS A 1 100 ? 6.296   -7.660  15.990  1.00 17.51 ? 100 LYS A NZ  1 
ATOM   650  N N   . CYS A 1 101 ? 1.668   -12.734 13.362  1.00 6.79  ? 101 CYS A N   1 
ATOM   651  C CA  . CYS A 1 101 ? 0.283   -12.447 13.752  1.00 8.88  ? 101 CYS A CA  1 
ATOM   652  C C   . CYS A 1 101 ? -0.685  -13.145 12.799  1.00 8.77  ? 101 CYS A C   1 
ATOM   653  O O   . CYS A 1 101 ? -1.359  -12.497 11.991  1.00 9.82  ? 101 CYS A O   1 
ATOM   654  C CB  . CYS A 1 101 ? 0.026   -10.937 13.768  1.00 13.72 ? 101 CYS A CB  1 
ATOM   655  S SG  . CYS A 1 101 ? 1.333   -9.920  14.516  1.00 19.08 ? 101 CYS A SG  1 
ATOM   656  N N   . PRO A 1 102 ? -0.801  -14.478 12.898  1.00 7.54  ? 102 PRO A N   1 
ATOM   657  C CA  . PRO A 1 102 ? -1.636  -15.221 11.934  1.00 10.01 ? 102 PRO A CA  1 
ATOM   658  C C   . PRO A 1 102 ? -3.100  -14.820 11.921  1.00 11.97 ? 102 PRO A C   1 
ATOM   659  O O   . PRO A 1 102 ? -3.794  -15.139 10.948  1.00 12.17 ? 102 PRO A O   1 
ATOM   660  C CB  . PRO A 1 102 ? -1.473  -16.684 12.376  1.00 12.23 ? 102 PRO A CB  1 
ATOM   661  C CG  . PRO A 1 102 ? -0.197  -16.714 13.178  1.00 12.92 ? 102 PRO A CG  1 
ATOM   662  C CD  . PRO A 1 102 ? -0.153  -15.380 13.868  1.00 10.81 ? 102 PRO A CD  1 
ATOM   663  N N   . ASN A 1 103 ? -3.600  -14.154 12.964  1.00 10.01 ? 103 ASN A N   1 
ATOM   664  C CA  . ASN A 1 103 ? -4.997  -13.754 13.008  1.00 10.69 ? 103 ASN A CA  1 
ATOM   665  C C   . ASN A 1 103 ? -5.220  -12.310 12.593  1.00 11.47 ? 103 ASN A C   1 
ATOM   666  O O   . ASN A 1 103 ? -6.381  -11.895 12.490  1.00 12.76 ? 103 ASN A O   1 
ATOM   667  C CB  . ASN A 1 103 ? -5.573  -13.976 14.412  1.00 12.92 ? 103 ASN A CB  1 
ATOM   668  C CG  . ASN A 1 103 ? -5.802  -15.445 14.719  1.00 16.01 ? 103 ASN A CG  1 
ATOM   669  O OD1 . ASN A 1 103 ? -5.561  -16.321 13.872  1.00 19.28 ? 103 ASN A OD1 1 
ATOM   670  N ND2 . ASN A 1 103 ? -6.274  -15.728 15.926  1.00 20.62 ? 103 ASN A ND2 1 
ATOM   671  N N   . THR A 1 104 ? -4.159  -11.541 12.342  1.00 8.70  ? 104 THR A N   1 
ATOM   672  C CA  . THR A 1 104 ? -4.361  -10.147 11.970  1.00 7.70  ? 104 THR A CA  1 
ATOM   673  C C   . THR A 1 104 ? -4.979  -10.046 10.579  1.00 7.59  ? 104 THR A C   1 
ATOM   674  O O   . THR A 1 104 ? -4.799  -10.918 9.723   1.00 9.72  ? 104 THR A O   1 
ATOM   675  C CB  . THR A 1 104 ? -3.049  -9.349  12.033  1.00 8.45  ? 104 THR A CB  1 
ATOM   676  O OG1 . THR A 1 104 ? -3.354  -7.951  12.105  1.00 10.78 ? 104 THR A OG1 1 
ATOM   677  C CG2 . THR A 1 104 ? -2.161  -9.577  10.808  1.00 10.93 ? 104 THR A CG2 1 
ATOM   678  N N   . GLN A 1 105 ? -5.756  -8.982  10.381  1.00 5.37  ? 105 GLN A N   1 
ATOM   679  C CA  . GLN A 1 105 ? -6.337  -8.653  9.084   1.00 6.10  ? 105 GLN A CA  1 
ATOM   680  C C   . GLN A 1 105 ? -5.393  -7.671  8.412   1.00 7.13  ? 105 GLN A C   1 
ATOM   681  O O   . GLN A 1 105 ? -5.234  -6.541  8.882   1.00 5.57  ? 105 GLN A O   1 
ATOM   682  C CB  . GLN A 1 105 ? -7.727  -8.050  9.263   1.00 7.31  ? 105 GLN A CB  1 
ATOM   683  C CG  . GLN A 1 105 ? -8.705  -8.991  9.962   1.00 9.35  ? 105 GLN A CG  1 
ATOM   684  C CD  . GLN A 1 105 ? -9.926  -8.255  10.447  1.00 15.07 ? 105 GLN A CD  1 
ATOM   685  O OE1 . GLN A 1 105 ? -10.867 -8.042  9.692   1.00 14.26 ? 105 GLN A OE1 1 
ATOM   686  N NE2 . GLN A 1 105 ? -9.914  -7.850  11.710  1.00 18.01 ? 105 GLN A NE2 1 
ATOM   687  N N   . ILE A 1 106 ? -4.738  -8.105  7.333   1.00 4.69  ? 106 ILE A N   1 
ATOM   688  C CA  . ILE A 1 106 ? -3.754  -7.259  6.667   1.00 5.17  ? 106 ILE A CA  1 
ATOM   689  C C   . ILE A 1 106 ? -4.452  -6.342  5.675   1.00 6.80  ? 106 ILE A C   1 
ATOM   690  O O   . ILE A 1 106 ? -5.294  -6.785  4.890   1.00 5.85  ? 106 ILE A O   1 
ATOM   691  C CB  . ILE A 1 106 ? -2.687  -8.110  5.964   1.00 4.89  ? 106 ILE A CB  1 
ATOM   692  C CG1 . ILE A 1 106 ? -1.969  -9.007  6.977   1.00 5.49  ? 106 ILE A CG1 1 
ATOM   693  C CG2 . ILE A 1 106 ? -1.667  -7.215  5.275   1.00 5.24  ? 106 ILE A CG2 1 
ATOM   694  C CD1 . ILE A 1 106 ? -1.135  -10.099 6.318   1.00 7.87  ? 106 ILE A CD1 1 
ATOM   695  N N   . VAL A 1 107 ? -4.085  -5.063  5.698   1.00 6.61  ? 107 VAL A N   1 
ATOM   696  C CA  . VAL A 1 107 ? -4.458  -4.105  4.665   1.00 6.50  ? 107 VAL A CA  1 
ATOM   697  C C   . VAL A 1 107 ? -3.178  -3.646  3.986   1.00 8.13  ? 107 VAL A C   1 
ATOM   698  O O   . VAL A 1 107 ? -2.221  -3.251  4.662   1.00 6.21  ? 107 VAL A O   1 
ATOM   699  C CB  . VAL A 1 107 ? -5.217  -2.907  5.255   1.00 8.84  ? 107 VAL A CB  1 
ATOM   700  C CG1 . VAL A 1 107 ? -5.459  -1.851  4.183   1.00 10.91 ? 107 VAL A CG1 1 
ATOM   701  C CG2 . VAL A 1 107 ? -6.501  -3.377  5.933   1.00 9.72  ? 107 VAL A CG2 1 
ATOM   702  N N   . GLY A 1 108 ? -3.141  -3.738  2.664   1.00 7.15  ? 108 GLY A N   1 
ATOM   703  C CA  . GLY A 1 108 ? -2.026  -3.236  1.886   1.00 6.48  ? 108 GLY A CA  1 
ATOM   704  C C   . GLY A 1 108 ? -2.340  -1.837  1.388   1.00 5.95  ? 108 GLY A C   1 
ATOM   705  O O   . GLY A 1 108 ? -3.495  -1.484  1.158   1.00 6.36  ? 108 GLY A O   1 
ATOM   706  N N   . GLY A 1 109 ? -1.306  -1.024  1.244   1.00 6.67  ? 109 GLY A N   1 
ATOM   707  C CA  . GLY A 1 109 ? -1.500  0.318   0.719   1.00 7.52  ? 109 GLY A CA  1 
ATOM   708  C C   . GLY A 1 109 ? -0.273  0.770   -0.036  1.00 5.90  ? 109 GLY A C   1 
ATOM   709  O O   . GLY A 1 109 ? 0.852   0.362   0.274   1.00 4.83  ? 109 GLY A O   1 
ATOM   710  N N   . GLY A 1 110 ? -0.487  1.629   -1.033  1.00 5.60  ? 110 GLY A N   1 
ATOM   711  C CA  . GLY A 1 110 ? 0.627   2.233   -1.739  1.00 7.89  ? 110 GLY A CA  1 
ATOM   712  C C   . GLY A 1 110 ? 0.184   3.524   -2.382  1.00 7.47  ? 110 GLY A C   1 
ATOM   713  O O   . GLY A 1 110 ? -0.988  3.685   -2.732  1.00 7.49  ? 110 GLY A O   1 
ATOM   714  N N   . TYR A 1 111 ? 1.127   4.458   -2.528  1.00 7.79  ? 111 TYR A N   1 
ATOM   715  C CA  . TYR A 1 111 ? 0.895   5.710   -3.237  1.00 6.37  ? 111 TYR A CA  1 
ATOM   716  C C   . TYR A 1 111 ? 1.963   5.857   -4.308  1.00 4.79  ? 111 TYR A C   1 
ATOM   717  O O   . TYR A 1 111 ? 3.152   5.729   -4.011  1.00 5.37  ? 111 TYR A O   1 
ATOM   718  C CB  . TYR A 1 111 ? 0.937   6.910   -2.273  1.00 7.83  ? 111 TYR A CB  1 
ATOM   719  C CG  . TYR A 1 111 ? 1.029   8.254   -2.958  1.00 8.32  ? 111 TYR A CG  1 
ATOM   720  C CD1 . TYR A 1 111 ? 0.118   8.617   -3.945  1.00 6.89  ? 111 TYR A CD1 1 
ATOM   721  C CD2 . TYR A 1 111 ? 2.019   9.168   -2.597  1.00 13.67 ? 111 TYR A CD2 1 
ATOM   722  C CE1 . TYR A 1 111 ? 0.195   9.864   -4.571  1.00 8.20  ? 111 TYR A CE1 1 
ATOM   723  C CE2 . TYR A 1 111 ? 2.107   10.414  -3.208  1.00 15.22 ? 111 TYR A CE2 1 
ATOM   724  C CZ  . TYR A 1 111 ? 1.200   10.747  -4.202  1.00 9.87  ? 111 TYR A CZ  1 
ATOM   725  O OH  . TYR A 1 111 ? 1.298   11.984  -4.807  1.00 12.85 ? 111 TYR A OH  1 
ATOM   726  N N   . SER A 1 112 ? 1.540   6.097   -5.551  1.00 4.97  ? 112 SER A N   1 
ATOM   727  C CA  . SER A 1 112 ? 2.444   6.392   -6.672  1.00 6.27  ? 112 SER A CA  1 
ATOM   728  C C   . SER A 1 112 ? 3.421   5.234   -6.836  1.00 6.74  ? 112 SER A C   1 
ATOM   729  O O   . SER A 1 112 ? 2.967   4.097   -7.066  1.00 6.73  ? 112 SER A O   1 
ATOM   730  C CB  . SER A 1 112 ? 3.061   7.773   -6.432  1.00 8.76  ? 112 SER A CB  1 
ATOM   731  O OG  . SER A 1 112 ? 3.689   8.294   -7.602  1.00 10.14 ? 112 SER A OG  1 
ATOM   732  N N   . GLN A 1 113 ? 4.743   5.439   -6.749  1.00 5.03  ? 113 GLN A N   1 
ATOM   733  C CA  . GLN A 1 113 ? 5.672   4.315   -6.875  1.00 5.80  ? 113 GLN A CA  1 
ATOM   734  C C   . GLN A 1 113 ? 5.405   3.244   -5.816  1.00 6.80  ? 113 GLN A C   1 
ATOM   735  O O   . GLN A 1 113 ? 5.658   2.058   -6.059  1.00 5.79  ? 113 GLN A O   1 
ATOM   736  C CB  . GLN A 1 113 ? 7.124   4.797   -6.777  1.00 6.92  ? 113 GLN A CB  1 
ATOM   737  C CG  . GLN A 1 113 ? 8.157   3.673   -7.013  1.00 5.87  ? 113 GLN A CG  1 
ATOM   738  C CD  . GLN A 1 113 ? 9.588   4.167   -6.928  1.00 9.98  ? 113 GLN A CD  1 
ATOM   739  O OE1 . GLN A 1 113 ? 9.847   5.373   -7.021  1.00 12.59 ? 113 GLN A OE1 1 
ATOM   740  N NE2 . GLN A 1 113 ? 10.524  3.246   -6.749  1.00 6.67  ? 113 GLN A NE2 1 
ATOM   741  N N   . GLY A 1 114 ? 4.855   3.632   -4.667  1.00 5.66  ? 114 GLY A N   1 
ATOM   742  C CA  . GLY A 1 114 ? 4.531   2.641   -3.647  1.00 6.00  ? 114 GLY A CA  1 
ATOM   743  C C   . GLY A 1 114 ? 3.490   1.649   -4.124  1.00 6.64  ? 114 GLY A C   1 
ATOM   744  O O   . GLY A 1 114 ? 3.481   0.488   -3.709  1.00 6.26  ? 114 GLY A O   1 
ATOM   745  N N   . ALA A 1 115 ? 2.610   2.082   -5.022  1.00 6.17  ? 115 ALA A N   1 
ATOM   746  C CA  . ALA A 1 115 ? 1.691   1.135   -5.643  1.00 7.68  ? 115 ALA A CA  1 
ATOM   747  C C   . ALA A 1 115 ? 2.439   0.124   -6.505  1.00 6.65  ? 115 ALA A C   1 
ATOM   748  O O   . ALA A 1 115 ? 2.070   -1.055  -6.550  1.00 6.69  ? 115 ALA A O   1 
ATOM   749  C CB  . ALA A 1 115 ? 0.641   1.888   -6.462  1.00 8.76  ? 115 ALA A CB  1 
ATOM   750  N N   . ALA A 1 116 ? 3.501   0.558   -7.195  1.00 6.62  ? 116 ALA A N   1 
ATOM   751  C CA  . ALA A 1 116 ? 4.305   -0.385  -7.971  1.00 6.93  ? 116 ALA A CA  1 
ATOM   752  C C   . ALA A 1 116 ? 4.952   -1.429  -7.067  1.00 5.64  ? 116 ALA A C   1 
ATOM   753  O O   . ALA A 1 116 ? 5.089   -2.601  -7.450  1.00 7.28  ? 116 ALA A O   1 
ATOM   754  C CB  . ALA A 1 116 ? 5.372   0.369   -8.773  1.00 8.31  ? 116 ALA A CB  1 
ATOM   755  N N   . VAL A 1 117 ? 5.351   -1.026  -5.857  1.00 5.18  ? 117 VAL A N   1 
ATOM   756  C CA  . VAL A 1 117 ? 5.873   -1.988  -4.888  1.00 4.96  ? 117 VAL A CA  1 
ATOM   757  C C   . VAL A 1 117 ? 4.821   -3.048  -4.586  1.00 5.69  ? 117 VAL A C   1 
ATOM   758  O O   . VAL A 1 117 ? 5.109   -4.248  -4.585  1.00 5.87  ? 117 VAL A O   1 
ATOM   759  C CB  . VAL A 1 117 ? 6.328   -1.257  -3.606  1.00 4.03  ? 117 VAL A CB  1 
ATOM   760  C CG1 . VAL A 1 117 ? 6.698   -2.267  -2.519  1.00 4.36  ? 117 VAL A CG1 1 
ATOM   761  C CG2 . VAL A 1 117 ? 7.499   -0.325  -3.917  1.00 5.43  ? 117 VAL A CG2 1 
ATOM   762  N N   . MET A 1 118 ? 3.573   -2.623  -4.377  1.00 5.93  ? 118 MET A N   1 
ATOM   763  C CA  . MET A 1 118 ? 2.515   -3.571  -4.041  1.00 6.49  ? 118 MET A CA  1 
ATOM   764  C C   . MET A 1 118 ? 2.166   -4.464  -5.228  1.00 5.68  ? 118 MET A C   1 
ATOM   765  O O   . MET A 1 118 ? 1.948   -5.672  -5.057  1.00 7.09  ? 118 MET A O   1 
ATOM   766  C CB  . MET A 1 118 ? 1.287   -2.816  -3.538  1.00 7.47  ? 118 MET A CB  1 
ATOM   767  C CG  . MET A 1 118 ? 1.510   -2.096  -2.217  1.00 8.30  ? 118 MET A CG  1 
ATOM   768  S SD  . MET A 1 118 ? 1.589   -3.307  -0.874  1.00 10.82 ? 118 MET A SD  1 
ATOM   769  C CE  . MET A 1 118 ? 2.577   -2.436  0.362   1.00 7.29  ? 118 MET A CE  1 
ATOM   770  N N   . HIS A 1 119 ? 2.120   -3.892  -6.437  1.00 7.07  ? 119 HIS A N   1 
ATOM   771  C CA  . HIS A 1 119 ? 1.932   -4.689  -7.649  1.00 7.52  ? 119 HIS A CA  1 
ATOM   772  C C   . HIS A 1 119 ? 3.005   -5.764  -7.791  1.00 10.51 ? 119 HIS A C   1 
ATOM   773  O O   . HIS A 1 119 ? 2.745   -6.832  -8.354  1.00 7.80  ? 119 HIS A O   1 
ATOM   774  C CB  . HIS A 1 119 ? 1.972   -3.797  -8.891  1.00 7.10  ? 119 HIS A CB  1 
ATOM   775  C CG  . HIS A 1 119 ? 0.668   -3.146  -9.236  1.00 9.96  ? 119 HIS A CG  1 
ATOM   776  N ND1 . HIS A 1 119 ? -0.166  -3.628  -10.222 1.00 12.46 ? 119 HIS A ND1 1 
ATOM   777  C CD2 . HIS A 1 119 ? 0.078   -2.022  -8.761  1.00 9.38  ? 119 HIS A CD2 1 
ATOM   778  C CE1 . HIS A 1 119 ? -1.226  -2.844  -10.321 1.00 10.78 ? 119 HIS A CE1 1 
ATOM   779  N NE2 . HIS A 1 119 ? -1.103  -1.861  -9.445  1.00 9.75  ? 119 HIS A NE2 1 
ATOM   780  N N   . GLY A 1 120 ? 4.219   -5.494  -7.321  1.00 8.02  ? 120 GLY A N   1 
ATOM   781  C CA  . GLY A 1 120 ? 5.287   -6.455  -7.486  1.00 9.23  ? 120 GLY A CA  1 
ATOM   782  C C   . GLY A 1 120 ? 5.348   -7.505  -6.392  1.00 9.00  ? 120 GLY A C   1 
ATOM   783  O O   . GLY A 1 120 ? 5.734   -8.648  -6.660  1.00 10.19 ? 120 GLY A O   1 
ATOM   784  N N   . ALA A 1 121 ? 4.988   -7.137  -5.155  1.00 6.94  ? 121 ALA A N   1 
ATOM   785  C CA  . ALA A 1 121 ? 5.169   -8.031  -4.012  1.00 6.14  ? 121 ALA A CA  1 
ATOM   786  C C   . ALA A 1 121 ? 3.998   -8.977  -3.787  1.00 8.18  ? 121 ALA A C   1 
ATOM   787  O O   . ALA A 1 121 ? 4.204   -10.111 -3.331  1.00 8.46  ? 121 ALA A O   1 
ATOM   788  C CB  . ALA A 1 121 ? 5.399   -7.219  -2.731  1.00 6.59  ? 121 ALA A CB  1 
ATOM   789  N N   . ILE A 1 122 ? 2.775   -8.546  -4.079  1.00 6.85  ? 122 ILE A N   1 
ATOM   790  C CA  . ILE A 1 122 ? 1.600   -9.335  -3.707  1.00 6.41  ? 122 ILE A CA  1 
ATOM   791  C C   . ILE A 1 122 ? 1.372   -10.562 -4.592  1.00 8.25  ? 122 ILE A C   1 
ATOM   792  O O   . ILE A 1 122 ? 1.014   -11.620 -4.050  1.00 5.90  ? 122 ILE A O   1 
ATOM   793  C CB  . ILE A 1 122 ? 0.356   -8.431  -3.642  1.00 5.65  ? 122 ILE A CB  1 
ATOM   794  C CG1 . ILE A 1 122 ? 0.494   -7.525  -2.412  1.00 5.20  ? 122 ILE A CG1 1 
ATOM   795  C CG2 . ILE A 1 122 ? -0.927  -9.259  -3.543  1.00 4.30  ? 122 ILE A CG2 1 
ATOM   796  C CD1 . ILE A 1 122 ? -0.538  -6.410  -2.324  1.00 7.38  ? 122 ILE A CD1 1 
ATOM   797  N N   . PRO A 1 123 ? 1.539   -10.497 -5.923  1.00 7.12  ? 123 PRO A N   1 
ATOM   798  C CA  . PRO A 1 123 ? 1.232   -11.685 -6.749  1.00 8.92  ? 123 PRO A CA  1 
ATOM   799  C C   . PRO A 1 123 ? 1.932   -12.965 -6.314  1.00 7.54  ? 123 PRO A C   1 
ATOM   800  O O   . PRO A 1 123 ? 1.330   -14.046 -6.380  1.00 9.55  ? 123 PRO A O   1 
ATOM   801  C CB  . PRO A 1 123 ? 1.696   -11.253 -8.146  1.00 9.59  ? 123 PRO A CB  1 
ATOM   802  C CG  . PRO A 1 123 ? 1.451   -9.789  -8.165  1.00 8.82  ? 123 PRO A CG  1 
ATOM   803  C CD  . PRO A 1 123 ? 1.866   -9.332  -6.774  1.00 8.21  ? 123 PRO A CD  1 
ATOM   804  N N   . GLY A 1 124 ? 3.175   -12.871 -5.862  1.00 7.85  ? 124 GLY A N   1 
ATOM   805  C CA  . GLY A 1 124 ? 3.954   -14.037 -5.498  1.00 9.85  ? 124 GLY A CA  1 
ATOM   806  C C   . GLY A 1 124 ? 3.729   -14.580 -4.105  1.00 10.68 ? 124 GLY A C   1 
ATOM   807  O O   . GLY A 1 124 ? 4.334   -15.594 -3.742  1.00 7.76  ? 124 GLY A O   1 
ATOM   808  N N   . LEU A 1 125 ? 2.877   -13.946 -3.304  1.00 7.15  ? 125 LEU A N   1 
ATOM   809  C CA  . LEU A 1 125 ? 2.637   -14.439 -1.957  1.00 6.80  ? 125 LEU A CA  1 
ATOM   810  C C   . LEU A 1 125 ? 1.814   -15.727 -1.991  1.00 7.70  ? 125 LEU A C   1 
ATOM   811  O O   . LEU A 1 125 ? 1.067   -16.000 -2.936  1.00 7.45  ? 125 LEU A O   1 
ATOM   812  C CB  . LEU A 1 125 ? 1.912   -13.379 -1.123  1.00 5.63  ? 125 LEU A CB  1 
ATOM   813  C CG  . LEU A 1 125 ? 2.639   -12.040 -0.952  1.00 6.56  ? 125 LEU A CG  1 
ATOM   814  C CD1 . LEU A 1 125 ? 1.711   -11.021 -0.278  1.00 5.65  ? 125 LEU A CD1 1 
ATOM   815  C CD2 . LEU A 1 125 ? 3.910   -12.237 -0.146  1.00 9.16  ? 125 LEU A CD2 1 
ATOM   816  N N   . SER A 1 126 ? 1.953   -16.522 -0.931  1.00 8.82  ? 126 SER A N   1 
ATOM   817  C CA  . SER A 1 126 ? 1.226   -17.783 -0.845  1.00 7.27  ? 126 SER A CA  1 
ATOM   818  C C   . SER A 1 126 ? -0.273  -17.529 -0.723  1.00 8.84  ? 126 SER A C   1 
ATOM   819  O O   . SER A 1 126 ? -0.707  -16.453 -0.297  1.00 8.56  ? 126 SER A O   1 
ATOM   820  C CB  . SER A 1 126 ? 1.703   -18.597 0.355   1.00 10.71 ? 126 SER A CB  1 
ATOM   821  O OG  . SER A 1 126 ? 1.208   -18.042 1.571   1.00 11.57 ? 126 SER A OG  1 
ATOM   822  N N   . ASN A 1 127 ? -1.069  -18.537 -1.116  1.00 8.85  ? 127 ASN A N   1 
ATOM   823  C CA  . ASN A 1 127 ? -2.521  -18.463 -0.944  1.00 8.74  ? 127 ASN A CA  1 
ATOM   824  C C   . ASN A 1 127 ? -2.887  -18.081 0.485   1.00 9.59  ? 127 ASN A C   1 
ATOM   825  O O   . ASN A 1 127 ? -3.793  -17.272 0.714   1.00 10.62 ? 127 ASN A O   1 
ATOM   826  C CB  . ASN A 1 127 ? -3.184  -19.813 -1.267  1.00 13.22 ? 127 ASN A CB  1 
ATOM   827  C CG  . ASN A 1 127 ? -3.026  -20.239 -2.716  1.00 16.86 ? 127 ASN A CG  1 
ATOM   828  O OD1 . ASN A 1 127 ? -2.794  -19.426 -3.607  1.00 17.86 ? 127 ASN A OD1 1 
ATOM   829  N ND2 . ASN A 1 127 ? -3.193  -21.542 -2.956  1.00 18.53 ? 127 ASN A ND2 1 
ATOM   830  N N   . ALA A 1 128 ? -2.208  -18.689 1.462   1.00 11.04 ? 128 ALA A N   1 
ATOM   831  C CA  . ALA A 1 128 ? -2.555  -18.459 2.864   1.00 11.40 ? 128 ALA A CA  1 
ATOM   832  C C   . ALA A 1 128 ? -2.298  -17.016 3.282   1.00 11.07 ? 128 ALA A C   1 
ATOM   833  O O   . ALA A 1 128 ? -3.050  -16.463 4.093   1.00 9.55  ? 128 ALA A O   1 
ATOM   834  C CB  . ALA A 1 128 ? -1.771  -19.413 3.760   1.00 14.38 ? 128 ALA A CB  1 
ATOM   835  N N   . VAL A 1 129 ? -1.230  -16.395 2.760   1.00 7.20  ? 129 VAL A N   1 
ATOM   836  C CA  . VAL A 1 129 ? -0.983  -14.987 3.057   1.00 8.11  ? 129 VAL A CA  1 
ATOM   837  C C   . VAL A 1 129 ? -2.029  -14.114 2.387   1.00 6.64  ? 129 VAL A C   1 
ATOM   838  O O   . VAL A 1 129 ? -2.516  -13.143 2.977   1.00 7.09  ? 129 VAL A O   1 
ATOM   839  C CB  . VAL A 1 129 ? 0.440   -14.585 2.628   1.00 8.13  ? 129 VAL A CB  1 
ATOM   840  C CG1 . VAL A 1 129 ? 0.631   -13.092 2.810   1.00 8.67  ? 129 VAL A CG1 1 
ATOM   841  C CG2 . VAL A 1 129 ? 1.472   -15.358 3.440   1.00 9.90  ? 129 VAL A CG2 1 
ATOM   842  N N   . LYS A 1 130 ? -2.385  -14.440 1.141   1.00 6.74  ? 130 LYS A N   1 
ATOM   843  C CA  . LYS A 1 130 ? -3.415  -13.677 0.447   1.00 7.00  ? 130 LYS A CA  1 
ATOM   844  C C   . LYS A 1 130 ? -4.748  -13.760 1.184   1.00 10.16 ? 130 LYS A C   1 
ATOM   845  O O   . LYS A 1 130 ? -5.510  -12.785 1.206   1.00 6.55  ? 130 LYS A O   1 
ATOM   846  C CB  . LYS A 1 130 ? -3.559  -14.182 -0.995  1.00 7.83  ? 130 LYS A CB  1 
ATOM   847  C CG  . LYS A 1 130 ? -2.361  -13.844 -1.890  1.00 6.35  ? 130 LYS A CG  1 
ATOM   848  C CD  . LYS A 1 130 ? -2.554  -14.368 -3.316  1.00 10.78 ? 130 LYS A CD  1 
ATOM   849  C CE  . LYS A 1 130 ? -1.316  -14.056 -4.183  1.00 10.80 ? 130 LYS A CE  1 
ATOM   850  N NZ  . LYS A 1 130 ? -1.322  -14.810 -5.490  1.00 9.25  ? 130 LYS A NZ  1 
ATOM   851  N N   . ASP A 1 131 ? -5.059  -14.921 1.785   1.00 8.38  ? 131 ASP A N   1 
ATOM   852  C CA  . ASP A 1 131 ? -6.290  -15.038 2.568   1.00 10.89 ? 131 ASP A CA  1 
ATOM   853  C C   . ASP A 1 131 ? -6.323  -14.026 3.708   1.00 10.08 ? 131 ASP A C   1 
ATOM   854  O O   . ASP A 1 131 ? -7.404  -13.585 4.118   1.00 9.48  ? 131 ASP A O   1 
ATOM   855  C CB  . ASP A 1 131 ? -6.444  -16.453 3.150   1.00 10.76 ? 131 ASP A CB  1 
ATOM   856  C CG  . ASP A 1 131 ? -6.714  -17.525 2.082   1.00 10.25 ? 131 ASP A CG  1 
ATOM   857  O OD1 . ASP A 1 131 ? -7.266  -17.210 1.005   1.00 12.51 ? 131 ASP A OD1 1 
ATOM   858  O OD2 . ASP A 1 131 ? -6.405  -18.707 2.344   1.00 11.31 ? 131 ASP A OD2 1 
ATOM   859  N N   . GLN A 1 132 ? -5.154  -13.665 4.248   1.00 6.78  ? 132 GLN A N   1 
ATOM   860  C CA  . GLN A 1 132 ? -5.079  -12.713 5.353   1.00 6.95  ? 132 GLN A CA  1 
ATOM   861  C C   . GLN A 1 132 ? -5.187  -11.264 4.900   1.00 8.10  ? 132 GLN A C   1 
ATOM   862  O O   . GLN A 1 132 ? -5.493  -10.386 5.720   1.00 7.06  ? 132 GLN A O   1 
ATOM   863  C CB  . GLN A 1 132 ? -3.751  -12.887 6.090   1.00 10.06 ? 132 GLN A CB  1 
ATOM   864  C CG  . GLN A 1 132 ? -3.852  -13.430 7.474   1.00 18.31 ? 132 GLN A CG  1 
ATOM   865  C CD  . GLN A 1 132 ? -2.509  -13.397 8.176   1.00 13.91 ? 132 GLN A CD  1 
ATOM   866  O OE1 . GLN A 1 132 ? -1.588  -14.116 7.797   1.00 16.17 ? 132 GLN A OE1 1 
ATOM   867  N NE2 . GLN A 1 132 ? -2.390  -12.558 9.195   1.00 8.44  ? 132 GLN A NE2 1 
ATOM   868  N N   . ILE A 1 133 ? -4.920  -10.987 3.627   1.00 6.94  ? 133 ILE A N   1 
ATOM   869  C CA  . ILE A 1 133 ? -4.984  -9.627  3.100   1.00 6.58  ? 133 ILE A CA  1 
ATOM   870  C C   . ILE A 1 133 ? -6.437  -9.341  2.749   1.00 5.97  ? 133 ILE A C   1 
ATOM   871  O O   . ILE A 1 133 ? -6.989  -9.934  1.818   1.00 8.62  ? 133 ILE A O   1 
ATOM   872  C CB  . ILE A 1 133 ? -4.081  -9.449  1.876   1.00 5.13  ? 133 ILE A CB  1 
ATOM   873  C CG1 . ILE A 1 133 ? -2.629  -9.805  2.209   1.00 4.08  ? 133 ILE A CG1 1 
ATOM   874  C CG2 . ILE A 1 133 ? -4.167  -8.000  1.370   1.00 4.26  ? 133 ILE A CG2 1 
ATOM   875  C CD1 . ILE A 1 133 ? -1.710  -9.850  0.980   1.00 5.95  ? 133 ILE A CD1 1 
ATOM   876  N N   . LYS A 1 134 ? -7.060  -8.423  3.484   1.00 4.54  ? 134 LYS A N   1 
ATOM   877  C CA  . LYS A 1 134 ? -8.483  -8.184  3.307   1.00 6.20  ? 134 LYS A CA  1 
ATOM   878  C C   . LYS A 1 134 ? -8.779  -7.089  2.296   1.00 6.86  ? 134 LYS A C   1 
ATOM   879  O O   . LYS A 1 134 ? -9.888  -7.060  1.740   1.00 7.32  ? 134 LYS A O   1 
ATOM   880  C CB  . LYS A 1 134 ? -9.126  -7.823  4.651   1.00 7.99  ? 134 LYS A CB  1 
ATOM   881  C CG  . LYS A 1 134 ? -8.800  -8.834  5.756   1.00 8.12  ? 134 LYS A CG  1 
ATOM   882  C CD  . LYS A 1 134 ? -9.117  -10.262 5.318   1.00 10.01 ? 134 LYS A CD  1 
ATOM   883  C CE  . LYS A 1 134 ? -9.037  -11.214 6.505   1.00 14.57 ? 134 LYS A CE  1 
ATOM   884  N NZ  . LYS A 1 134 ? -9.299  -12.619 6.099   1.00 13.00 ? 134 LYS A NZ  1 
ATOM   885  N N   . GLY A 1 135 ? -7.823  -6.195  2.047   1.00 5.87  ? 135 GLY A N   1 
ATOM   886  C CA  . GLY A 1 135 ? -7.989  -5.162  1.050   1.00 5.22  ? 135 GLY A CA  1 
ATOM   887  C C   . GLY A 1 135 ? -6.675  -4.460  0.799   1.00 6.78  ? 135 GLY A C   1 
ATOM   888  O O   . GLY A 1 135 ? -5.823  -4.407  1.694   1.00 4.96  ? 135 GLY A O   1 
ATOM   889  N N   . VAL A 1 136 ? -6.488  -3.964  -0.423  1.00 4.31  ? 136 VAL A N   1 
ATOM   890  C CA  . VAL A 1 136 ? -5.296  -3.217  -0.820  1.00 3.68  ? 136 VAL A CA  1 
ATOM   891  C C   . VAL A 1 136 ? -5.771  -1.934  -1.480  1.00 5.07  ? 136 VAL A C   1 
ATOM   892  O O   . VAL A 1 136 ? -6.611  -1.985  -2.382  1.00 6.76  ? 136 VAL A O   1 
ATOM   893  C CB  . VAL A 1 136 ? -4.409  -4.019  -1.792  1.00 5.77  ? 136 VAL A CB  1 
ATOM   894  C CG1 . VAL A 1 136 ? -3.144  -3.245  -2.120  1.00 4.12  ? 136 VAL A CG1 1 
ATOM   895  C CG2 . VAL A 1 136 ? -4.077  -5.410  -1.214  1.00 5.90  ? 136 VAL A CG2 1 
ATOM   896  N N   . VAL A 1 137 ? -5.298  -0.788  -0.993  1.00 4.63  ? 137 VAL A N   1 
ATOM   897  C CA  . VAL A 1 137 ? -5.691  0.509   -1.547  1.00 3.73  ? 137 VAL A CA  1 
ATOM   898  C C   . VAL A 1 137 ? -4.471  1.097   -2.238  1.00 3.49  ? 137 VAL A C   1 
ATOM   899  O O   . VAL A 1 137 ? -3.401  1.230   -1.626  1.00 5.37  ? 137 VAL A O   1 
ATOM   900  C CB  . VAL A 1 137 ? -6.256  1.460   -0.476  1.00 7.38  ? 137 VAL A CB  1 
ATOM   901  C CG1 . VAL A 1 137 ? -5.387  1.475   0.771   1.00 13.23 ? 137 VAL A CG1 1 
ATOM   902  C CG2 . VAL A 1 137 ? -6.390  2.868   -1.046  1.00 10.85 ? 137 VAL A CG2 1 
ATOM   903  N N   . LEU A 1 138 ? -4.623  1.447   -3.515  1.00 5.94  ? 138 LEU A N   1 
ATOM   904  C CA  . LEU A 1 138 ? -3.505  1.950   -4.307  1.00 5.54  ? 138 LEU A CA  1 
ATOM   905  C C   . LEU A 1 138 ? -3.851  3.340   -4.827  1.00 5.25  ? 138 LEU A C   1 
ATOM   906  O O   . LEU A 1 138 ? -4.643  3.478   -5.765  1.00 8.97  ? 138 LEU A O   1 
ATOM   907  C CB  . LEU A 1 138 ? -3.184  0.992   -5.452  1.00 6.21  ? 138 LEU A CB  1 
ATOM   908  C CG  . LEU A 1 138 ? -2.844  -0.438  -5.008  1.00 6.74  ? 138 LEU A CG  1 
ATOM   909  C CD1 . LEU A 1 138 ? -2.690  -1.320  -6.238  1.00 12.93 ? 138 LEU A CD1 1 
ATOM   910  C CD2 . LEU A 1 138 ? -1.583  -0.472  -4.141  1.00 7.02  ? 138 LEU A CD2 1 
ATOM   911  N N   . TYR A 1 139 ? -3.248  4.366   -4.232  1.00 5.71  ? 139 TYR A N   1 
ATOM   912  C CA  . TYR A 1 139 ? -3.520  5.752   -4.607  1.00 5.40  ? 139 TYR A CA  1 
ATOM   913  C C   . TYR A 1 139 ? -2.599  6.171   -5.742  1.00 5.64  ? 139 TYR A C   1 
ATOM   914  O O   . TYR A 1 139 ? -1.382  6.051   -5.612  1.00 6.94  ? 139 TYR A O   1 
ATOM   915  C CB  . TYR A 1 139 ? -3.261  6.699   -3.437  1.00 7.13  ? 139 TYR A CB  1 
ATOM   916  C CG  . TYR A 1 139 ? -4.060  6.497   -2.171  1.00 6.65  ? 139 TYR A CG  1 
ATOM   917  C CD1 . TYR A 1 139 ? -3.492  5.880   -1.064  1.00 5.83  ? 139 TYR A CD1 1 
ATOM   918  C CD2 . TYR A 1 139 ? -5.341  7.011   -2.048  1.00 5.64  ? 139 TYR A CD2 1 
ATOM   919  C CE1 . TYR A 1 139 ? -4.206  5.739   0.118   1.00 7.31  ? 139 TYR A CE1 1 
ATOM   920  C CE2 . TYR A 1 139 ? -6.059  6.870   -0.864  1.00 5.55  ? 139 TYR A CE2 1 
ATOM   921  C CZ  . TYR A 1 139 ? -5.482  6.230   0.207   1.00 8.23  ? 139 TYR A CZ  1 
ATOM   922  O OH  . TYR A 1 139 ? -6.197  6.116   1.383   1.00 6.03  ? 139 TYR A OH  1 
ATOM   923  N N   . GLY A 1 140 ? -3.164  6.726   -6.820  1.00 5.24  ? 140 GLY A N   1 
ATOM   924  C CA  . GLY A 1 140 ? -2.312  7.265   -7.878  1.00 6.79  ? 140 GLY A CA  1 
ATOM   925  C C   . GLY A 1 140 ? -1.348  6.237   -8.446  1.00 6.62  ? 140 GLY A C   1 
ATOM   926  O O   . GLY A 1 140 ? -0.148  6.486   -8.584  1.00 6.88  ? 140 GLY A O   1 
ATOM   927  N N   . ASP A 1 141 ? -1.903  5.082   -8.796  1.00 6.70  ? 141 ASP A N   1 
ATOM   928  C CA  . ASP A 1 141 ? -1.171  3.862   -9.133  1.00 6.04  ? 141 ASP A CA  1 
ATOM   929  C C   . ASP A 1 141 ? -0.418  4.026   -10.457 1.00 8.03  ? 141 ASP A C   1 
ATOM   930  O O   . ASP A 1 141 ? -1.037  4.116   -11.521 1.00 9.10  ? 141 ASP A O   1 
ATOM   931  C CB  . ASP A 1 141 ? -2.196  2.731   -9.199  1.00 8.74  ? 141 ASP A CB  1 
ATOM   932  C CG  . ASP A 1 141 ? -1.572  1.349   -9.361  1.00 11.86 ? 141 ASP A CG  1 
ATOM   933  O OD1 . ASP A 1 141 ? -0.358  1.235   -9.644  1.00 8.85  ? 141 ASP A OD1 1 
ATOM   934  O OD2 . ASP A 1 141 ? -2.331  0.362   -9.212  1.00 11.96 ? 141 ASP A OD2 1 
ATOM   935  N N   . THR A 1 142 ? 0.919   4.042   -10.395 1.00 6.09  ? 142 THR A N   1 
ATOM   936  C CA  . THR A 1 142 ? 1.757   4.184   -11.587 1.00 8.11  ? 142 THR A CA  1 
ATOM   937  C C   . THR A 1 142 ? 1.744   2.948   -12.478 1.00 8.76  ? 142 THR A C   1 
ATOM   938  O O   . THR A 1 142 ? 2.255   3.013   -13.607 1.00 8.73  ? 142 THR A O   1 
ATOM   939  C CB  . THR A 1 142 ? 3.209   4.474   -11.198 1.00 7.19  ? 142 THR A CB  1 
ATOM   940  O OG1 . THR A 1 142 ? 3.698   3.406   -10.373 1.00 9.24  ? 142 THR A OG1 1 
ATOM   941  C CG2 . THR A 1 142 ? 3.321   5.809   -10.458 1.00 9.37  ? 142 THR A CG2 1 
ATOM   942  N N   . ARG A 1 143 ? 1.203   1.833   -11.996 1.00 7.72  ? 143 ARG A N   1 
ATOM   943  C CA  . ARG A 1 143 ? 1.140   0.590   -12.752 1.00 8.76  ? 143 ARG A CA  1 
ATOM   944  C C   . ARG A 1 143 ? -0.276  0.224   -13.185 1.00 9.39  ? 143 ARG A C   1 
ATOM   945  O O   . ARG A 1 143 ? -0.497  -0.898  -13.653 1.00 11.99 ? 143 ARG A O   1 
ATOM   946  C CB  . ARG A 1 143 ? 1.748   -0.552  -11.931 1.00 11.41 ? 143 ARG A CB  1 
ATOM   947  C CG  . ARG A 1 143 ? 3.147   -0.244  -11.405 1.00 9.20  ? 143 ARG A CG  1 
ATOM   948  C CD  . ARG A 1 143 ? 4.121   0.179   -12.535 1.00 11.35 ? 143 ARG A CD  1 
ATOM   949  N NE  . ARG A 1 143 ? 4.454   -0.964  -13.392 1.00 13.34 ? 143 ARG A NE  1 
ATOM   950  C CZ  . ARG A 1 143 ? 5.384   -0.948  -14.340 1.00 13.94 ? 143 ARG A CZ  1 
ATOM   951  N NH1 . ARG A 1 143 ? 6.074   0.160   -14.578 1.00 16.20 ? 143 ARG A NH1 1 
ATOM   952  N NH2 . ARG A 1 143 ? 5.609   -2.036  -15.063 1.00 13.95 ? 143 ARG A NH2 1 
ATOM   953  N N   . ASN A 1 144 ? -1.239  1.140   -13.042 1.00 7.58  ? 144 ASN A N   1 
ATOM   954  C CA  . ASN A 1 144 ? -2.629  0.824   -13.369 1.00 11.26 ? 144 ASN A CA  1 
ATOM   955  C C   . ASN A 1 144 ? -2.775  0.324   -14.804 1.00 9.93  ? 144 ASN A C   1 
ATOM   956  O O   . ASN A 1 144 ? -3.367  -0.731  -15.051 1.00 9.20  ? 144 ASN A O   1 
ATOM   957  C CB  . ASN A 1 144 ? -3.506  2.058   -13.148 1.00 11.60 ? 144 ASN A CB  1 
ATOM   958  C CG  . ASN A 1 144 ? -4.948  1.820   -13.551 1.00 11.95 ? 144 ASN A CG  1 
ATOM   959  O OD1 . ASN A 1 144 ? -5.632  0.991   -12.960 1.00 9.64  ? 144 ASN A OD1 1 
ATOM   960  N ND2 . ASN A 1 144 ? -5.425  2.561   -14.551 1.00 11.57 ? 144 ASN A ND2 1 
ATOM   961  N N   . GLU A 1 145 ? -2.232  1.064   -15.770 1.00 10.05 ? 145 GLU A N   1 
ATOM   962  C CA  . GLU A 1 145 ? -2.380  0.659   -17.165 1.00 12.83 ? 145 GLU A CA  1 
ATOM   963  C C   . GLU A 1 145 ? -1.546  -0.581  -17.470 1.00 11.86 ? 145 GLU A C   1 
ATOM   964  O O   . GLU A 1 145 ? -2.001  -1.484  -18.183 1.00 11.73 ? 145 GLU A O   1 
ATOM   965  C CB  . GLU A 1 145 ? -1.993  1.820   -18.089 1.00 11.53 ? 145 GLU A CB  1 
ATOM   966  C CG  . GLU A 1 145 ? -2.232  1.566   -19.590 1.00 15.78 ? 145 GLU A CG  1 
ATOM   967  C CD  . GLU A 1 145 ? -1.061  0.870   -20.292 1.00 23.18 ? 145 GLU A CD  1 
ATOM   968  O OE1 . GLU A 1 145 ? -1.277  0.285   -21.380 1.00 27.95 ? 145 GLU A OE1 1 
ATOM   969  O OE2 . GLU A 1 145 ? 0.073   0.886   -19.762 1.00 20.33 ? 145 GLU A OE2 1 
ATOM   970  N N   . GLN A 1 146 ? -0.338  -0.655  -16.910 1.00 9.98  ? 146 GLN A N   1 
ATOM   971  C CA  . GLN A 1 146 ? 0.585   -1.737  -17.235 1.00 10.75 ? 146 GLN A CA  1 
ATOM   972  C C   . GLN A 1 146 ? 0.064   -3.090  -16.768 1.00 11.87 ? 146 GLN A C   1 
ATOM   973  O O   . GLN A 1 146 ? 0.298   -4.106  -17.440 1.00 10.68 ? 146 GLN A O   1 
ATOM   974  C CB  . GLN A 1 146 ? 1.948   -1.452  -16.613 1.00 9.96  ? 146 GLN A CB  1 
ATOM   975  C CG  . GLN A 1 146 ? 2.706   -0.307  -17.286 1.00 11.87 ? 146 GLN A CG  1 
ATOM   976  C CD  . GLN A 1 146 ? 2.419   1.038   -16.640 1.00 12.09 ? 146 GLN A CD  1 
ATOM   977  O OE1 . GLN A 1 146 ? 1.328   1.269   -16.108 1.00 11.22 ? 146 GLN A OE1 1 
ATOM   978  N NE2 . GLN A 1 146 ? 3.401   1.935   -16.685 1.00 16.25 ? 146 GLN A NE2 1 
ATOM   979  N N   . ASP A 1 147 ? -0.653  -3.128  -15.641 1.00 10.43 ? 147 ASP A N   1 
ATOM   980  C CA  . ASP A 1 147 ? -1.190  -4.366  -15.085 1.00 10.17 ? 147 ASP A CA  1 
ATOM   981  C C   . ASP A 1 147 ? -2.692  -4.512  -15.311 1.00 12.00 ? 147 ASP A C   1 
ATOM   982  O O   . ASP A 1 147 ? -3.327  -5.371  -14.685 1.00 11.91 ? 147 ASP A O   1 
ATOM   983  C CB  . ASP A 1 147 ? -0.858  -4.462  -13.589 1.00 9.50  ? 147 ASP A CB  1 
ATOM   984  C CG  . ASP A 1 147 ? 0.550   -4.982  -13.342 1.00 14.94 ? 147 ASP A CG  1 
ATOM   985  O OD1 . ASP A 1 147 ? 1.027   -4.973  -12.177 1.00 15.57 ? 147 ASP A OD1 1 
ATOM   986  O OD2 . ASP A 1 147 ? 1.194   -5.405  -14.327 1.00 19.83 ? 147 ASP A OD2 1 
ATOM   987  N N   . GLY A 1 148 ? -3.267  -3.716  -16.205 1.00 10.10 ? 148 GLY A N   1 
ATOM   988  C CA  . GLY A 1 148 ? -4.664  -3.897  -16.569 1.00 10.84 ? 148 GLY A CA  1 
ATOM   989  C C   . GLY A 1 148 ? -5.649  -3.609  -15.455 1.00 11.37 ? 148 GLY A C   1 
ATOM   990  O O   . GLY A 1 148 ? -6.674  -4.293  -15.350 1.00 9.29  ? 148 GLY A O   1 
ATOM   991  N N   . GLY A 1 149 ? -5.360  -2.617  -14.612 1.00 10.19 ? 149 GLY A N   1 
ATOM   992  C CA  . GLY A 1 149 ? -6.303  -2.208  -13.591 1.00 8.77  ? 149 GLY A CA  1 
ATOM   993  C C   . GLY A 1 149 ? -6.480  -3.186  -12.456 1.00 10.74 ? 149 GLY A C   1 
ATOM   994  O O   . GLY A 1 149 ? -7.501  -3.142  -11.761 1.00 10.38 ? 149 GLY A O   1 
ATOM   995  N N   . ARG A 1 150 ? -5.508  -4.062  -12.235 1.00 10.74 ? 150 ARG A N   1 
ATOM   996  C CA  . ARG A 1 150 ? -5.594  -5.015  -11.139 1.00 9.61  ? 150 ARG A CA  1 
ATOM   997  C C   . ARG A 1 150 ? -4.194  -5.356  -10.663 1.00 9.83  ? 150 ARG A C   1 
ATOM   998  O O   . ARG A 1 150 ? -3.198  -5.011  -11.297 1.00 7.16  ? 150 ARG A O   1 
ATOM   999  C CB  . ARG A 1 150 ? -6.325  -6.285  -11.568 1.00 10.58 ? 150 ARG A CB  1 
ATOM   1000 C CG  . ARG A 1 150 ? -5.581  -7.051  -12.631 1.00 10.96 ? 150 ARG A CG  1 
ATOM   1001 C CD  . ARG A 1 150 ? -6.165  -8.444  -12.820 1.00 12.97 ? 150 ARG A CD  1 
ATOM   1002 N NE  . ARG A 1 150 ? -6.281  -9.192  -11.561 1.00 14.27 ? 150 ARG A NE  1 
ATOM   1003 C CZ  . ARG A 1 150 ? -7.078  -10.244 -11.404 1.00 17.64 ? 150 ARG A CZ  1 
ATOM   1004 N NH1 . ARG A 1 150 ? -7.818  -10.657 -12.424 1.00 16.12 ? 150 ARG A NH1 1 
ATOM   1005 N NH2 . ARG A 1 150 ? -7.143  -10.886 -10.238 1.00 15.59 ? 150 ARG A NH2 1 
ATOM   1006 N N   . ILE A 1 151 ? -4.133  -6.027  -9.518  1.00 7.63  ? 151 ILE A N   1 
ATOM   1007 C CA  . ILE A 1 151 ? -2.918  -6.697  -9.070  1.00 6.55  ? 151 ILE A CA  1 
ATOM   1008 C C   . ILE A 1 151 ? -2.988  -8.114  -9.621  1.00 6.99  ? 151 ILE A C   1 
ATOM   1009 O O   . ILE A 1 151 ? -3.988  -8.812  -9.396  1.00 9.51  ? 151 ILE A O   1 
ATOM   1010 C CB  . ILE A 1 151 ? -2.796  -6.714  -7.537  1.00 5.80  ? 151 ILE A CB  1 
ATOM   1011 C CG1 . ILE A 1 151 ? -2.699  -5.297  -6.973  1.00 8.48  ? 151 ILE A CG1 1 
ATOM   1012 C CG2 . ILE A 1 151 ? -1.571  -7.542  -7.091  1.00 6.18  ? 151 ILE A CG2 1 
ATOM   1013 C CD1 . ILE A 1 151 ? -2.780  -5.275  -5.452  1.00 11.19 ? 151 ILE A CD1 1 
ATOM   1014 N N   . PRO A 1 152 ? -1.970  -8.569  -10.345 1.00 9.27  ? 152 PRO A N   1 
ATOM   1015 C CA  . PRO A 1 152 ? -2.010  -9.924  -10.914 1.00 13.38 ? 152 PRO A CA  1 
ATOM   1016 C C   . PRO A 1 152 ? -2.169  -10.988 -9.833  1.00 11.60 ? 152 PRO A C   1 
ATOM   1017 O O   . PRO A 1 152 ? -1.506  -10.948 -8.794  1.00 10.78 ? 152 PRO A O   1 
ATOM   1018 C CB  . PRO A 1 152 ? -0.657  -10.049 -11.625 1.00 16.84 ? 152 PRO A CB  1 
ATOM   1019 C CG  . PRO A 1 152 ? -0.214  -8.639  -11.875 1.00 16.07 ? 152 PRO A CG  1 
ATOM   1020 C CD  . PRO A 1 152 ? -0.760  -7.824  -10.733 1.00 9.73  ? 152 PRO A CD  1 
ATOM   1021 N N   . ASN A 1 153 ? -3.070  -11.941 -10.088 1.00 10.58 ? 153 ASN A N   1 
ATOM   1022 C CA  . ASN A 1 153 ? -3.290  -13.096 -9.208  1.00 12.21 ? 153 ASN A CA  1 
ATOM   1023 C C   . ASN A 1 153 ? -3.723  -12.680 -7.808  1.00 11.82 ? 153 ASN A C   1 
ATOM   1024 O O   . ASN A 1 153 ? -3.385  -13.333 -6.816  1.00 14.01 ? 153 ASN A O   1 
ATOM   1025 C CB  . ASN A 1 153 ? -2.049  -13.979 -9.139  1.00 14.53 ? 153 ASN A CB  1 
ATOM   1026 C CG  . ASN A 1 153 ? -1.537  -14.354 -10.512 1.00 23.08 ? 153 ASN A CG  1 
ATOM   1027 O OD1 . ASN A 1 153 ? -0.444  -13.956 -10.908 1.00 28.80 ? 153 ASN A OD1 1 
ATOM   1028 N ND2 . ASN A 1 153 ? -2.339  -15.105 -11.255 1.00 24.52 ? 153 ASN A ND2 1 
ATOM   1029 N N   . PHE A 1 154 ? -4.475  -11.594 -7.713  1.00 10.32 ? 154 PHE A N   1 
ATOM   1030 C CA  . PHE A 1 154 ? -5.024  -11.154 -6.441  1.00 10.49 ? 154 PHE A CA  1 
ATOM   1031 C C   . PHE A 1 154 ? -6.430  -10.639 -6.718  1.00 9.36  ? 154 PHE A C   1 
ATOM   1032 O O   . PHE A 1 154 ? -6.646  -9.976  -7.742  1.00 9.96  ? 154 PHE A O   1 
ATOM   1033 C CB  . PHE A 1 154 ? -4.155  -10.060 -5.807  1.00 9.73  ? 154 PHE A CB  1 
ATOM   1034 C CG  . PHE A 1 154 ? -4.564  -9.712  -4.421  1.00 9.96  ? 154 PHE A CG  1 
ATOM   1035 C CD1 . PHE A 1 154 ? -4.303  -10.583 -3.376  1.00 8.21  ? 154 PHE A CD1 1 
ATOM   1036 C CD2 . PHE A 1 154 ? -5.231  -8.519  -4.160  1.00 9.93  ? 154 PHE A CD2 1 
ATOM   1037 C CE1 . PHE A 1 154 ? -4.700  -10.273 -2.085  1.00 6.87  ? 154 PHE A CE1 1 
ATOM   1038 C CE2 . PHE A 1 154 ? -5.631  -8.204  -2.885  1.00 7.16  ? 154 PHE A CE2 1 
ATOM   1039 C CZ  . PHE A 1 154 ? -5.357  -9.081  -1.841  1.00 9.12  ? 154 PHE A CZ  1 
ATOM   1040 N N   . PRO A 1 155 ? -7.403  -10.938 -5.848  1.00 7.09  ? 155 PRO A N   1 
ATOM   1041 C CA  . PRO A 1 155 ? -8.811  -10.678 -6.186  1.00 11.71 ? 155 PRO A CA  1 
ATOM   1042 C C   . PRO A 1 155 ? -9.108  -9.204  -6.415  1.00 9.68  ? 155 PRO A C   1 
ATOM   1043 O O   . PRO A 1 155 ? -8.724  -8.336  -5.623  1.00 7.83  ? 155 PRO A O   1 
ATOM   1044 C CB  . PRO A 1 155 ? -9.568  -11.210 -4.963  1.00 9.22  ? 155 PRO A CB  1 
ATOM   1045 C CG  . PRO A 1 155 ? -8.696  -12.246 -4.420  1.00 10.50 ? 155 PRO A CG  1 
ATOM   1046 C CD  . PRO A 1 155 ? -7.286  -11.753 -4.627  1.00 7.75  ? 155 PRO A CD  1 
ATOM   1047 N N   . THR A 1 156 ? -9.844  -8.933  -7.494  1.00 8.31  ? 156 THR A N   1 
ATOM   1048 C CA  . THR A 1 156 ? -10.213 -7.556  -7.781  1.00 10.71 ? 156 THR A CA  1 
ATOM   1049 C C   . THR A 1 156 ? -11.173 -7.001  -6.736  1.00 9.72  ? 156 THR A C   1 
ATOM   1050 O O   . THR A 1 156 ? -11.175 -5.795  -6.490  1.00 10.82 ? 156 THR A O   1 
ATOM   1051 C CB  . THR A 1 156 ? -10.810 -7.452  -9.185  1.00 13.32 ? 156 THR A CB  1 
ATOM   1052 O OG1 . THR A 1 156 ? -11.960 -8.293  -9.281  1.00 14.60 ? 156 THR A OG1 1 
ATOM   1053 C CG2 . THR A 1 156 ? -9.788  -7.875  -10.232 1.00 14.41 ? 156 THR A CG2 1 
ATOM   1054 N N   . ASP A 1 157 ? -11.972 -7.839  -6.085  1.00 9.84  ? 157 ASP A N   1 
ATOM   1055 C CA  . ASP A 1 157 ? -12.852 -7.243  -5.082  1.00 13.35 ? 157 ASP A CA  1 
ATOM   1056 C C   . ASP A 1 157 ? -12.146 -6.989  -3.752  1.00 9.82  ? 157 ASP A C   1 
ATOM   1057 O O   . ASP A 1 157 ? -12.783 -6.490  -2.817  1.00 9.97  ? 157 ASP A O   1 
ATOM   1058 C CB  . ASP A 1 157 ? -14.110 -8.096  -4.894  1.00 20.49 ? 157 ASP A CB  1 
ATOM   1059 C CG  . ASP A 1 157 ? -13.930 -9.210  -3.893  1.00 24.58 ? 157 ASP A CG  1 
ATOM   1060 O OD1 . ASP A 1 157 ? -12.832 -9.804  -3.834  1.00 25.70 ? 157 ASP A OD1 1 
ATOM   1061 O OD2 . ASP A 1 157 ? -14.912 -9.504  -3.173  1.00 33.81 ? 157 ASP A OD2 1 
ATOM   1062 N N   . LYS A 1 158 ? -10.850 -7.294  -3.656  1.00 7.30  ? 158 LYS A N   1 
ATOM   1063 C CA  . LYS A 1 158 ? -10.010 -6.865  -2.542  1.00 6.42  ? 158 LYS A CA  1 
ATOM   1064 C C   . LYS A 1 158 ? -8.984  -5.827  -2.985  1.00 5.12  ? 158 LYS A C   1 
ATOM   1065 O O   . LYS A 1 158 ? -8.011  -5.564  -2.270  1.00 7.17  ? 158 LYS A O   1 
ATOM   1066 C CB  . LYS A 1 158 ? -9.320  -8.073  -1.892  1.00 8.75  ? 158 LYS A CB  1 
ATOM   1067 C CG  . LYS A 1 158 ? -10.315 -9.035  -1.260  1.00 9.49  ? 158 LYS A CG  1 
ATOM   1068 C CD  . LYS A 1 158 ? -9.644  -9.942  -0.217  1.00 11.05 ? 158 LYS A CD  1 
ATOM   1069 C CE  . LYS A 1 158 ? -8.601  -10.827 -0.869  1.00 8.71  ? 158 LYS A CE  1 
ATOM   1070 N NZ  . LYS A 1 158 ? -8.142  -11.894 0.102   1.00 9.92  ? 158 LYS A NZ  1 
ATOM   1071 N N   . THR A 1 159 ? -9.204  -5.215  -4.146  1.00 4.40  ? 159 THR A N   1 
ATOM   1072 C CA  . THR A 1 159 ? -8.278  -4.251  -4.735  1.00 6.05  ? 159 THR A CA  1 
ATOM   1073 C C   . THR A 1 159 ? -9.037  -2.965  -5.025  1.00 7.84  ? 159 THR A C   1 
ATOM   1074 O O   . THR A 1 159 ? -10.124 -3.006  -5.607  1.00 8.19  ? 159 THR A O   1 
ATOM   1075 C CB  . THR A 1 159 ? -7.658  -4.811  -6.021  1.00 8.39  ? 159 THR A CB  1 
ATOM   1076 O OG1 . THR A 1 159 ? -7.034  -6.067  -5.733  1.00 7.92  ? 159 THR A OG1 1 
ATOM   1077 C CG2 . THR A 1 159 ? -6.614  -3.846  -6.589  1.00 11.61 ? 159 THR A CG2 1 
ATOM   1078 N N   . ASN A 1 160 ? -8.487  -1.830  -4.594  1.00 4.96  ? 160 ASN A N   1 
ATOM   1079 C CA  . ASN A 1 160 ? -9.109  -0.525  -4.805  1.00 5.88  ? 160 ASN A CA  1 
ATOM   1080 C C   . ASN A 1 160 ? -8.041  0.384   -5.398  1.00 4.71  ? 160 ASN A C   1 
ATOM   1081 O O   . ASN A 1 160 ? -7.272  0.992   -4.659  1.00 5.57  ? 160 ASN A O   1 
ATOM   1082 C CB  . ASN A 1 160 ? -9.669  0.047   -3.492  1.00 5.84  ? 160 ASN A CB  1 
ATOM   1083 C CG  . ASN A 1 160 ? -10.438 1.342   -3.706  1.00 9.45  ? 160 ASN A CG  1 
ATOM   1084 O OD1 . ASN A 1 160 ? -10.568 1.815   -4.840  1.00 9.19  ? 160 ASN A OD1 1 
ATOM   1085 N ND2 . ASN A 1 160 ? -10.942 1.928   -2.614  1.00 11.47 ? 160 ASN A ND2 1 
ATOM   1086 N N   . ILE A 1 161 ? -7.992  0.476   -6.721  1.00 5.16  ? 161 ILE A N   1 
ATOM   1087 C CA  . ILE A 1 161 ? -7.067  1.384   -7.388  1.00 6.14  ? 161 ILE A CA  1 
ATOM   1088 C C   . ILE A 1 161 ? -7.778  2.721   -7.535  1.00 7.56  ? 161 ILE A C   1 
ATOM   1089 O O   . ILE A 1 161 ? -8.844  2.803   -8.155  1.00 6.83  ? 161 ILE A O   1 
ATOM   1090 C CB  . ILE A 1 161 ? -6.625  0.821   -8.743  1.00 5.76  ? 161 ILE A CB  1 
ATOM   1091 C CG1 . ILE A 1 161 ? -5.835  -0.471  -8.514  1.00 10.40 ? 161 ILE A CG1 1 
ATOM   1092 C CG2 . ILE A 1 161 ? -5.807  1.852   -9.493  1.00 9.91  ? 161 ILE A CG2 1 
ATOM   1093 C CD1 . ILE A 1 161 ? -5.513  -1.208  -9.790  1.00 12.38 ? 161 ILE A CD1 1 
ATOM   1094 N N   . ILE A 1 162 ? -7.236  3.754   -6.897  1.00 6.78  ? 162 ILE A N   1 
ATOM   1095 C CA  . ILE A 1 162 ? -7.889  5.057   -6.814  1.00 9.17  ? 162 ILE A CA  1 
ATOM   1096 C C   . ILE A 1 162 ? -7.127  6.027   -7.700  1.00 10.88 ? 162 ILE A C   1 
ATOM   1097 O O   . ILE A 1 162 ? -5.978  6.384   -7.405  1.00 9.69  ? 162 ILE A O   1 
ATOM   1098 C CB  . ILE A 1 162 ? -7.956  5.559   -5.370  1.00 7.54  ? 162 ILE A CB  1 
ATOM   1099 C CG1 . ILE A 1 162 ? -8.663  4.521   -4.501  1.00 10.76 ? 162 ILE A CG1 1 
ATOM   1100 C CG2 . ILE A 1 162 ? -8.599  6.969   -5.309  1.00 10.70 ? 162 ILE A CG2 1 
ATOM   1101 C CD1 . ILE A 1 162 ? -8.551  4.801   -3.016  1.00 11.01 ? 162 ILE A CD1 1 
ATOM   1102 N N   . CYS A 1 163 ? -7.780  6.469   -8.772  1.00 9.20  ? 163 CYS A N   1 
ATOM   1103 C CA  . CYS A 1 163 ? -7.178  7.327   -9.785  1.00 12.79 ? 163 CYS A CA  1 
ATOM   1104 C C   . CYS A 1 163 ? -7.993  8.606   -9.870  1.00 12.73 ? 163 CYS A C   1 
ATOM   1105 O O   . CYS A 1 163 ? -9.175  8.565   -10.227 1.00 17.75 ? 163 CYS A O   1 
ATOM   1106 C CB  . CYS A 1 163 ? -7.146  6.634   -11.149 1.00 15.49 ? 163 CYS A CB  1 
ATOM   1107 S SG  . CYS A 1 163 ? -6.298  5.049   -11.151 1.00 23.25 ? 163 CYS A SG  1 
ATOM   1108 N N   . ASN A 1 164 ? -7.367  9.734   -9.542  1.00 10.05 ? 164 ASN A N   1 
ATOM   1109 C CA  . ASN A 1 164 ? -8.064  11.009  -9.624  1.00 10.83 ? 164 ASN A CA  1 
ATOM   1110 C C   . ASN A 1 164 ? -8.311  11.377  -11.085 1.00 13.29 ? 164 ASN A C   1 
ATOM   1111 O O   . ASN A 1 164 ? -7.473  11.102  -11.945 1.00 12.37 ? 164 ASN A O   1 
ATOM   1112 C CB  . ASN A 1 164 ? -7.255  12.125  -8.967  1.00 9.63  ? 164 ASN A CB  1 
ATOM   1113 C CG  . ASN A 1 164 ? -7.390  12.150  -7.466  1.00 12.10 ? 164 ASN A CG  1 
ATOM   1114 O OD1 . ASN A 1 164 ? -8.339  11.599  -6.891  1.00 14.82 ? 164 ASN A OD1 1 
ATOM   1115 N ND2 . ASN A 1 164 ? -6.437  12.804  -6.812  1.00 10.79 ? 164 ASN A ND2 1 
ATOM   1116 N N   . PRO A 1 165 ? -9.438  11.996  -11.390 1.00 12.78 ? 165 PRO A N   1 
ATOM   1117 C CA  . PRO A 1 165 ? -9.621  12.591  -12.721 1.00 15.98 ? 165 PRO A CA  1 
ATOM   1118 C C   . PRO A 1 165 ? -8.443  13.477  -13.092 1.00 10.40 ? 165 PRO A C   1 
ATOM   1119 O O   . PRO A 1 165 ? -8.078  14.388  -12.346 1.00 13.19 ? 165 PRO A O   1 
ATOM   1120 C CB  . PRO A 1 165 ? -10.917 13.401  -12.575 1.00 17.31 ? 165 PRO A CB  1 
ATOM   1121 C CG  . PRO A 1 165 ? -11.654 12.731  -11.443 1.00 16.78 ? 165 PRO A CG  1 
ATOM   1122 C CD  . PRO A 1 165 ? -10.592 12.216  -10.501 1.00 13.29 ? 165 PRO A CD  1 
ATOM   1123 N N   . GLY A 1 166 ? -7.814  13.195  -14.228 1.00 12.89 ? 166 GLY A N   1 
ATOM   1124 C CA  . GLY A 1 166 ? -6.682  13.979  -14.677 1.00 16.21 ? 166 GLY A CA  1 
ATOM   1125 C C   . GLY A 1 166 ? -5.324  13.511  -14.195 1.00 12.67 ? 166 GLY A C   1 
ATOM   1126 O O   . GLY A 1 166 ? -4.311  14.068  -14.630 1.00 11.61 ? 166 GLY A O   1 
ATOM   1127 N N   . ASP A 1 167 ? -5.256  12.511  -13.310 1.00 12.02 ? 167 ASP A N   1 
ATOM   1128 C CA  . ASP A 1 167 ? -3.965  11.939  -12.916 1.00 8.91  ? 167 ASP A CA  1 
ATOM   1129 C C   . ASP A 1 167 ? -3.488  10.984  -14.005 1.00 9.58  ? 167 ASP A C   1 
ATOM   1130 O O   . ASP A 1 167 ? -3.789  9.785   -14.013 1.00 11.45 ? 167 ASP A O   1 
ATOM   1131 C CB  . ASP A 1 167 ? -4.051  11.229  -11.566 1.00 8.87  ? 167 ASP A CB  1 
ATOM   1132 C CG  . ASP A 1 167 ? -2.686  10.804  -11.057 1.00 9.62  ? 167 ASP A CG  1 
ATOM   1133 O OD1 . ASP A 1 167 ? -1.678  11.007  -11.794 1.00 9.21  ? 167 ASP A OD1 1 
ATOM   1134 O OD2 . ASP A 1 167 ? -2.607  10.275  -9.924  1.00 9.75  ? 167 ASP A OD2 1 
ATOM   1135 N N   . LEU A 1 168 ? -2.678  11.517  -14.910 1.00 10.22 ? 168 LEU A N   1 
ATOM   1136 C CA  . LEU A 1 168 ? -2.212  10.746  -16.055 1.00 11.71 ? 168 LEU A CA  1 
ATOM   1137 C C   . LEU A 1 168 ? -1.192  9.663   -15.704 1.00 10.59 ? 168 LEU A C   1 
ATOM   1138 O O   . LEU A 1 168 ? -0.850  8.880   -16.588 1.00 10.11 ? 168 LEU A O   1 
ATOM   1139 C CB  . LEU A 1 168 ? -1.632  11.701  -17.097 1.00 10.37 ? 168 LEU A CB  1 
ATOM   1140 C CG  . LEU A 1 168 ? -2.629  12.784  -17.509 1.00 15.49 ? 168 LEU A CG  1 
ATOM   1141 C CD1 . LEU A 1 168 ? -1.948  13.915  -18.268 1.00 20.25 ? 168 LEU A CD1 1 
ATOM   1142 C CD2 . LEU A 1 168 ? -3.755  12.191  -18.330 1.00 21.74 ? 168 LEU A CD2 1 
ATOM   1143 N N   . VAL A 1 169 ? -0.695  9.565   -14.463 1.00 9.27  ? 169 VAL A N   1 
ATOM   1144 C CA  . VAL A 1 169 ? 0.243   8.466   -14.223 1.00 9.51  ? 169 VAL A CA  1 
ATOM   1145 C C   . VAL A 1 169 ? -0.477  7.129   -14.280 1.00 11.23 ? 169 VAL A C   1 
ATOM   1146 O O   . VAL A 1 169 ? 0.166   6.088   -14.458 1.00 10.56 ? 169 VAL A O   1 
ATOM   1147 C CB  . VAL A 1 169 ? 1.025   8.587   -12.894 1.00 14.31 ? 169 VAL A CB  1 
ATOM   1148 C CG1 . VAL A 1 169 ? 1.540   10.016  -12.682 1.00 10.09 ? 169 VAL A CG1 1 
ATOM   1149 C CG2 . VAL A 1 169 ? 0.203   8.086   -11.704 1.00 14.68 ? 169 VAL A CG2 1 
ATOM   1150 N N   . CYS A 1 170 ? -1.797  7.133   -14.137 1.00 13.09 ? 170 CYS A N   1 
ATOM   1151 C CA  . CYS A 1 170 ? -2.582  5.911   -14.202 1.00 12.88 ? 170 CYS A CA  1 
ATOM   1152 C C   . CYS A 1 170 ? -2.861  5.475   -15.631 1.00 15.95 ? 170 CYS A C   1 
ATOM   1153 O O   . CYS A 1 170 ? -3.550  4.471   -15.829 1.00 15.10 ? 170 CYS A O   1 
ATOM   1154 C CB  . CYS A 1 170 ? -3.894  6.107   -13.449 1.00 13.44 ? 170 CYS A CB  1 
ATOM   1155 S SG  . CYS A 1 170 ? -3.628  6.685   -11.743 1.00 18.36 ? 170 CYS A SG  1 
ATOM   1156 N N   . ASP A 1 171 ? -2.333  6.195   -16.619 1.00 13.24 ? 171 ASP A N   1 
ATOM   1157 C CA  . ASP A 1 171 ? -2.595  5.918   -18.025 1.00 15.83 ? 171 ASP A CA  1 
ATOM   1158 C C   . ASP A 1 171 ? -1.378  5.370   -18.767 1.00 17.80 ? 171 ASP A C   1 
ATOM   1159 O O   . ASP A 1 171 ? -1.395  5.314   -20.001 1.00 17.69 ? 171 ASP A O   1 
ATOM   1160 C CB  . ASP A 1 171 ? -3.111  7.183   -18.710 1.00 16.59 ? 171 ASP A CB  1 
ATOM   1161 C CG  . ASP A 1 171 ? -4.431  7.666   -18.119 1.00 22.19 ? 171 ASP A CG  1 
ATOM   1162 O OD1 . ASP A 1 171 ? -5.036  6.924   -17.319 1.00 25.88 ? 171 ASP A OD1 1 
ATOM   1163 O OD2 . ASP A 1 171 ? -4.864  8.789   -18.452 1.00 32.45 ? 171 ASP A OD2 1 
ATOM   1164 N N   . GLY A 1 172 ? -0.326  4.966   -18.060 1.00 13.67 ? 172 GLY A N   1 
ATOM   1165 C CA  . GLY A 1 172 ? 0.761   4.226   -18.671 1.00 14.88 ? 172 GLY A CA  1 
ATOM   1166 C C   . GLY A 1 172 ? 2.084   4.954   -18.785 1.00 17.12 ? 172 GLY A C   1 
ATOM   1167 O O   . GLY A 1 172 ? 3.094   4.307   -19.096 1.00 21.26 ? 172 GLY A O   1 
ATOM   1168 N N   . THR A 1 173 ? 2.128   6.266   -18.564 1.00 18.16 ? 173 THR A N   1 
ATOM   1169 C CA  . THR A 1 173 ? 3.384   7.006   -18.558 1.00 18.61 ? 173 THR A CA  1 
ATOM   1170 C C   . THR A 1 173 ? 3.415   7.897   -17.325 1.00 15.28 ? 173 THR A C   1 
ATOM   1171 O O   . THR A 1 173 ? 2.409   8.081   -16.647 1.00 15.96 ? 173 THR A O   1 
ATOM   1172 C CB  . THR A 1 173 ? 3.572   7.847   -19.835 1.00 21.98 ? 173 THR A CB  1 
ATOM   1173 O OG1 . THR A 1 173 ? 2.437   8.697   -20.013 1.00 22.68 ? 173 THR A OG1 1 
ATOM   1174 C CG2 . THR A 1 173 ? 3.724   6.941   -21.061 1.00 23.35 ? 173 THR A CG2 1 
ATOM   1175 N N   . LEU A 1 174 ? 4.587   8.441   -17.017 1.00 13.92 ? 174 LEU A N   1 
ATOM   1176 C CA  . LEU A 1 174 ? 4.748   9.220   -15.792 1.00 10.78 ? 174 LEU A CA  1 
ATOM   1177 C C   . LEU A 1 174 ? 4.603   10.710  -16.096 1.00 13.86 ? 174 LEU A C   1 
ATOM   1178 O O   . LEU A 1 174 ? 5.552   11.494  -16.013 1.00 13.46 ? 174 LEU A O   1 
ATOM   1179 C CB  . LEU A 1 174 ? 6.092   8.900   -15.136 1.00 13.39 ? 174 LEU A CB  1 
ATOM   1180 C CG  . LEU A 1 174 ? 6.180   9.097   -13.618 1.00 16.11 ? 174 LEU A CG  1 
ATOM   1181 C CD1 . LEU A 1 174 ? 5.183   8.200   -12.901 1.00 18.27 ? 174 LEU A CD1 1 
ATOM   1182 C CD2 . LEU A 1 174 ? 7.589   8.824   -13.120 1.00 18.31 ? 174 LEU A CD2 1 
ATOM   1183 N N   . ILE A 1 175 ? 3.376   11.092  -16.444 1.00 11.03 ? 175 ILE A N   1 
ATOM   1184 C CA  . ILE A 1 175 ? 3.015   12.491  -16.648 1.00 9.65  ? 175 ILE A CA  1 
ATOM   1185 C C   . ILE A 1 175 ? 2.459   13.032  -15.333 1.00 13.76 ? 175 ILE A C   1 
ATOM   1186 O O   . ILE A 1 175 ? 1.339   12.700  -14.934 1.00 13.49 ? 175 ILE A O   1 
ATOM   1187 C CB  . ILE A 1 175 ? 1.999   12.644  -17.786 1.00 17.12 ? 175 ILE A CB  1 
ATOM   1188 N N   . LEU A 1 176 ? 3.246   13.858  -14.651 1.00 11.08 ? 176 LEU A N   1 
ATOM   1189 C CA  . LEU A 1 176 ? 2.842   14.411  -13.366 1.00 10.15 ? 176 LEU A CA  1 
ATOM   1190 C C   . LEU A 1 176 ? 2.009   15.669  -13.578 1.00 10.78 ? 176 LEU A C   1 
ATOM   1191 O O   . LEU A 1 176 ? 2.377   16.549  -14.370 1.00 11.12 ? 176 LEU A O   1 
ATOM   1192 C CB  . LEU A 1 176 ? 4.060   14.722  -12.500 1.00 11.30 ? 176 LEU A CB  1 
ATOM   1193 C CG  . LEU A 1 176 ? 4.930   13.529  -12.111 1.00 13.78 ? 176 LEU A CG  1 
ATOM   1194 C CD1 . LEU A 1 176 ? 6.073   13.971  -11.213 1.00 15.22 ? 176 LEU A CD1 1 
ATOM   1195 C CD2 . LEU A 1 176 ? 4.098   12.446  -11.433 1.00 14.97 ? 176 LEU A CD2 1 
ATOM   1196 N N   . THR A 1 177 ? 0.881   15.738  -12.878 1.00 8.64  ? 177 THR A N   1 
ATOM   1197 C CA  . THR A 1 177 ? -0.012  16.885  -12.897 1.00 10.80 ? 177 THR A CA  1 
ATOM   1198 C C   . THR A 1 177 ? -0.411  17.180  -11.459 1.00 11.82 ? 177 THR A C   1 
ATOM   1199 O O   . THR A 1 177 ? -0.142  16.390  -10.546 1.00 10.09 ? 177 THR A O   1 
ATOM   1200 C CB  . THR A 1 177 ? -1.273  16.631  -13.748 1.00 13.10 ? 177 THR A CB  1 
ATOM   1201 O OG1 . THR A 1 177 ? -2.094  15.649  -13.096 1.00 13.46 ? 177 THR A OG1 1 
ATOM   1202 C CG2 . THR A 1 177 ? -0.910  16.127  -15.127 1.00 9.82  ? 177 THR A CG2 1 
ATOM   1203 N N   . ALA A 1 178 ? -1.072  18.323  -11.260 1.00 9.45  ? 178 ALA A N   1 
ATOM   1204 C CA  . ALA A 1 178 ? -1.521  18.671  -9.913  1.00 11.92 ? 178 ALA A CA  1 
ATOM   1205 C C   . ALA A 1 178 ? -2.422  17.592  -9.326  1.00 8.93  ? 178 ALA A C   1 
ATOM   1206 O O   . ALA A 1 178 ? -2.409  17.366  -8.111  1.00 10.64 ? 178 ALA A O   1 
ATOM   1207 C CB  . ALA A 1 178 ? -2.258  20.011  -9.938  1.00 13.59 ? 178 ALA A CB  1 
ATOM   1208 N N   . ALA A 1 179 ? -3.197  16.914  -10.172 1.00 8.70  ? 179 ALA A N   1 
ATOM   1209 C CA  . ALA A 1 179 ? -4.146  15.911  -9.699  1.00 11.27 ? 179 ALA A CA  1 
ATOM   1210 C C   . ALA A 1 179 ? -3.459  14.715  -9.060  1.00 11.47 ? 179 ALA A C   1 
ATOM   1211 O O   . ALA A 1 179 ? -4.118  13.933  -8.371  1.00 8.67  ? 179 ALA A O   1 
ATOM   1212 C CB  . ALA A 1 179 ? -5.032  15.429  -10.856 1.00 9.64  ? 179 ALA A CB  1 
ATOM   1213 N N   . HIS A 1 180 ? -2.164  14.531  -9.293  1.00 6.54  ? 180 HIS A N   1 
ATOM   1214 C CA  . HIS A 1 180 ? -1.464  13.422  -8.663  1.00 8.48  ? 180 HIS A CA  1 
ATOM   1215 C C   . HIS A 1 180 ? -1.185  13.657  -7.182  1.00 7.78  ? 180 HIS A C   1 
ATOM   1216 O O   . HIS A 1 180 ? -0.784  12.714  -6.496  1.00 8.66  ? 180 HIS A O   1 
ATOM   1217 C CB  . HIS A 1 180 ? -0.150  13.150  -9.406  1.00 8.38  ? 180 HIS A CB  1 
ATOM   1218 C CG  . HIS A 1 180 ? 0.557   11.897  -8.969  1.00 8.61  ? 180 HIS A CG  1 
ATOM   1219 N ND1 . HIS A 1 180 ? -0.019  10.645  -9.053  1.00 8.40  ? 180 HIS A ND1 1 
ATOM   1220 C CD2 . HIS A 1 180 ? 1.800   11.705  -8.466  1.00 9.94  ? 180 HIS A CD2 1 
ATOM   1221 C CE1 . HIS A 1 180 ? 0.835   9.739   -8.615  1.00 8.01  ? 180 HIS A CE1 1 
ATOM   1222 N NE2 . HIS A 1 180 ? 1.947   10.355  -8.251  1.00 10.32 ? 180 HIS A NE2 1 
ATOM   1223 N N   . PHE A 1 181 ? -1.429  14.867  -6.671  1.00 6.70  ? 181 PHE A N   1 
ATOM   1224 C CA  . PHE A 1 181 ? -1.019  15.260  -5.327  1.00 9.11  ? 181 PHE A CA  1 
ATOM   1225 C C   . PHE A 1 181 ? -2.205  15.648  -4.456  1.00 11.45 ? 181 PHE A C   1 
ATOM   1226 O O   . PHE A 1 181 ? -2.043  16.344  -3.446  1.00 12.46 ? 181 PHE A O   1 
ATOM   1227 C CB  . PHE A 1 181 ? -0.001  16.397  -5.429  1.00 10.67 ? 181 PHE A CB  1 
ATOM   1228 C CG  . PHE A 1 181 ? 1.206   16.014  -6.224  1.00 9.44  ? 181 PHE A CG  1 
ATOM   1229 C CD1 . PHE A 1 181 ? 2.231   15.304  -5.634  1.00 11.03 ? 181 PHE A CD1 1 
ATOM   1230 C CD2 . PHE A 1 181 ? 1.290   16.309  -7.580  1.00 10.28 ? 181 PHE A CD2 1 
ATOM   1231 C CE1 . PHE A 1 181 ? 3.341   14.909  -6.364  1.00 12.86 ? 181 PHE A CE1 1 
ATOM   1232 C CE2 . PHE A 1 181 ? 2.403   15.918  -8.320  1.00 10.18 ? 181 PHE A CE2 1 
ATOM   1233 C CZ  . PHE A 1 181 ? 3.428   15.208  -7.706  1.00 10.27 ? 181 PHE A CZ  1 
ATOM   1234 N N   . THR A 1 182 ? -3.399  15.193  -4.821  1.00 7.56  ? 182 THR A N   1 
ATOM   1235 C CA  . THR A 1 182 ? -4.612  15.511  -4.085  1.00 10.23 ? 182 THR A CA  1 
ATOM   1236 C C   . THR A 1 182 ? -5.267  14.274  -3.476  1.00 9.52  ? 182 THR A C   1 
ATOM   1237 O O   . THR A 1 182 ? -6.472  14.294  -3.210  1.00 9.63  ? 182 THR A O   1 
ATOM   1238 C CB  . THR A 1 182 ? -5.596  16.231  -5.003  1.00 11.56 ? 182 THR A CB  1 
ATOM   1239 O OG1 . THR A 1 182 ? -5.868  15.401  -6.133  1.00 11.45 ? 182 THR A OG1 1 
ATOM   1240 C CG2 . THR A 1 182 ? -5.007  17.546  -5.477  1.00 12.33 ? 182 THR A CG2 1 
ATOM   1241 N N   . TYR A 1 183 ? -4.510  13.197  -3.238  1.00 7.63  ? 183 TYR A N   1 
ATOM   1242 C CA  . TYR A 1 183 ? -5.140  11.967  -2.768  1.00 7.88  ? 183 TYR A CA  1 
ATOM   1243 C C   . TYR A 1 183 ? -5.554  12.027  -1.299  1.00 7.69  ? 183 TYR A C   1 
ATOM   1244 O O   . TYR A 1 183 ? -6.323  11.163  -0.853  1.00 6.43  ? 183 TYR A O   1 
ATOM   1245 C CB  . TYR A 1 183 ? -4.222  10.761  -3.048  1.00 6.20  ? 183 TYR A CB  1 
ATOM   1246 C CG  . TYR A 1 183 ? -4.294  10.426  -4.512  1.00 6.89  ? 183 TYR A CG  1 
ATOM   1247 C CD1 . TYR A 1 183 ? -5.395  9.755   -5.022  1.00 7.28  ? 183 TYR A CD1 1 
ATOM   1248 C CD2 . TYR A 1 183 ? -3.320  10.858  -5.396  1.00 6.99  ? 183 TYR A CD2 1 
ATOM   1249 C CE1 . TYR A 1 183 ? -5.512  9.470   -6.359  1.00 8.23  ? 183 TYR A CE1 1 
ATOM   1250 C CE2 . TYR A 1 183 ? -3.424  10.587  -6.754  1.00 7.64  ? 183 TYR A CE2 1 
ATOM   1251 C CZ  . TYR A 1 183 ? -4.522  9.895   -7.227  1.00 7.91  ? 183 TYR A CZ  1 
ATOM   1252 O OH  . TYR A 1 183 ? -4.640  9.621   -8.566  1.00 7.42  ? 183 TYR A OH  1 
ATOM   1253 N N   . GLY A 1 184 ? -5.118  13.050  -0.552  1.00 7.35  ? 184 GLY A N   1 
ATOM   1254 C CA  . GLY A 1 184 ? -5.707  13.281  0.756   1.00 10.33 ? 184 GLY A CA  1 
ATOM   1255 C C   . GLY A 1 184 ? -7.222  13.350  0.728   1.00 9.53  ? 184 GLY A C   1 
ATOM   1256 O O   . GLY A 1 184 ? -7.879  12.954  1.693   1.00 12.11 ? 184 GLY A O   1 
ATOM   1257 N N   . THR A 1 185 ? -7.802  13.858  -0.367  1.00 8.47  ? 185 THR A N   1 
ATOM   1258 C CA  . THR A 1 185 ? -9.257  13.925  -0.467  1.00 8.81  ? 185 THR A CA  1 
ATOM   1259 C C   . THR A 1 185 ? -9.901  12.574  -0.720  1.00 8.81  ? 185 THR A C   1 
ATOM   1260 O O   . THR A 1 185 ? -11.128 12.479  -0.643  1.00 10.15 ? 185 THR A O   1 
ATOM   1261 C CB  . THR A 1 185 ? -9.699  14.875  -1.589  1.00 12.73 ? 185 THR A CB  1 
ATOM   1262 O OG1 . THR A 1 185 ? -9.327  14.316  -2.859  1.00 11.79 ? 185 THR A OG1 1 
ATOM   1263 C CG2 . THR A 1 185 ? -9.082  16.244  -1.409  1.00 14.62 ? 185 THR A CG2 1 
ATOM   1264 N N   . ARG A 1 186 ? -9.118  11.538  -1.024  1.00 8.08  ? 186 ARG A N   1 
ATOM   1265 C CA  . ARG A 1 186 ? -9.656  10.219  -1.322  1.00 8.07  ? 186 ARG A CA  1 
ATOM   1266 C C   . ARG A 1 186 ? -9.508  9.257   -0.152  1.00 8.05  ? 186 ARG A C   1 
ATOM   1267 O O   . ARG A 1 186 ? -9.963  8.117   -0.244  1.00 8.85  ? 186 ARG A O   1 
ATOM   1268 C CB  . ARG A 1 186 ? -8.969  9.635   -2.561  1.00 7.76  ? 186 ARG A CB  1 
ATOM   1269 C CG  . ARG A 1 186 ? -8.980  10.547  -3.777  1.00 10.57 ? 186 ARG A CG  1 
ATOM   1270 C CD  . ARG A 1 186 ? -10.389 10.979  -4.146  1.00 9.78  ? 186 ARG A CD  1 
ATOM   1271 N NE  . ARG A 1 186 ? -11.225 9.855   -4.545  1.00 13.57 ? 186 ARG A NE  1 
ATOM   1272 C CZ  . ARG A 1 186 ? -11.165 9.250   -5.732  1.00 19.97 ? 186 ARG A CZ  1 
ATOM   1273 N NH1 . ARG A 1 186 ? -10.308 9.663   -6.666  1.00 17.61 ? 186 ARG A NH1 1 
ATOM   1274 N NH2 . ARG A 1 186 ? -11.974 8.233   -5.997  1.00 20.98 ? 186 ARG A NH2 1 
ATOM   1275 N N   . VAL A 1 187 ? -8.881  9.696   0.939   1.00 6.90  ? 187 VAL A N   1 
ATOM   1276 C CA  . VAL A 1 187 ? -8.634  8.804   2.063   1.00 5.98  ? 187 VAL A CA  1 
ATOM   1277 C C   . VAL A 1 187 ? -9.944  8.377   2.716   1.00 7.28  ? 187 VAL A C   1 
ATOM   1278 O O   . VAL A 1 187 ? -10.095 7.219   3.118   1.00 9.08  ? 187 VAL A O   1 
ATOM   1279 C CB  . VAL A 1 187 ? -7.679  9.473   3.070   1.00 7.38  ? 187 VAL A CB  1 
ATOM   1280 C CG1 . VAL A 1 187 ? -7.661  8.702   4.386   1.00 7.63  ? 187 VAL A CG1 1 
ATOM   1281 C CG2 . VAL A 1 187 ? -6.260  9.578   2.480   1.00 8.04  ? 187 VAL A CG2 1 
ATOM   1282 N N   . ARG A 1 188 ? -10.908 9.301   2.864   1.00 7.36  ? 188 ARG A N   1 
ATOM   1283 C CA  . ARG A 1 188 ? -12.168 8.932   3.514   1.00 9.78  ? 188 ARG A CA  1 
ATOM   1284 C C   . ARG A 1 188 ? -12.863 7.816   2.743   1.00 10.38 ? 188 ARG A C   1 
ATOM   1285 O O   . ARG A 1 188 ? -13.328 6.831   3.331   1.00 8.65  ? 188 ARG A O   1 
ATOM   1286 C CB  . ARG A 1 188 ? -13.082 10.158  3.659   1.00 13.36 ? 188 ARG A CB  1 
ATOM   1287 C CG  . ARG A 1 188 ? -14.484 9.870   4.298   1.00 12.86 ? 188 ARG A CG  1 
ATOM   1288 C CD  . ARG A 1 188 ? -14.386 9.000   5.567   1.00 10.73 ? 188 ARG A CD  1 
ATOM   1289 N NE  . ARG A 1 188 ? -13.595 9.648   6.614   1.00 14.10 ? 188 ARG A NE  1 
ATOM   1290 C CZ  . ARG A 1 188 ? -13.128 9.036   7.692   1.00 14.19 ? 188 ARG A CZ  1 
ATOM   1291 N NH1 . ARG A 1 188 ? -13.362 7.739   7.879   1.00 15.62 ? 188 ARG A NH1 1 
ATOM   1292 N NH2 . ARG A 1 188 ? -12.411 9.717   8.582   1.00 18.61 ? 188 ARG A NH2 1 
ATOM   1293 N N   . GLY A 1 189 ? -12.924 7.946   1.415   1.00 10.11 ? 189 GLY A N   1 
ATOM   1294 C CA  . GLY A 1 189 ? -13.508 6.895   0.601   1.00 8.64  ? 189 GLY A CA  1 
ATOM   1295 C C   . GLY A 1 189 ? -12.738 5.594   0.687   1.00 7.78  ? 189 GLY A C   1 
ATOM   1296 O O   . GLY A 1 189 ? -13.331 4.515   0.710   1.00 9.22  ? 189 GLY A O   1 
ATOM   1297 N N   . ALA A 1 190 ? -11.404 5.676   0.710   1.00 7.63  ? 190 ALA A N   1 
ATOM   1298 C CA  . ALA A 1 190 ? -10.584 4.475   0.853   1.00 8.14  ? 190 ALA A CA  1 
ATOM   1299 C C   . ALA A 1 190 ? -10.902 3.738   2.152   1.00 6.79  ? 190 ALA A C   1 
ATOM   1300 O O   . ALA A 1 190 ? -11.030 2.507   2.167   1.00 6.42  ? 190 ALA A O   1 
ATOM   1301 C CB  . ALA A 1 190 ? -9.104  4.854   0.791   1.00 8.43  ? 190 ALA A CB  1 
ATOM   1302 N N   . VAL A 1 191 ? -11.047 4.479   3.249   1.00 6.84  ? 191 VAL A N   1 
ATOM   1303 C CA  . VAL A 1 191 ? -11.263 3.831   4.538   1.00 8.56  ? 191 VAL A CA  1 
ATOM   1304 C C   . VAL A 1 191 ? -12.693 3.304   4.644   1.00 11.20 ? 191 VAL A C   1 
ATOM   1305 O O   . VAL A 1 191 ? -12.922 2.223   5.199   1.00 9.05  ? 191 VAL A O   1 
ATOM   1306 C CB  . VAL A 1 191 ? -10.904 4.804   5.678   1.00 8.05  ? 191 VAL A CB  1 
ATOM   1307 C CG1 . VAL A 1 191 ? -11.270 4.214   7.044   1.00 12.75 ? 191 VAL A CG1 1 
ATOM   1308 C CG2 . VAL A 1 191 ? -9.427  5.098   5.649   1.00 8.27  ? 191 VAL A CG2 1 
ATOM   1309 N N   . ASP A 1 192 ? -13.673 4.038   4.092   1.00 8.81  ? 192 ASP A N   1 
ATOM   1310 C CA  . ASP A 1 192 ? -15.032 3.499   3.964   1.00 10.34 ? 192 ASP A CA  1 
ATOM   1311 C C   . ASP A 1 192 ? -15.026 2.143   3.252   1.00 9.82  ? 192 ASP A C   1 
ATOM   1312 O O   . ASP A 1 192 ? -15.707 1.201   3.673   1.00 10.14 ? 192 ASP A O   1 
ATOM   1313 C CB  . ASP A 1 192 ? -15.936 4.478   3.194   1.00 10.07 ? 192 ASP A CB  1 
ATOM   1314 C CG  . ASP A 1 192 ? -16.245 5.772   3.970   1.00 19.61 ? 192 ASP A CG  1 
ATOM   1315 O OD1 . ASP A 1 192 ? -16.139 5.788   5.209   1.00 22.62 ? 192 ASP A OD1 1 
ATOM   1316 O OD2 . ASP A 1 192 ? -16.616 6.783   3.326   1.00 22.04 ? 192 ASP A OD2 1 
ATOM   1317 N N   . TRP A 1 193 ? -14.269 2.042   2.158   1.00 7.87  ? 193 TRP A N   1 
ATOM   1318 C CA  . TRP A 1 193 ? -14.172 0.806   1.390   1.00 9.16  ? 193 TRP A CA  1 
ATOM   1319 C C   . TRP A 1 193 ? -13.524 -0.295  2.218   1.00 7.79  ? 193 TRP A C   1 
ATOM   1320 O O   . TRP A 1 193 ? -14.009 -1.434  2.247   1.00 5.73  ? 193 TRP A O   1 
ATOM   1321 C CB  . TRP A 1 193 ? -13.384 1.100   0.107   1.00 7.85  ? 193 TRP A CB  1 
ATOM   1322 C CG  . TRP A 1 193 ? -13.166 -0.051  -0.833  1.00 7.64  ? 193 TRP A CG  1 
ATOM   1323 C CD1 . TRP A 1 193 ? -13.984 -0.452  -1.843  1.00 7.97  ? 193 TRP A CD1 1 
ATOM   1324 C CD2 . TRP A 1 193 ? -12.028 -0.922  -0.862  1.00 6.19  ? 193 TRP A CD2 1 
ATOM   1325 N NE1 . TRP A 1 193 ? -13.430 -1.530  -2.507  1.00 7.74  ? 193 TRP A NE1 1 
ATOM   1326 C CE2 . TRP A 1 193 ? -12.236 -1.848  -1.911  1.00 7.82  ? 193 TRP A CE2 1 
ATOM   1327 C CE3 . TRP A 1 193 ? -10.864 -1.024  -0.090  1.00 8.09  ? 193 TRP A CE3 1 
ATOM   1328 C CZ2 . TRP A 1 193 ? -11.314 -2.863  -2.216  1.00 7.73  ? 193 TRP A CZ2 1 
ATOM   1329 C CZ3 . TRP A 1 193 ? -9.943  -2.030  -0.400  1.00 5.59  ? 193 TRP A CZ3 1 
ATOM   1330 C CH2 . TRP A 1 193 ? -10.184 -2.937  -1.449  1.00 8.34  ? 193 TRP A CH2 1 
ATOM   1331 N N   . LEU A 1 194 ? -12.436 0.038   2.922   1.00 6.55  ? 194 LEU A N   1 
ATOM   1332 C CA  . LEU A 1 194 ? -11.769 -0.943  3.775   1.00 7.08  ? 194 LEU A CA  1 
ATOM   1333 C C   . LEU A 1 194 ? -12.687 -1.442  4.883   1.00 9.75  ? 194 LEU A C   1 
ATOM   1334 O O   . LEU A 1 194 ? -12.615 -2.614  5.265   1.00 7.37  ? 194 LEU A O   1 
ATOM   1335 C CB  . LEU A 1 194 ? -10.502 -0.343  4.384   1.00 6.85  ? 194 LEU A CB  1 
ATOM   1336 C CG  . LEU A 1 194 ? -9.336  -0.141  3.410   1.00 7.87  ? 194 LEU A CG  1 
ATOM   1337 C CD1 . LEU A 1 194 ? -8.228  0.715   4.021   1.00 11.75 ? 194 LEU A CD1 1 
ATOM   1338 C CD2 . LEU A 1 194 ? -8.781  -1.504  2.993   1.00 7.94  ? 194 LEU A CD2 1 
ATOM   1339 N N   . GLU A 1 195 ? -13.550 -0.573  5.413   1.00 9.23  ? 195 GLU A N   1 
ATOM   1340 C CA  . GLU A 1 195 ? -14.427 -0.981  6.511   1.00 7.56  ? 195 GLU A CA  1 
ATOM   1341 C C   . GLU A 1 195 ? -15.352 -2.120  6.109   1.00 8.04  ? 195 GLU A C   1 
ATOM   1342 O O   . GLU A 1 195 ? -15.699 -2.963  6.946   1.00 9.29  ? 195 GLU A O   1 
ATOM   1343 C CB  . GLU A 1 195 ? -15.249 0.211   6.992   1.00 13.72 ? 195 GLU A CB  1 
ATOM   1344 C CG  . GLU A 1 195 ? -14.467 1.184   7.818   1.00 14.71 ? 195 GLU A CG  1 
ATOM   1345 C CD  . GLU A 1 195 ? -15.370 2.149   8.556   1.00 25.77 ? 195 GLU A CD  1 
ATOM   1346 O OE1 . GLU A 1 195 ? -15.440 3.329   8.154   1.00 28.65 ? 195 GLU A OE1 1 
ATOM   1347 O OE2 . GLU A 1 195 ? -16.016 1.719   9.527   1.00 28.43 ? 195 GLU A OE2 1 
ATOM   1348 N N   . ASP A 1 196 ? -15.763 -2.172  4.843   1.00 7.70  ? 196 ASP A N   1 
ATOM   1349 C CA  . ASP A 1 196 ? -16.605 -3.261  4.376   1.00 7.42  ? 196 ASP A CA  1 
ATOM   1350 C C   . ASP A 1 196 ? -15.875 -4.592  4.370   1.00 10.63 ? 196 ASP A C   1 
ATOM   1351 O O   . ASP A 1 196 ? -16.518 -5.637  4.212   1.00 9.96  ? 196 ASP A O   1 
ATOM   1352 C CB  . ASP A 1 196 ? -17.112 -2.947  2.967   1.00 10.27 ? 196 ASP A CB  1 
ATOM   1353 C CG  . ASP A 1 196 ? -18.241 -1.947  2.981   1.00 14.54 ? 196 ASP A CG  1 
ATOM   1354 O OD1 . ASP A 1 196 ? -19.031 -1.998  3.941   1.00 15.02 ? 196 ASP A OD1 1 
ATOM   1355 O OD2 . ASP A 1 196 ? -18.338 -1.120  2.047   1.00 15.47 ? 196 ASP A OD2 1 
ATOM   1356 N N   . ARG A 1 197 ? -14.554 -4.570  4.529   1.00 7.11  ? 197 ARG A N   1 
ATOM   1357 C CA  . ARG A 1 197 ? -13.727 -5.759  4.438   1.00 8.77  ? 197 ARG A CA  1 
ATOM   1358 C C   . ARG A 1 197 ? -13.036 -6.097  5.752   1.00 10.46 ? 197 ARG A C   1 
ATOM   1359 O O   . ARG A 1 197 ? -12.308 -7.091  5.808   1.00 11.13 ? 197 ARG A O   1 
ATOM   1360 C CB  . ARG A 1 197 ? -12.682 -5.581  3.323   1.00 9.55  ? 197 ARG A CB  1 
ATOM   1361 C CG  . ARG A 1 197 ? -13.323 -5.621  1.916   1.00 8.34  ? 197 ARG A CG  1 
ATOM   1362 C CD  . ARG A 1 197 ? -12.567 -4.833  0.854   1.00 8.19  ? 197 ARG A CD  1 
ATOM   1363 N NE  . ARG A 1 197 ? -13.264 -4.920  -0.434  1.00 5.71  ? 197 ARG A NE  1 
ATOM   1364 C CZ  . ARG A 1 197 ? -14.289 -4.141  -0.783  1.00 7.14  ? 197 ARG A CZ  1 
ATOM   1365 N NH1 . ARG A 1 197 ? -14.874 -4.288  -1.969  1.00 8.95  ? 197 ARG A NH1 1 
ATOM   1366 N NH2 . ARG A 1 197 ? -14.745 -3.222  0.059   1.00 8.30  ? 197 ARG A NH2 1 
ATOM   1367 N N   . LEU A 1 198 ? -13.255 -5.313  6.807   1.00 10.64 ? 198 LEU A N   1 
ATOM   1368 C CA  . LEU A 1 198 ? -12.594 -5.486  8.095   1.00 9.24  ? 198 LEU A CA  1 
ATOM   1369 C C   . LEU A 1 198 ? -13.625 -5.592  9.212   1.00 17.06 ? 198 LEU A C   1 
ATOM   1370 O O   . LEU A 1 198 ? -14.696 -4.980  9.153   1.00 18.88 ? 198 LEU A O   1 
ATOM   1371 C CB  . LEU A 1 198 ? -11.675 -4.316  8.414   1.00 10.72 ? 198 LEU A CB  1 
ATOM   1372 C CG  . LEU A 1 198 ? -10.519 -4.075  7.459   1.00 10.73 ? 198 LEU A CG  1 
ATOM   1373 C CD1 . LEU A 1 198 ? -9.949  -2.698  7.696   1.00 8.48  ? 198 LEU A CD1 1 
ATOM   1374 C CD2 . LEU A 1 198 ? -9.460  -5.151  7.683   1.00 7.59  ? 198 LEU A CD2 1 
ATOM   1375 N N   . SER A 1 199 ? -13.270 -6.333  10.256  1.00 17.78 ? 199 SER A N   1 
ATOM   1376 C CA  . SER A 1 199 ? -14.163 -6.493  11.406  1.00 19.87 ? 199 SER A CA  1 
ATOM   1377 C C   . SER A 1 199 ? -13.432 -6.150  12.701  1.00 27.99 ? 199 SER A C   1 
ATOM   1378 O O   . SER A 1 199 ? -12.234 -6.424  12.825  1.00 23.63 ? 199 SER A O   1 
ATOM   1379 C CB  . SER A 1 199 ? -14.712 -7.926  11.468  1.00 26.19 ? 199 SER A CB  1 
HETATM 1380 O O   . HOH B 2 .   ? -14.899 5.696   6.872   1.00 27.90 ? 201 HOH A O   1 
HETATM 1381 O O   . HOH B 2 .   ? -12.438 11.444  15.780  1.00 23.35 ? 202 HOH A O   1 
HETATM 1382 O O   . HOH B 2 .   ? -9.049  13.370  18.623  1.00 18.80 ? 203 HOH A O   1 
HETATM 1383 O O   . HOH B 2 .   ? 0.277   8.535   -19.188 1.00 22.21 ? 204 HOH A O   1 
HETATM 1384 O O   . HOH B 2 .   ? -17.361 1.094   11.334  1.00 17.85 ? 205 HOH A O   1 
HETATM 1385 O O   . HOH B 2 .   ? 19.040  0.911   0.521   1.00 40.29 ? 206 HOH A O   1 
HETATM 1386 O O   . HOH B 2 .   ? 13.147  12.523  -1.067  0.50 36.08 ? 207 HOH A O   1 
HETATM 1387 O O   . HOH B 2 .   ? -11.611 1.464   -7.022  1.00 28.70 ? 208 HOH A O   1 
HETATM 1388 O O   . HOH B 2 .   ? 8.665   8.083   -4.700  1.00 16.63 ? 209 HOH A O   1 
HETATM 1389 O O   . HOH B 2 .   ? -4.152  9.574   -20.690 1.00 33.09 ? 210 HOH A O   1 
HETATM 1390 O O   . HOH B 2 .   ? -14.720 0.121   15.576  1.00 19.23 ? 211 HOH A O   1 
HETATM 1391 O O   . HOH B 2 .   ? -7.502  11.446  12.301  1.00 29.66 ? 212 HOH A O   1 
HETATM 1392 O O   . HOH B 2 .   ? 12.786  -0.303  -17.459 1.00 28.90 ? 213 HOH A O   1 
HETATM 1393 O O   . HOH B 2 .   ? 9.979   6.986   9.635   1.00 23.18 ? 214 HOH A O   1 
HETATM 1394 O O   . HOH B 2 .   ? -17.008 -5.321  10.255  1.00 28.57 ? 215 HOH A O   1 
HETATM 1395 O O   . HOH B 2 .   ? 2.780   4.949   -15.235 1.00 17.31 ? 216 HOH A O   1 
HETATM 1396 O O   . HOH B 2 .   ? -7.807  -9.578  19.407  1.00 31.08 ? 217 HOH A O   1 
HETATM 1397 O O   . HOH B 2 .   ? 15.628  0.272   -3.074  1.00 27.56 ? 218 HOH A O   1 
HETATM 1398 O O   . HOH B 2 .   ? 5.458   -11.201 -6.293  1.00 16.96 ? 219 HOH A O   1 
HETATM 1399 O O   . HOH B 2 .   ? 6.264   3.400   -10.780 1.00 9.80  ? 220 HOH A O   1 
HETATM 1400 O O   . HOH B 2 .   ? 2.706   18.737  -15.736 1.00 25.64 ? 221 HOH A O   1 
HETATM 1401 O O   . HOH B 2 .   ? 8.270   14.825  -2.478  1.00 14.51 ? 222 HOH A O   1 
HETATM 1402 O O   . HOH B 2 .   ? 3.342   -18.396 12.929  1.00 20.25 ? 223 HOH A O   1 
HETATM 1403 O O   . HOH B 2 .   ? 4.100   -16.028 1.004   1.00 14.18 ? 224 HOH A O   1 
HETATM 1404 O O   . HOH B 2 .   ? 7.334   3.305   2.419   1.00 6.31  ? 225 HOH A O   1 
HETATM 1405 O O   . HOH B 2 .   ? -4.012  -1.573  -19.883 1.00 18.66 ? 226 HOH A O   1 
HETATM 1406 O O   . HOH B 2 .   ? -11.974 -9.411  7.731   1.00 25.86 ? 227 HOH A O   1 
HETATM 1407 O O   . HOH B 2 .   ? 7.498   -14.672 12.674  1.00 19.01 ? 228 HOH A O   1 
HETATM 1408 O O   . HOH B 2 .   ? -6.308  -10.704 15.884  1.00 22.73 ? 229 HOH A O   1 
HETATM 1409 O O   . HOH B 2 .   ? -15.979 -2.715  9.637   1.00 24.65 ? 230 HOH A O   1 
HETATM 1410 O O   . HOH B 2 .   ? 1.878   -3.026  16.970  1.00 21.00 ? 231 HOH A O   1 
HETATM 1411 O O   . HOH B 2 .   ? 6.261   8.316   -6.929  1.00 12.28 ? 232 HOH A O   1 
HETATM 1412 O O   . HOH B 2 .   ? -16.957 -10.347 -1.678  1.00 18.80 ? 233 HOH A O   1 
HETATM 1413 O O   . HOH B 2 .   ? -17.309 -8.092  4.916   1.00 24.20 ? 234 HOH A O   1 
HETATM 1414 O O   . HOH B 2 .   ? 12.928  -6.466  -10.776 1.00 27.62 ? 235 HOH A O   1 
HETATM 1415 O O   . HOH B 2 .   ? 3.465   13.917  -2.295  1.00 21.97 ? 236 HOH A O   1 
HETATM 1416 O O   . HOH B 2 .   ? -7.333  16.627  -8.009  1.00 14.02 ? 237 HOH A O   1 
HETATM 1417 O O   . HOH B 2 .   ? -5.732  -19.733 4.731   1.00 18.76 ? 238 HOH A O   1 
HETATM 1418 O O   . HOH B 2 .   ? -17.859 1.678   5.207   1.00 23.07 ? 239 HOH A O   1 
HETATM 1419 O O   . HOH B 2 .   ? -0.084  -6.566  13.998  1.00 13.77 ? 240 HOH A O   1 
HETATM 1420 O O   . HOH B 2 .   ? -8.325  1.062   -12.873 1.00 19.95 ? 241 HOH A O   1 
HETATM 1421 O O   . HOH B 2 .   ? 18.102  2.007   2.350   1.00 28.31 ? 242 HOH A O   1 
HETATM 1422 O O   . HOH B 2 .   ? -4.335  -17.286 6.316   1.00 15.99 ? 243 HOH A O   1 
HETATM 1423 O O   . HOH B 2 .   ? -8.885  15.370  -9.963  1.00 17.90 ? 244 HOH A O   1 
HETATM 1424 O O   . HOH B 2 .   ? -12.094 7.652   17.271  1.00 25.96 ? 245 HOH A O   1 
HETATM 1425 O O   . HOH B 2 .   ? -7.944  -9.893  13.423  1.00 13.60 ? 246 HOH A O   1 
HETATM 1426 O O   . HOH B 2 .   ? -4.142  1.187   17.193  1.00 11.14 ? 247 HOH A O   1 
HETATM 1427 O O   . HOH B 2 .   ? 16.003  4.145   -13.741 1.00 28.47 ? 248 HOH A O   1 
HETATM 1428 O O   . HOH B 2 .   ? -12.037 7.125   10.422  1.00 16.12 ? 249 HOH A O   1 
HETATM 1429 O O   . HOH B 2 .   ? 13.067  3.547   -5.846  1.00 19.43 ? 250 HOH A O   1 
HETATM 1430 O O   . HOH B 2 .   ? -10.207 -14.611 7.708   1.00 29.11 ? 251 HOH A O   1 
HETATM 1431 O O   . HOH B 2 .   ? 12.221  -3.479  -11.455 1.00 14.73 ? 252 HOH A O   1 
HETATM 1432 O O   . HOH B 2 .   ? -0.509  13.177  -12.961 1.00 11.38 ? 253 HOH A O   1 
HETATM 1433 O O   . HOH B 2 .   ? -10.615 12.724  9.776   1.00 19.82 ? 254 HOH A O   1 
HETATM 1434 O O   . HOH B 2 .   ? 6.458   1.853   15.262  1.00 13.99 ? 255 HOH A O   1 
HETATM 1435 O O   . HOH B 2 .   ? -11.487 7.098   -2.285  1.00 12.30 ? 256 HOH A O   1 
HETATM 1436 O O   . HOH B 2 .   ? 5.336   -3.514  -10.059 1.00 9.42  ? 257 HOH A O   1 
HETATM 1437 O O   . HOH B 2 .   ? -6.409  -7.209  -8.153  1.00 9.19  ? 258 HOH A O   1 
HETATM 1438 O O   . HOH B 2 .   ? -3.042  -16.909 8.981   1.00 20.63 ? 259 HOH A O   1 
HETATM 1439 O O   . HOH B 2 .   ? -8.785  -4.455  -9.713  1.00 22.99 ? 260 HOH A O   1 
HETATM 1440 O O   . HOH B 2 .   ? -15.712 2.781   15.351  1.00 37.92 ? 261 HOH A O   1 
HETATM 1441 O O   . HOH B 2 .   ? -9.747  -13.108 1.983   1.00 24.61 ? 262 HOH A O   1 
HETATM 1442 O O   . HOH B 2 .   ? 7.045   7.732   8.273   1.00 24.10 ? 263 HOH A O   1 
HETATM 1443 O O   . HOH B 2 .   ? -0.799  -17.400 -4.401  1.00 14.90 ? 264 HOH A O   1 
HETATM 1444 O O   . HOH B 2 .   ? -10.755 -3.687  -8.216  1.00 15.64 ? 265 HOH A O   1 
HETATM 1445 O O   . HOH B 2 .   ? -3.905  -0.054  -22.142 1.00 26.40 ? 266 HOH A O   1 
HETATM 1446 O O   . HOH B 2 .   ? 6.160   -12.011 -3.762  1.00 19.15 ? 267 HOH A O   1 
HETATM 1447 O O   . HOH B 2 .   ? -13.338 9.089   -2.920  1.00 23.05 ? 268 HOH A O   1 
HETATM 1448 O O   . HOH B 2 .   ? 6.771   -16.212 -4.935  1.00 17.69 ? 269 HOH A O   1 
HETATM 1449 O O   . HOH B 2 .   ? -11.986 -8.889  1.937   1.00 15.83 ? 270 HOH A O   1 
HETATM 1450 O O   . HOH B 2 .   ? 3.724   8.907   0.401   1.00 18.98 ? 271 HOH A O   1 
HETATM 1451 O O   . HOH B 2 .   ? 2.975   -18.899 3.560   1.00 27.26 ? 272 HOH A O   1 
HETATM 1452 O O   . HOH B 2 .   ? -12.845 10.331  -0.125  1.00 12.50 ? 273 HOH A O   1 
HETATM 1453 O O   . HOH B 2 .   ? -0.377  3.361   -15.363 1.00 12.87 ? 274 HOH A O   1 
HETATM 1454 O O   . HOH B 2 .   ? 11.143  -11.161 0.283   1.00 18.60 ? 275 HOH A O   1 
HETATM 1455 O O   . HOH B 2 .   ? 1.035   -18.446 10.228  1.00 17.91 ? 276 HOH A O   1 
HETATM 1456 O O   . HOH B 2 .   ? -13.314 -4.232  -7.417  1.00 37.62 ? 277 HOH A O   1 
HETATM 1457 O O   . HOH B 2 .   ? 14.494  4.569   2.724   1.00 18.61 ? 278 HOH A O   1 
HETATM 1458 O O   . HOH B 2 .   ? 0.544   6.074   -21.913 1.00 32.03 ? 279 HOH A O   1 
HETATM 1459 O O   . HOH B 2 .   ? -10.243 -12.042 -11.917 1.00 23.45 ? 280 HOH A O   1 
HETATM 1460 O O   . HOH B 2 .   ? 14.141  1.725   -3.645  1.00 18.93 ? 281 HOH A O   1 
HETATM 1461 O O   . HOH B 2 .   ? -6.441  12.918  4.428   1.00 20.75 ? 282 HOH A O   1 
HETATM 1462 O O   . HOH B 2 .   ? -9.903  -0.917  -8.304  1.00 13.95 ? 283 HOH A O   1 
HETATM 1463 O O   . HOH B 2 .   ? 10.953  -7.729  14.009  1.00 29.36 ? 284 HOH A O   1 
HETATM 1464 O O   . HOH B 2 .   ? -4.354  -12.097 -12.624 1.00 22.86 ? 285 HOH A O   1 
HETATM 1465 O O   . HOH B 2 .   ? 8.705   0.677   -16.073 1.00 22.73 ? 286 HOH A O   1 
HETATM 1466 O O   . HOH B 2 .   ? 4.221   -13.201 17.634  1.00 16.29 ? 287 HOH A O   1 
HETATM 1467 O O   . HOH B 2 .   ? -17.516 -5.056  7.647   1.00 19.15 ? 288 HOH A O   1 
HETATM 1468 O O   . HOH B 2 .   ? -10.146 0.798   22.150  1.00 12.67 ? 289 HOH A O   1 
HETATM 1469 O O   . HOH B 2 .   ? -10.687 -11.281 -8.896  1.00 14.75 ? 290 HOH A O   1 
HETATM 1470 O O   . HOH B 2 .   ? 3.676   -3.518  -12.353 1.00 16.27 ? 291 HOH A O   1 
HETATM 1471 O O   . HOH B 2 .   ? 17.112  -3.808  -5.986  1.00 18.39 ? 292 HOH A O   1 
HETATM 1472 O O   . HOH B 2 .   ? -17.494 6.357   0.629   1.00 30.83 ? 293 HOH A O   1 
HETATM 1473 O O   . HOH B 2 .   ? 5.958   1.437   -17.885 1.00 25.03 ? 294 HOH A O   1 
HETATM 1474 O O   . HOH B 2 .   ? 2.484   8.942   2.587   1.00 13.65 ? 295 HOH A O   1 
HETATM 1475 O O   . HOH B 2 .   ? -7.453  -17.171 18.110  1.00 31.09 ? 296 HOH A O   1 
HETATM 1476 O O   . HOH B 2 .   ? -8.303  2.510   -14.643 1.00 30.52 ? 297 HOH A O   1 
HETATM 1477 O O   . HOH B 2 .   ? -10.443 12.244  2.798   1.00 10.19 ? 298 HOH A O   1 
HETATM 1478 O O   . HOH B 2 .   ? -12.322 4.459   -2.714  1.00 16.70 ? 299 HOH A O   1 
HETATM 1479 O O   . HOH B 2 .   ? 0.686   -20.916 5.857   1.00 30.66 ? 300 HOH A O   1 
HETATM 1480 O O   . HOH B 2 .   ? -13.129 -9.460  4.353   1.00 18.75 ? 301 HOH A O   1 
HETATM 1481 O O   . HOH B 2 .   ? 9.679   -12.953 2.079   1.00 21.86 ? 302 HOH A O   1 
HETATM 1482 O O   . HOH B 2 .   ? 8.163   8.062   -7.349  1.00 11.55 ? 303 HOH A O   1 
HETATM 1483 O O   . HOH B 2 .   ? -7.026  -12.543 8.810   1.00 22.42 ? 304 HOH A O   1 
HETATM 1484 O O   . HOH B 2 .   ? 12.889  8.525   1.694   1.00 23.78 ? 305 HOH A O   1 
HETATM 1485 O O   . HOH B 2 .   ? -9.251  -0.896  -11.114 1.00 23.53 ? 306 HOH A O   1 
HETATM 1486 O O   . HOH B 2 .   ? 7.639   -6.935  18.480  1.00 22.04 ? 307 HOH A O   1 
HETATM 1487 O O   . HOH B 2 .   ? -8.116  -14.412 8.079   1.00 34.44 ? 308 HOH A O   1 
HETATM 1488 O O   . HOH B 2 .   ? -2.516  19.703  -6.357  1.00 18.98 ? 309 HOH A O   1 
HETATM 1489 O O   . HOH B 2 .   ? 18.189  -0.528  -0.935  1.00 33.18 ? 310 HOH A O   1 
HETATM 1490 O O   . HOH B 2 .   ? 11.029  -6.287  5.256   1.00 23.40 ? 311 HOH A O   1 
HETATM 1491 O O   . HOH B 2 .   ? -11.890 -0.652  19.041  1.00 16.41 ? 312 HOH A O   1 
HETATM 1492 O O   . HOH B 2 .   ? 16.087  9.559   -8.538  1.00 18.01 ? 313 HOH A O   1 
HETATM 1493 O O   . HOH B 2 .   ? -12.494 13.686  1.647   1.00 19.54 ? 314 HOH A O   1 
HETATM 1494 O O   . HOH B 2 .   ? -15.847 4.216   -0.756  1.00 24.02 ? 315 HOH A O   1 
HETATM 1495 O O   . HOH B 2 .   ? -10.200 5.058   -9.635  1.00 22.41 ? 316 HOH A O   1 
HETATM 1496 O O   . HOH B 2 .   ? -1.207  20.357  -13.380 1.00 18.38 ? 317 HOH A O   1 
HETATM 1497 O O   . HOH B 2 .   ? 2.012   -15.154 -9.033  1.00 24.91 ? 318 HOH A O   1 
HETATM 1498 O O   . HOH B 2 .   ? -3.031  15.156  -0.702  1.00 22.42 ? 319 HOH A O   1 
HETATM 1499 O O   . HOH B 2 .   ? -13.094 3.340   16.930  1.00 21.79 ? 320 HOH A O   1 
HETATM 1500 O O   . HOH B 2 .   ? 9.282   -12.570 6.861   1.00 16.66 ? 321 HOH A O   1 
HETATM 1501 O O   . HOH B 2 .   ? -13.223 -2.821  -5.209  1.00 22.47 ? 322 HOH A O   1 
HETATM 1502 O O   . HOH B 2 .   ? -0.458  -21.129 1.268   1.00 14.11 ? 323 HOH A O   1 
HETATM 1503 O O   . HOH B 2 .   ? 11.353  -7.122  8.133   1.00 32.66 ? 324 HOH A O   1 
HETATM 1504 O O   . HOH B 2 .   ? 2.669   -6.060  14.993  1.00 19.51 ? 325 HOH A O   1 
HETATM 1505 O O   . HOH B 2 .   ? -5.856  -5.304  18.453  1.00 12.09 ? 326 HOH A O   1 
HETATM 1506 O O   . HOH B 2 .   ? -1.521  13.071  -2.796  1.00 13.14 ? 327 HOH A O   1 
HETATM 1507 O O   . HOH B 2 .   ? 0.058   0.188   17.032  1.00 22.44 ? 328 HOH A O   1 
HETATM 1508 O O   . HOH B 2 .   ? 3.797   -8.162  -10.873 1.00 29.63 ? 329 HOH A O   1 
HETATM 1509 O O   . HOH B 2 .   ? 16.268  -3.268  -8.850  1.00 18.48 ? 330 HOH A O   1 
HETATM 1510 O O   . HOH B 2 .   ? 3.971   -4.648  -15.315 1.00 20.49 ? 331 HOH A O   1 
HETATM 1511 O O   . HOH B 2 .   ? -12.956 -1.712  16.789  1.00 13.60 ? 332 HOH A O   1 
HETATM 1512 O O   . HOH B 2 .   ? -16.233 2.658   13.177  1.00 26.41 ? 333 HOH A O   1 
HETATM 1513 O O   . HOH B 2 .   ? 6.287   3.051   -13.630 1.00 18.13 ? 334 HOH A O   1 
HETATM 1514 O O   . HOH B 2 .   ? -5.640  7.986   15.130  1.00 21.41 ? 335 HOH A O   1 
HETATM 1515 O O   . HOH B 2 .   ? -0.492  -16.749 -7.729  1.00 31.90 ? 336 HOH A O   1 
HETATM 1516 O O   . HOH B 2 .   ? -9.272  -15.704 5.980   1.00 28.94 ? 337 HOH A O   1 
HETATM 1517 O O   . HOH B 2 .   ? -1.056  -6.841  -17.915 1.00 29.44 ? 338 HOH A O   1 
HETATM 1518 O O   . HOH B 2 .   ? 1.939   -1.153  -21.157 1.00 32.73 ? 339 HOH A O   1 
HETATM 1519 O O   . HOH B 2 .   ? 5.585   -6.015  -11.052 1.00 20.90 ? 340 HOH A O   1 
HETATM 1520 O O   . HOH B 2 .   ? -10.407 13.842  -7.538  1.00 31.36 ? 341 HOH A O   1 
HETATM 1521 O O   . HOH B 2 .   ? -3.461  -10.514 15.859  1.00 22.65 ? 342 HOH A O   1 
HETATM 1522 O O   . HOH B 2 .   ? -11.737 -8.095  18.514  1.00 30.02 ? 343 HOH A O   1 
HETATM 1523 O O   . HOH B 2 .   ? 3.073   12.870  8.653   1.00 29.56 ? 344 HOH A O   1 
HETATM 1524 O O   . HOH B 2 .   ? -15.012 -4.138  -5.109  1.00 24.94 ? 345 HOH A O   1 
HETATM 1525 O O   . HOH B 2 .   ? -12.101 -10.229 -11.806 1.00 23.49 ? 346 HOH A O   1 
HETATM 1526 O O   . HOH B 2 .   ? -4.346  18.182  -12.867 1.00 21.47 ? 347 HOH A O   1 
HETATM 1527 O O   . HOH B 2 .   ? 6.290   4.117   -18.809 1.00 34.61 ? 348 HOH A O   1 
HETATM 1528 O O   . HOH B 2 .   ? -2.372  19.524  -3.789  1.00 26.90 ? 349 HOH A O   1 
HETATM 1529 O O   . HOH B 2 .   ? -14.951 5.137   10.787  1.00 30.38 ? 350 HOH A O   1 
HETATM 1530 O O   . HOH B 2 .   ? 6.881   4.406   15.488  1.00 30.86 ? 351 HOH A O   1 
HETATM 1531 O O   . HOH B 2 .   ? -5.535  16.292  -0.560  1.00 23.90 ? 352 HOH A O   1 
HETATM 1532 O O   . HOH B 2 .   ? 2.325   -12.579 -12.037 1.00 35.85 ? 353 HOH A O   1 
HETATM 1533 O O   . HOH B 2 .   ? 1.659   6.448   10.614  1.00 26.57 ? 354 HOH A O   1 
HETATM 1534 O O   . HOH B 2 .   ? -5.136  -15.822 -8.203  1.00 27.69 ? 355 HOH A O   1 
HETATM 1535 O O   . HOH B 2 .   ? 12.543  4.580   4.688   1.00 21.34 ? 356 HOH A O   1 
HETATM 1536 O O   . HOH B 2 .   ? -8.683  17.703  -12.595 1.00 37.06 ? 357 HOH A O   1 
HETATM 1537 O O   . HOH B 2 .   ? -8.215  -15.684 11.847  1.00 34.63 ? 358 HOH A O   1 
HETATM 1538 O O   . HOH B 2 .   ? -11.835 -12.561 3.837   1.00 32.16 ? 359 HOH A O   1 
HETATM 1539 O O   . HOH B 2 .   ? -10.259 -9.629  14.807  1.00 20.80 ? 360 HOH A O   1 
HETATM 1540 O O   . HOH B 2 .   ? 18.581  -3.151  -0.270  1.00 31.98 ? 361 HOH A O   1 
HETATM 1541 O O   . HOH B 2 .   ? -4.061  -9.485  18.501  1.00 32.11 ? 362 HOH A O   1 
HETATM 1542 O O   . HOH B 2 .   ? 5.398   -11.814 -9.209  1.00 28.22 ? 363 HOH A O   1 
HETATM 1543 O O   . HOH B 2 .   ? 6.456   -8.528  -13.306 1.00 25.69 ? 364 HOH A O   1 
HETATM 1544 O O   . HOH B 2 .   ? -11.158 -11.418 10.537  1.00 34.97 ? 365 HOH A O   1 
HETATM 1545 O O   . HOH B 2 .   ? -14.240 6.620   12.355  1.00 32.77 ? 366 HOH A O   1 
HETATM 1546 O O   . HOH B 2 .   ? -4.455  -4.862  20.730  1.00 28.40 ? 367 HOH A O   1 
HETATM 1547 O O   . HOH B 2 .   ? 2.960   -20.345 8.531   1.00 30.55 ? 368 HOH A O   1 
HETATM 1548 O O   . HOH B 2 .   ? 4.256   -10.657 -10.847 1.00 28.51 ? 369 HOH A O   1 
HETATM 1549 O O   . HOH B 2 .   ? -6.024  18.895  -9.022  1.00 20.03 ? 370 HOH A O   1 
HETATM 1550 O O   . HOH B 2 .   ? -14.632 -6.981  15.650  1.00 27.73 ? 371 HOH A O   1 
HETATM 1551 O O   . HOH B 2 .   ? -8.990  17.323  -5.934  1.00 21.33 ? 372 HOH A O   1 
HETATM 1552 O O   . HOH B 2 .   ? 1.098   15.588  -1.690  1.00 26.13 ? 373 HOH A O   1 
HETATM 1553 O O   . HOH B 2 .   ? -3.420  -6.511  -18.642 1.00 35.61 ? 374 HOH A O   1 
HETATM 1554 O O   . HOH B 2 .   ? 6.137   -6.564  21.418  1.00 30.89 ? 375 HOH A O   1 
HETATM 1555 O O   . HOH B 2 .   ? -2.866  -2.695  23.893  1.00 36.20 ? 376 HOH A O   1 
HETATM 1556 O O   . HOH B 2 .   ? 7.281   -13.771 -2.317  1.00 26.81 ? 377 HOH A O   1 
HETATM 1557 O O   . HOH B 2 .   ? 0.284   7.530   12.120  1.00 32.93 ? 378 HOH A O   1 
HETATM 1558 O O   . HOH B 2 .   ? -13.364 -0.352  -6.181  1.00 32.72 ? 379 HOH A O   1 
HETATM 1559 O O   . HOH B 2 .   ? 10.915  -9.820  -12.435 1.00 18.34 ? 380 HOH A O   1 
HETATM 1560 O O   . HOH B 2 .   ? 18.287  7.878   -7.493  1.00 30.38 ? 381 HOH A O   1 
HETATM 1561 O O   . HOH B 2 .   ? -6.636  -15.768 7.153   1.00 27.10 ? 382 HOH A O   1 
HETATM 1562 O O   . HOH B 2 .   ? -9.421  -12.694 10.296  1.00 31.49 ? 383 HOH A O   1 
HETATM 1563 O O   . HOH B 2 .   ? 5.531   4.881   -15.359 1.00 26.66 ? 384 HOH A O   1 
HETATM 1564 O O   . HOH B 2 .   ? -15.682 10.437  0.331   1.00 30.47 ? 385 HOH A O   1 
HETATM 1565 O O   . HOH B 2 .   ? 9.017   -9.126  -14.103 1.00 20.17 ? 386 HOH A O   1 
HETATM 1566 O O   . HOH B 2 .   ? 2.186   9.069   -23.923 1.00 42.78 ? 387 HOH A O   1 
HETATM 1567 O O   . HOH B 2 .   ? -10.007 -16.948 3.860   1.00 26.39 ? 388 HOH A O   1 
HETATM 1568 O O   . HOH B 2 .   ? 7.221   -9.164  19.570  1.00 26.56 ? 389 HOH A O   1 
HETATM 1569 O O   . HOH B 2 .   ? 6.121   -5.921  -13.783 1.00 24.08 ? 390 HOH A O   1 
HETATM 1570 O O   . HOH B 2 .   ? -6.237  19.315  -11.413 1.00 28.64 ? 391 HOH A O   1 
HETATM 1571 O O   . HOH B 2 .   ? 16.137  4.156   -17.049 1.00 25.19 ? 392 HOH A O   1 
HETATM 1572 O O   . HOH B 2 .   ? -15.747 0.893   -4.905  1.00 33.18 ? 393 HOH A O   1 
HETATM 1573 O O   . HOH B 2 .   ? 7.350   4.844   -16.928 1.00 37.11 ? 394 HOH A O   1 
HETATM 1574 O O   . HOH B 2 .   ? -4.010  -4.507  -20.447 1.00 26.29 ? 395 HOH A O   1 
HETATM 1575 O O   . HOH B 2 .   ? -0.182  -18.805 -10.960 1.00 36.30 ? 396 HOH A O   1 
HETATM 1576 O O   . HOH B 2 .   ? 4.911   -0.595  20.750  1.00 35.73 ? 397 HOH A O   1 
HETATM 1577 O O   . HOH B 2 .   ? 8.625   15.394  0.456   1.00 33.42 ? 398 HOH A O   1 
HETATM 1578 O O   . HOH B 2 .   ? -12.787 -3.782  -10.004 1.00 25.97 ? 399 HOH A O   1 
HETATM 1579 O O   . HOH B 2 .   ? -5.119  20.713  -7.189  1.00 15.02 ? 400 HOH A O   1 
HETATM 1580 O O   . HOH B 2 .   ? -16.642 5.445   14.245  1.00 30.90 ? 401 HOH A O   1 
HETATM 1581 O O   . HOH B 2 .   ? -10.559 -15.617 14.843  1.00 42.33 ? 402 HOH A O   1 
HETATM 1582 O O   . HOH B 2 .   ? -0.069  10.424  -23.302 1.00 45.16 ? 403 HOH A O   1 
HETATM 1583 O O   . HOH B 2 .   ? 10.383  -7.166  -15.318 1.00 18.89 ? 404 HOH A O   1 
HETATM 1584 O O   . HOH B 2 .   ? 12.042  -7.955  11.424  1.00 35.19 ? 405 HOH A O   1 
HETATM 1585 O O   . HOH B 2 .   ? -9.982  -17.402 13.628  1.00 36.25 ? 406 HOH A O   1 
HETATM 1586 O O   . HOH B 2 .   ? 17.341  2.465   -15.122 1.00 29.41 ? 407 HOH A O   1 
HETATM 1587 O O   . HOH B 2 .   ? -1.183  -7.990  23.194  1.00 33.60 ? 408 HOH A O   1 
HETATM 1588 O O   . HOH B 2 .   ? 12.597  -7.715  -13.199 1.00 22.02 ? 409 HOH A O   1 
HETATM 1589 O O   . HOH B 2 .   ? 10.969  -11.714 8.780   1.00 25.45 ? 410 HOH A O   1 
HETATM 1590 O O   . HOH B 2 .   ? -12.244 -8.694  -13.898 1.00 30.65 ? 411 HOH A O   1 
HETATM 1591 O O   . HOH B 2 .   ? -11.330 16.076  -9.278  1.00 34.06 ? 412 HOH A O   1 
HETATM 1592 O O   . HOH B 2 .   ? 19.401  -0.760  4.738   1.00 45.11 ? 413 HOH A O   1 
HETATM 1593 O O   . HOH B 2 .   ? -2.585  -22.121 7.373   1.00 38.16 ? 414 HOH A O   1 
HETATM 1594 O O   . HOH B 2 .   ? 12.519  -5.042  -19.267 1.00 29.12 ? 415 HOH A O   1 
HETATM 1595 O O   . HOH B 2 .   ? 17.934  -0.684  -8.975  1.00 35.83 ? 416 HOH A O   1 
HETATM 1596 O O   . HOH B 2 .   ? 1.970   -3.766  24.741  1.00 32.50 ? 417 HOH A O   1 
HETATM 1597 O O   . HOH B 2 .   ? -1.903  11.962  -22.528 1.00 34.05 ? 418 HOH A O   1 
HETATM 1598 O O   . HOH B 2 .   ? 10.371  -14.872 15.373  1.00 39.71 ? 419 HOH A O   1 
HETATM 1599 O O   . HOH B 2 .   ? 22.623  -5.767  -0.307  1.00 41.76 ? 420 HOH A O   1 
HETATM 1600 O O   . HOH B 2 .   ? 19.192  -1.192  -11.155 0.50 32.66 ? 421 HOH A O   1 
# 
